data_9MEU
#
_entry.id   9MEU
#
_cell.length_a   1.00
_cell.length_b   1.00
_cell.length_c   1.00
_cell.angle_alpha   90.00
_cell.angle_beta   90.00
_cell.angle_gamma   90.00
#
_symmetry.space_group_name_H-M   'P 1'
#
loop_
_entity.id
_entity.type
_entity.pdbx_description
1 polymer 'C-X-C chemokine receptor type 4'
2 polymer 'Stromal cell-derived factor 1'
#
loop_
_entity_poly.entity_id
_entity_poly.type
_entity_poly.pdbx_seq_one_letter_code
_entity_poly.pdbx_strand_id
1 'polypeptide(L)'
;MEGISIYTSDNYTEEMGSGDYDSMKEPCFREENANFNKIFLPTIYSIIFLTGIVGNGLVILVMGYQKKLRSMTDKYRLHL
SVADLLFVITLPFWAVDAVANWYFGNFLCKAVHVIYTVNLYSSVLILAFISLDRYLAIVHATNSQRPRKLLAEKVVYVGV
WIPALLLTIPDFIFANVSEADDRYICDRFYPNDLWVVVFQFQHIMVGLILPGIVILSCYCIIISKLSHSKGHQKRKALKT
TVILILAFFACWLPYYIGISIDSFILLEIIKQGCEFENTVHKWISITEALAFFHCCLNPILYAFLGAKFKTSAQHALTSV
SRGSSLKILSKGKRGGHSSVSTESESSSFHSSDYKDDDDK
;
B,A,C,D
2 'polypeptide(L)' KPVSLSYRCPCRFFESHVARANVKHLKILNTPNCALQIVARLKNNNRQVCIDPKLKWIQEYLEKALNKRFKMHHHHHHHH N,O,P,M,J,F,G,H
#
# COMPACT_ATOMS: atom_id res chain seq x y z
N LYS A 25 -0.44 8.14 30.93
CA LYS A 25 -1.46 7.68 30.00
C LYS A 25 -1.95 8.80 29.12
N GLU A 26 -1.58 8.76 27.85
CA GLU A 26 -2.02 9.77 26.89
C GLU A 26 -3.45 9.47 26.46
N PRO A 27 -4.42 10.38 26.70
CA PRO A 27 -5.84 10.02 26.47
C PRO A 27 -6.23 9.76 25.01
N CYS A 28 -6.11 10.75 24.12
CA CYS A 28 -6.32 10.44 22.71
C CYS A 28 -5.30 11.06 21.77
N PHE A 29 -5.02 12.35 21.95
CA PHE A 29 -4.34 13.23 20.98
C PHE A 29 -4.83 12.99 19.55
N ARG A 30 -6.12 13.24 19.36
CA ARG A 30 -6.80 12.93 18.09
C ARG A 30 -6.56 14.07 17.09
N GLU A 31 -5.35 14.08 16.53
CA GLU A 31 -5.00 15.02 15.46
C GLU A 31 -3.88 14.38 14.65
N GLU A 32 -4.24 13.82 13.48
CA GLU A 32 -3.28 13.08 12.67
C GLU A 32 -3.22 13.55 11.22
N ASN A 33 -4.07 14.52 10.83
CA ASN A 33 -4.24 15.06 9.47
C ASN A 33 -4.20 13.98 8.37
N ALA A 34 -5.18 13.08 8.42
CA ALA A 34 -5.30 12.00 7.45
C ALA A 34 -5.70 12.56 6.09
N ASN A 35 -4.72 12.81 5.23
CA ASN A 35 -4.97 13.52 3.98
C ASN A 35 -5.60 12.63 2.92
N PHE A 36 -5.32 11.33 2.92
CA PHE A 36 -5.85 10.46 1.88
C PHE A 36 -7.34 10.21 2.08
N ASN A 37 -7.83 10.29 3.32
CA ASN A 37 -9.26 10.15 3.54
C ASN A 37 -10.04 11.31 2.93
N LYS A 38 -9.50 12.52 3.02
CA LYS A 38 -10.20 13.69 2.49
C LYS A 38 -10.15 13.78 0.97
N ILE A 39 -9.35 12.96 0.29
CA ILE A 39 -9.38 12.87 -1.15
C ILE A 39 -10.04 11.58 -1.63
N PHE A 40 -10.15 10.56 -0.78
CA PHE A 40 -10.76 9.29 -1.17
C PHE A 40 -12.25 9.25 -0.82
N LEU A 41 -12.67 9.94 0.24
CA LEU A 41 -14.09 10.01 0.58
C LEU A 41 -14.97 10.68 -0.48
N PRO A 42 -14.64 11.85 -1.05
CA PRO A 42 -15.55 12.42 -2.06
C PRO A 42 -15.58 11.65 -3.36
N THR A 43 -14.51 10.92 -3.71
CA THR A 43 -14.53 10.10 -4.92
C THR A 43 -15.53 8.96 -4.81
N ILE A 44 -15.47 8.21 -3.70
CA ILE A 44 -16.41 7.12 -3.45
C ILE A 44 -17.82 7.67 -3.27
N TYR A 45 -17.96 8.80 -2.57
CA TYR A 45 -19.28 9.40 -2.34
C TYR A 45 -19.91 9.87 -3.64
N SER A 46 -19.12 10.47 -4.54
CA SER A 46 -19.65 10.96 -5.80
C SER A 46 -19.97 9.82 -6.77
N ILE A 47 -19.14 8.78 -6.78
CA ILE A 47 -19.41 7.61 -7.62
C ILE A 47 -20.71 6.93 -7.19
N ILE A 48 -20.87 6.72 -5.87
CA ILE A 48 -22.07 6.09 -5.35
C ILE A 48 -23.29 6.99 -5.53
N PHE A 49 -23.11 8.31 -5.40
CA PHE A 49 -24.21 9.25 -5.63
C PHE A 49 -24.70 9.20 -7.07
N LEU A 50 -23.78 9.19 -8.03
CA LEU A 50 -24.16 9.18 -9.44
C LEU A 50 -24.85 7.87 -9.82
N THR A 51 -24.25 6.73 -9.46
CA THR A 51 -24.88 5.46 -9.85
C THR A 51 -26.15 5.20 -9.05
N GLY A 52 -26.24 5.70 -7.82
CA GLY A 52 -27.45 5.52 -7.05
C GLY A 52 -28.59 6.36 -7.57
N ILE A 53 -28.32 7.62 -7.92
CA ILE A 53 -29.38 8.48 -8.44
C ILE A 53 -29.86 7.99 -9.80
N VAL A 54 -28.93 7.49 -10.65
CA VAL A 54 -29.33 7.01 -11.97
C VAL A 54 -30.12 5.71 -11.86
N GLY A 55 -29.60 4.75 -11.11
CA GLY A 55 -30.27 3.46 -10.98
C GLY A 55 -31.60 3.53 -10.25
N ASN A 56 -31.66 4.31 -9.16
CA ASN A 56 -32.90 4.41 -8.41
C ASN A 56 -33.93 5.25 -9.14
N GLY A 57 -33.51 6.27 -9.89
CA GLY A 57 -34.44 6.98 -10.74
C GLY A 57 -35.01 6.10 -11.84
N LEU A 58 -34.18 5.25 -12.45
CA LEU A 58 -34.66 4.31 -13.45
C LEU A 58 -35.61 3.28 -12.86
N VAL A 59 -35.31 2.76 -11.66
CA VAL A 59 -36.14 1.72 -11.06
C VAL A 59 -37.48 2.29 -10.62
N ILE A 60 -37.49 3.49 -10.02
CA ILE A 60 -38.74 4.13 -9.61
C ILE A 60 -39.54 4.55 -10.84
N LEU A 61 -38.87 4.98 -11.91
CA LEU A 61 -39.57 5.36 -13.14
C LEU A 61 -40.20 4.15 -13.82
N VAL A 62 -39.51 3.01 -13.85
CA VAL A 62 -40.03 1.86 -14.57
C VAL A 62 -41.05 1.10 -13.73
N MET A 63 -40.68 0.69 -12.53
CA MET A 63 -41.51 -0.22 -11.74
C MET A 63 -42.32 0.49 -10.65
N GLY A 64 -42.31 1.81 -10.60
CA GLY A 64 -43.10 2.52 -9.61
C GLY A 64 -44.16 3.41 -10.21
N TYR A 65 -43.90 3.92 -11.41
CA TYR A 65 -44.80 4.82 -12.10
C TYR A 65 -45.53 4.17 -13.26
N GLN A 66 -44.88 3.28 -14.00
CA GLN A 66 -45.46 2.65 -15.18
C GLN A 66 -46.17 1.34 -14.86
N LYS A 67 -46.05 0.85 -13.61
CA LYS A 67 -46.58 -0.45 -13.17
C LYS A 67 -46.01 -1.76 -13.78
N LYS A 68 -44.72 -1.72 -14.05
CA LYS A 68 -43.99 -2.85 -14.61
C LYS A 68 -43.72 -4.08 -13.72
N LEU A 69 -44.03 -3.99 -12.43
CA LEU A 69 -43.77 -5.08 -11.50
C LEU A 69 -44.68 -6.27 -11.76
N ARG A 70 -44.10 -7.47 -11.74
CA ARG A 70 -44.83 -8.71 -11.95
C ARG A 70 -44.86 -9.56 -10.68
N SER A 71 -43.69 -9.87 -10.13
CA SER A 71 -43.60 -10.73 -8.97
C SER A 71 -43.84 -9.93 -7.70
N MET A 72 -43.88 -10.62 -6.56
CA MET A 72 -44.17 -9.97 -5.29
C MET A 72 -42.92 -9.34 -4.69
N THR A 73 -41.73 -9.78 -5.13
CA THR A 73 -40.48 -9.24 -4.63
C THR A 73 -40.25 -7.81 -5.11
N ASP A 74 -40.81 -7.44 -6.26
CA ASP A 74 -40.55 -6.13 -6.86
C ASP A 74 -41.16 -4.99 -6.06
N LYS A 75 -42.24 -5.23 -5.29
CA LYS A 75 -42.77 -4.18 -4.43
C LYS A 75 -41.80 -3.84 -3.30
N TYR A 76 -41.20 -4.86 -2.69
CA TYR A 76 -40.19 -4.63 -1.66
C TYR A 76 -38.93 -4.02 -2.24
N ARG A 77 -38.58 -4.41 -3.47
CA ARG A 77 -37.43 -3.80 -4.13
C ARG A 77 -37.70 -2.35 -4.50
N LEU A 78 -38.95 -2.01 -4.81
CA LEU A 78 -39.34 -0.61 -5.02
C LEU A 78 -39.23 0.19 -3.72
N HIS A 79 -39.63 -0.41 -2.59
CA HIS A 79 -39.44 0.24 -1.29
C HIS A 79 -37.96 0.46 -0.98
N LEU A 80 -37.14 -0.54 -1.29
CA LEU A 80 -35.70 -0.43 -1.09
C LEU A 80 -35.10 0.66 -1.98
N SER A 81 -35.60 0.78 -3.22
CA SER A 81 -35.11 1.81 -4.12
C SER A 81 -35.58 3.21 -3.68
N VAL A 82 -36.75 3.31 -3.06
CA VAL A 82 -37.21 4.58 -2.52
C VAL A 82 -36.29 5.03 -1.38
N ALA A 83 -35.95 4.11 -0.47
CA ALA A 83 -35.01 4.43 0.61
C ALA A 83 -33.61 4.74 0.08
N ASP A 84 -33.19 4.03 -0.96
CA ASP A 84 -31.89 4.26 -1.59
C ASP A 84 -31.82 5.63 -2.24
N LEU A 85 -32.90 6.03 -2.93
CA LEU A 85 -32.98 7.36 -3.52
C LEU A 85 -32.96 8.44 -2.45
N LEU A 86 -33.64 8.20 -1.32
CA LEU A 86 -33.64 9.14 -0.21
C LEU A 86 -32.24 9.33 0.37
N PHE A 87 -31.47 8.25 0.47
CA PHE A 87 -30.10 8.40 0.99
C PHE A 87 -29.17 9.06 -0.02
N VAL A 88 -29.24 8.67 -1.29
CA VAL A 88 -28.34 9.27 -2.28
C VAL A 88 -28.73 10.70 -2.66
N ILE A 89 -29.91 11.16 -2.24
CA ILE A 89 -30.19 12.59 -2.31
C ILE A 89 -29.24 13.37 -1.40
N THR A 90 -29.03 12.89 -0.18
CA THR A 90 -28.22 13.60 0.81
C THR A 90 -26.76 13.16 0.84
N LEU A 91 -26.37 12.19 0.00
CA LEU A 91 -24.96 11.84 -0.12
C LEU A 91 -24.00 12.99 -0.52
N PRO A 92 -24.31 13.91 -1.46
CA PRO A 92 -23.38 15.03 -1.71
C PRO A 92 -23.17 15.97 -0.52
N PHE A 93 -24.13 16.03 0.42
CA PHE A 93 -23.88 16.72 1.67
C PHE A 93 -22.77 16.05 2.46
N TRP A 94 -22.73 14.72 2.44
CA TRP A 94 -21.63 14.01 3.08
C TRP A 94 -20.31 14.20 2.34
N ALA A 95 -20.36 14.34 1.01
CA ALA A 95 -19.12 14.64 0.27
C ALA A 95 -18.57 16.03 0.61
N VAL A 96 -19.46 17.02 0.71
CA VAL A 96 -19.05 18.38 1.10
C VAL A 96 -18.54 18.40 2.53
N ASP A 97 -19.19 17.65 3.43
CA ASP A 97 -18.70 17.50 4.80
C ASP A 97 -17.37 16.76 4.85
N ALA A 98 -17.10 15.89 3.89
CA ALA A 98 -15.83 15.17 3.86
C ALA A 98 -14.67 16.09 3.47
N VAL A 99 -14.79 16.78 2.33
CA VAL A 99 -13.64 17.54 1.86
C VAL A 99 -13.62 18.97 2.41
N ALA A 100 -14.76 19.63 2.56
CA ALA A 100 -14.87 20.90 3.24
C ALA A 100 -15.38 20.65 4.65
N ASN A 101 -15.82 21.70 5.33
CA ASN A 101 -16.54 21.53 6.57
C ASN A 101 -17.98 22.03 6.40
N TRP A 102 -18.82 21.71 7.39
CA TRP A 102 -20.26 21.89 7.26
C TRP A 102 -20.65 23.36 7.32
N TYR A 103 -21.47 23.79 6.36
CA TYR A 103 -21.91 25.17 6.25
C TYR A 103 -23.42 25.32 6.22
N PHE A 104 -24.18 24.24 6.36
CA PHE A 104 -25.61 24.24 6.07
C PHE A 104 -26.48 24.38 7.31
N GLY A 105 -25.91 24.73 8.46
CA GLY A 105 -26.72 24.93 9.65
C GLY A 105 -27.08 23.63 10.35
N ASN A 106 -28.08 23.73 11.22
CA ASN A 106 -28.47 22.59 12.04
C ASN A 106 -29.66 21.83 11.49
N PHE A 107 -30.58 22.50 10.78
CA PHE A 107 -31.76 21.82 10.26
C PHE A 107 -31.39 20.84 9.15
N LEU A 108 -30.49 21.25 8.24
CA LEU A 108 -30.01 20.34 7.21
C LEU A 108 -29.16 19.23 7.80
N CYS A 109 -28.44 19.53 8.88
CA CYS A 109 -27.64 18.51 9.57
C CYS A 109 -28.54 17.44 10.19
N LYS A 110 -29.63 17.86 10.85
CA LYS A 110 -30.60 16.93 11.40
C LYS A 110 -31.29 16.12 10.31
N ALA A 111 -31.63 16.78 9.20
CA ALA A 111 -32.32 16.09 8.10
C ALA A 111 -31.42 15.06 7.44
N VAL A 112 -30.14 15.38 7.22
CA VAL A 112 -29.20 14.44 6.63
C VAL A 112 -28.98 13.24 7.56
N HIS A 113 -28.81 13.51 8.86
CA HIS A 113 -28.61 12.42 9.82
C HIS A 113 -29.84 11.51 9.93
N VAL A 114 -31.04 12.10 9.98
CA VAL A 114 -32.26 11.30 10.14
C VAL A 114 -32.56 10.51 8.87
N ILE A 115 -32.20 11.05 7.69
CA ILE A 115 -32.41 10.33 6.44
C ILE A 115 -31.46 9.14 6.34
N TYR A 116 -30.19 9.33 6.75
CA TYR A 116 -29.25 8.22 6.73
C TYR A 116 -29.63 7.12 7.72
N THR A 117 -30.09 7.51 8.91
CA THR A 117 -30.48 6.51 9.91
C THR A 117 -31.72 5.73 9.47
N VAL A 118 -32.73 6.43 8.93
CA VAL A 118 -33.95 5.75 8.51
C VAL A 118 -33.69 4.87 7.29
N ASN A 119 -32.74 5.27 6.42
CA ASN A 119 -32.41 4.42 5.28
C ASN A 119 -31.65 3.17 5.71
N LEU A 120 -30.71 3.32 6.66
CA LEU A 120 -29.92 2.19 7.13
C LEU A 120 -30.78 1.16 7.86
N TYR A 121 -31.76 1.59 8.64
CA TYR A 121 -32.65 0.61 9.26
C TYR A 121 -33.67 0.05 8.27
N SER A 122 -34.16 0.89 7.35
CA SER A 122 -35.22 0.47 6.45
C SER A 122 -34.73 -0.55 5.43
N SER A 123 -33.48 -0.45 4.97
CA SER A 123 -32.98 -1.42 3.99
C SER A 123 -32.87 -2.81 4.59
N VAL A 124 -32.37 -2.92 5.83
CA VAL A 124 -32.21 -4.25 6.42
C VAL A 124 -33.56 -4.82 6.87
N LEU A 125 -34.52 -3.97 7.27
CA LEU A 125 -35.84 -4.49 7.59
C LEU A 125 -36.57 -4.93 6.32
N ILE A 126 -36.35 -4.22 5.20
CA ILE A 126 -36.91 -4.63 3.91
C ILE A 126 -36.33 -5.97 3.47
N LEU A 127 -35.01 -6.16 3.66
CA LEU A 127 -34.38 -7.42 3.30
C LEU A 127 -34.88 -8.58 4.15
N ALA A 128 -35.12 -8.33 5.45
CA ALA A 128 -35.75 -9.35 6.30
C ALA A 128 -37.16 -9.68 5.81
N PHE A 129 -37.89 -8.68 5.34
CA PHE A 129 -39.23 -8.92 4.80
C PHE A 129 -39.18 -9.73 3.50
N ILE A 130 -38.19 -9.47 2.64
CA ILE A 130 -38.03 -10.25 1.40
C ILE A 130 -37.70 -11.70 1.74
N SER A 131 -36.81 -11.92 2.71
CA SER A 131 -36.42 -13.27 3.08
C SER A 131 -37.58 -14.04 3.71
N LEU A 132 -38.39 -13.38 4.54
CA LEU A 132 -39.52 -14.08 5.13
C LEU A 132 -40.64 -14.29 4.12
N ASP A 133 -40.74 -13.40 3.11
CA ASP A 133 -41.67 -13.62 2.01
C ASP A 133 -41.24 -14.83 1.18
N ARG A 134 -39.92 -15.00 0.97
CA ARG A 134 -39.43 -16.19 0.29
C ARG A 134 -39.67 -17.45 1.10
N TYR A 135 -39.57 -17.35 2.43
CA TYR A 135 -39.90 -18.48 3.30
C TYR A 135 -41.38 -18.84 3.21
N LEU A 136 -42.26 -17.84 3.13
CA LEU A 136 -43.67 -18.13 2.98
C LEU A 136 -44.00 -18.69 1.60
N ALA A 137 -43.29 -18.24 0.56
CA ALA A 137 -43.58 -18.71 -0.79
C ALA A 137 -43.05 -20.12 -1.05
N ILE A 138 -41.88 -20.44 -0.50
CA ILE A 138 -41.25 -21.73 -0.79
C ILE A 138 -41.90 -22.84 0.04
N VAL A 139 -42.05 -22.62 1.34
CA VAL A 139 -42.56 -23.66 2.22
C VAL A 139 -44.07 -23.81 2.05
N HIS A 140 -44.82 -22.75 2.32
CA HIS A 140 -46.28 -22.78 2.20
C HIS A 140 -46.71 -22.28 0.83
N ALA A 141 -46.46 -23.12 -0.18
CA ALA A 141 -46.76 -22.78 -1.56
C ALA A 141 -48.20 -23.08 -1.96
N THR A 142 -49.00 -23.63 -1.05
CA THR A 142 -50.37 -24.03 -1.36
C THR A 142 -51.42 -23.14 -0.72
N ASN A 143 -51.31 -22.89 0.59
CA ASN A 143 -52.36 -22.19 1.33
C ASN A 143 -51.97 -20.78 1.74
N SER A 144 -50.79 -20.30 1.34
CA SER A 144 -50.33 -18.96 1.72
C SER A 144 -50.14 -18.13 0.45
N GLN A 145 -51.23 -17.53 -0.02
CA GLN A 145 -51.13 -16.52 -1.06
C GLN A 145 -51.72 -15.20 -0.61
N ARG A 146 -52.88 -15.22 0.04
CA ARG A 146 -53.50 -14.03 0.64
C ARG A 146 -52.74 -13.48 1.86
N PRO A 147 -52.09 -14.31 2.72
CA PRO A 147 -51.09 -13.74 3.63
C PRO A 147 -49.95 -13.01 2.94
N ARG A 148 -49.55 -13.43 1.74
CA ARG A 148 -48.50 -12.69 1.03
C ARG A 148 -49.00 -11.33 0.56
N LYS A 149 -50.25 -11.24 0.08
CA LYS A 149 -50.80 -9.93 -0.27
C LYS A 149 -50.96 -9.04 0.94
N LEU A 150 -51.39 -9.62 2.07
CA LEU A 150 -51.49 -8.83 3.31
C LEU A 150 -50.11 -8.41 3.81
N LEU A 151 -49.09 -9.25 3.57
CA LEU A 151 -47.70 -8.88 3.85
C LEU A 151 -47.21 -7.75 2.96
N ALA A 152 -47.61 -7.73 1.68
CA ALA A 152 -46.97 -6.84 0.73
C ALA A 152 -47.70 -5.52 0.51
N GLU A 153 -49.00 -5.43 0.81
CA GLU A 153 -49.71 -4.16 0.71
C GLU A 153 -49.89 -3.46 2.06
N LYS A 154 -50.49 -4.15 3.04
CA LYS A 154 -50.95 -3.48 4.26
C LYS A 154 -49.88 -3.41 5.34
N VAL A 155 -49.42 -4.57 5.83
CA VAL A 155 -48.62 -4.58 7.07
C VAL A 155 -47.16 -4.28 6.81
N VAL A 156 -46.75 -4.08 5.55
CA VAL A 156 -45.36 -3.78 5.23
C VAL A 156 -44.95 -2.42 5.79
N TYR A 157 -45.86 -1.45 5.77
CA TYR A 157 -45.53 -0.09 6.21
C TYR A 157 -45.26 -0.04 7.71
N VAL A 158 -46.14 -0.64 8.51
CA VAL A 158 -45.89 -0.76 9.94
C VAL A 158 -44.83 -1.82 10.25
N GLY A 159 -44.43 -2.62 9.27
CA GLY A 159 -43.32 -3.54 9.45
C GLY A 159 -41.95 -2.90 9.35
N VAL A 160 -41.71 -2.10 8.32
CA VAL A 160 -40.39 -1.49 8.11
C VAL A 160 -40.38 0.00 8.42
N TRP A 161 -41.32 0.79 7.87
CA TRP A 161 -41.17 2.24 7.90
C TRP A 161 -41.50 2.83 9.26
N ILE A 162 -42.50 2.28 9.95
CA ILE A 162 -42.86 2.72 11.30
C ILE A 162 -41.76 2.42 12.32
N PRO A 163 -41.15 1.21 12.42
CA PRO A 163 -40.03 1.07 13.39
C PRO A 163 -38.78 1.84 12.99
N ALA A 164 -38.50 2.01 11.70
CA ALA A 164 -37.36 2.80 11.28
C ALA A 164 -37.55 4.28 11.61
N LEU A 165 -38.80 4.76 11.55
CA LEU A 165 -39.07 6.14 11.96
C LEU A 165 -39.08 6.28 13.48
N LEU A 166 -39.50 5.24 14.20
CA LEU A 166 -39.49 5.30 15.66
C LEU A 166 -38.08 5.15 16.23
N LEU A 167 -37.15 4.60 15.45
CA LEU A 167 -35.76 4.50 15.87
C LEU A 167 -34.96 5.78 15.63
N THR A 168 -35.59 6.83 15.15
CA THR A 168 -34.92 8.08 14.82
C THR A 168 -35.14 9.19 15.84
N ILE A 169 -35.74 8.87 16.99
CA ILE A 169 -35.98 9.91 18.01
C ILE A 169 -34.68 10.44 18.63
N PRO A 170 -33.71 9.60 19.05
CA PRO A 170 -32.42 10.20 19.45
C PRO A 170 -31.66 10.81 18.29
N ASP A 171 -31.98 10.42 17.05
CA ASP A 171 -31.41 11.11 15.91
C ASP A 171 -32.04 12.48 15.71
N PHE A 172 -33.30 12.63 16.11
CA PHE A 172 -33.97 13.91 15.99
C PHE A 172 -33.53 14.88 17.07
N ILE A 173 -33.28 14.38 18.28
CA ILE A 173 -33.10 15.28 19.42
C ILE A 173 -31.62 15.51 19.75
N PHE A 174 -30.72 14.64 19.31
CA PHE A 174 -29.31 14.78 19.66
C PHE A 174 -28.39 15.25 18.54
N ALA A 175 -28.82 15.22 17.29
CA ALA A 175 -27.96 15.61 16.17
C ALA A 175 -27.93 17.14 16.08
N ASN A 176 -26.73 17.72 16.06
CA ASN A 176 -26.57 19.16 16.03
C ASN A 176 -25.26 19.52 15.33
N VAL A 177 -24.88 20.79 15.49
CA VAL A 177 -23.64 21.34 14.95
C VAL A 177 -22.97 22.15 16.05
N SER A 178 -21.67 21.94 16.24
CA SER A 178 -20.96 22.55 17.35
C SER A 178 -20.34 23.89 16.96
N GLU A 179 -19.98 24.67 17.97
CA GLU A 179 -19.26 25.93 17.78
C GLU A 179 -17.78 25.64 17.97
N ALA A 180 -17.17 25.06 16.95
CA ALA A 180 -15.79 24.63 17.01
C ALA A 180 -14.88 25.75 16.50
N ASP A 181 -13.59 25.45 16.36
CA ASP A 181 -12.61 26.42 15.85
C ASP A 181 -12.73 26.49 14.33
N ASP A 182 -13.71 27.30 13.89
CA ASP A 182 -14.18 27.49 12.51
C ASP A 182 -14.23 26.19 11.69
N ARG A 183 -14.88 25.19 12.28
CA ARG A 183 -15.23 23.98 11.52
C ARG A 183 -16.72 23.70 11.48
N TYR A 184 -17.41 23.80 12.62
CA TYR A 184 -18.87 23.60 12.76
C TYR A 184 -19.29 22.21 12.28
N ILE A 185 -18.86 21.20 13.01
CA ILE A 185 -19.03 19.80 12.58
C ILE A 185 -20.46 19.35 12.80
N CYS A 186 -20.96 18.54 11.87
CA CYS A 186 -22.29 17.93 11.92
C CYS A 186 -22.21 16.57 12.61
N ASP A 187 -22.75 16.48 13.82
CA ASP A 187 -22.77 15.19 14.51
C ASP A 187 -23.79 15.20 15.65
N ARG A 188 -24.09 14.01 16.16
CA ARG A 188 -24.83 13.87 17.40
C ARG A 188 -23.90 13.98 18.60
N PHE A 189 -24.30 14.79 19.58
CA PHE A 189 -23.51 15.02 20.79
C PHE A 189 -24.26 14.46 21.98
N TYR A 190 -23.63 13.55 22.69
CA TYR A 190 -24.24 12.84 23.80
C TYR A 190 -23.81 13.44 25.14
N PRO A 191 -24.64 13.33 26.18
CA PRO A 191 -24.22 13.80 27.52
C PRO A 191 -23.03 13.06 28.09
N ASN A 192 -22.88 11.77 27.81
CA ASN A 192 -21.75 11.01 28.33
C ASN A 192 -21.49 9.81 27.41
N ASP A 193 -20.42 9.07 27.72
CA ASP A 193 -20.01 7.96 26.87
C ASP A 193 -20.87 6.72 27.04
N LEU A 194 -21.64 6.65 28.13
CA LEU A 194 -22.55 5.51 28.34
C LEU A 194 -23.65 5.49 27.28
N TRP A 195 -24.16 6.66 26.91
CA TRP A 195 -25.15 6.76 25.84
C TRP A 195 -24.56 6.36 24.49
N VAL A 196 -23.29 6.72 24.25
CA VAL A 196 -22.61 6.32 23.02
C VAL A 196 -22.47 4.82 22.93
N VAL A 197 -22.06 4.18 24.05
CA VAL A 197 -21.89 2.73 24.09
C VAL A 197 -23.23 2.02 23.90
N VAL A 198 -24.27 2.50 24.58
CA VAL A 198 -25.60 1.89 24.51
C VAL A 198 -26.17 2.01 23.10
N PHE A 199 -26.05 3.18 22.47
CA PHE A 199 -26.60 3.34 21.14
C PHE A 199 -25.78 2.64 20.07
N GLN A 200 -24.45 2.52 20.26
CA GLN A 200 -23.64 1.72 19.34
C GLN A 200 -23.99 0.24 19.43
N PHE A 201 -24.21 -0.27 20.65
CA PHE A 201 -24.59 -1.66 20.81
C PHE A 201 -25.99 -1.93 20.25
N GLN A 202 -26.91 -0.98 20.42
CA GLN A 202 -28.25 -1.12 19.85
C GLN A 202 -28.20 -1.07 18.33
N HIS A 203 -27.34 -0.21 17.77
CA HIS A 203 -27.16 -0.14 16.32
C HIS A 203 -26.61 -1.44 15.76
N ILE A 204 -25.60 -2.02 16.43
CA ILE A 204 -25.03 -3.30 15.99
C ILE A 204 -26.09 -4.40 16.07
N MET A 205 -26.87 -4.42 17.15
CA MET A 205 -27.90 -5.44 17.36
C MET A 205 -28.97 -5.37 16.27
N VAL A 206 -29.64 -4.21 16.15
CA VAL A 206 -30.74 -4.08 15.19
C VAL A 206 -30.25 -4.13 13.74
N GLY A 207 -29.01 -3.71 13.47
CA GLY A 207 -28.51 -3.75 12.11
C GLY A 207 -28.01 -5.09 11.65
N LEU A 208 -27.52 -5.93 12.56
CA LEU A 208 -26.91 -7.17 12.10
C LEU A 208 -27.48 -8.43 12.75
N ILE A 209 -27.77 -8.41 14.05
CA ILE A 209 -27.95 -9.65 14.79
C ILE A 209 -29.33 -10.25 14.55
N LEU A 210 -30.39 -9.51 14.90
CA LEU A 210 -31.74 -10.07 14.78
C LEU A 210 -32.21 -10.25 13.33
N PRO A 211 -32.07 -9.27 12.40
CA PRO A 211 -32.41 -9.59 11.01
C PRO A 211 -31.50 -10.62 10.37
N GLY A 212 -30.23 -10.66 10.78
CA GLY A 212 -29.35 -11.71 10.29
C GLY A 212 -29.77 -13.10 10.75
N ILE A 213 -30.18 -13.22 12.01
CA ILE A 213 -30.69 -14.49 12.53
C ILE A 213 -31.98 -14.89 11.82
N VAL A 214 -32.87 -13.91 11.58
CA VAL A 214 -34.12 -14.20 10.88
C VAL A 214 -33.88 -14.67 9.45
N ILE A 215 -32.99 -13.98 8.73
CA ILE A 215 -32.67 -14.33 7.35
C ILE A 215 -31.99 -15.70 7.28
N LEU A 216 -31.03 -15.95 8.18
CA LEU A 216 -30.32 -17.23 8.19
C LEU A 216 -31.25 -18.38 8.57
N SER A 217 -32.17 -18.17 9.51
CA SER A 217 -33.09 -19.23 9.92
C SER A 217 -34.08 -19.56 8.82
N CYS A 218 -34.67 -18.54 8.18
CA CYS A 218 -35.63 -18.81 7.12
C CYS A 218 -34.94 -19.37 5.88
N TYR A 219 -33.69 -19.00 5.62
CA TYR A 219 -32.99 -19.59 4.49
C TYR A 219 -32.52 -21.02 4.77
N CYS A 220 -32.20 -21.34 6.04
CA CYS A 220 -31.92 -22.72 6.40
C CYS A 220 -33.16 -23.59 6.24
N ILE A 221 -34.33 -23.06 6.62
CA ILE A 221 -35.58 -23.78 6.42
C ILE A 221 -35.87 -23.95 4.92
N ILE A 222 -35.57 -22.92 4.11
CA ILE A 222 -35.79 -22.97 2.66
C ILE A 222 -34.90 -24.03 2.03
N ILE A 223 -33.62 -24.08 2.43
CA ILE A 223 -32.68 -25.05 1.87
C ILE A 223 -33.03 -26.47 2.32
N SER A 224 -33.48 -26.63 3.58
CA SER A 224 -33.88 -27.94 4.07
C SER A 224 -35.15 -28.45 3.38
N LYS A 225 -36.12 -27.58 3.12
CA LYS A 225 -37.35 -27.98 2.44
C LYS A 225 -37.16 -28.16 0.94
N LEU A 226 -36.21 -27.44 0.33
CA LEU A 226 -35.99 -27.51 -1.10
C LEU A 226 -35.33 -28.80 -1.56
N SER A 227 -34.70 -29.55 -0.64
CA SER A 227 -34.05 -30.80 -1.02
C SER A 227 -35.06 -31.92 -1.30
N HIS A 228 -36.29 -31.78 -0.82
CA HIS A 228 -37.33 -32.77 -1.10
C HIS A 228 -37.85 -32.67 -2.52
N SER A 229 -37.69 -31.53 -3.17
CA SER A 229 -38.13 -31.38 -4.55
C SER A 229 -37.20 -32.10 -5.50
N LYS A 230 -37.73 -32.46 -6.68
CA LYS A 230 -36.98 -33.20 -7.69
C LYS A 230 -36.27 -32.27 -8.68
N GLY A 231 -35.50 -31.33 -8.15
CA GLY A 231 -34.80 -30.36 -8.98
C GLY A 231 -35.72 -29.42 -9.75
N HIS A 232 -36.71 -28.87 -9.05
CA HIS A 232 -37.69 -28.00 -9.69
C HIS A 232 -37.06 -26.65 -10.07
N GLN A 233 -37.74 -25.94 -10.96
CA GLN A 233 -37.27 -24.66 -11.48
C GLN A 233 -37.75 -23.49 -10.64
N LYS A 234 -38.38 -23.74 -9.49
CA LYS A 234 -38.87 -22.68 -8.63
C LYS A 234 -37.75 -21.97 -7.86
N ARG A 235 -36.54 -22.51 -7.86
CA ARG A 235 -35.40 -21.89 -7.20
C ARG A 235 -34.62 -20.96 -8.11
N LYS A 236 -35.12 -20.70 -9.33
CA LYS A 236 -34.43 -19.78 -10.24
C LYS A 236 -34.55 -18.35 -9.76
N ALA A 237 -35.66 -18.00 -9.11
CA ALA A 237 -35.84 -16.66 -8.55
C ALA A 237 -35.18 -16.49 -7.19
N LEU A 238 -34.72 -17.59 -6.57
CA LEU A 238 -34.02 -17.50 -5.29
C LEU A 238 -32.60 -16.98 -5.44
N LYS A 239 -32.00 -17.14 -6.62
CA LYS A 239 -30.59 -16.78 -6.81
C LYS A 239 -30.36 -15.28 -6.70
N THR A 240 -31.25 -14.48 -7.32
CA THR A 240 -31.12 -13.03 -7.24
C THR A 240 -31.32 -12.53 -5.82
N THR A 241 -32.25 -13.14 -5.08
CA THR A 241 -32.50 -12.74 -3.70
C THR A 241 -31.32 -13.08 -2.79
N VAL A 242 -30.76 -14.29 -2.92
CA VAL A 242 -29.62 -14.62 -2.06
C VAL A 242 -28.38 -13.85 -2.47
N ILE A 243 -28.25 -13.48 -3.75
CA ILE A 243 -27.11 -12.67 -4.19
C ILE A 243 -27.23 -11.25 -3.63
N LEU A 244 -28.44 -10.68 -3.65
CA LEU A 244 -28.66 -9.35 -3.10
C LEU A 244 -28.43 -9.31 -1.59
N ILE A 245 -28.93 -10.31 -0.86
CA ILE A 245 -28.77 -10.33 0.59
C ILE A 245 -27.31 -10.57 0.97
N LEU A 246 -26.62 -11.48 0.26
CA LEU A 246 -25.21 -11.73 0.52
C LEU A 246 -24.34 -10.53 0.19
N ALA A 247 -24.67 -9.80 -0.89
CA ALA A 247 -23.91 -8.60 -1.24
C ALA A 247 -24.13 -7.49 -0.22
N PHE A 248 -25.36 -7.34 0.28
CA PHE A 248 -25.65 -6.35 1.31
C PHE A 248 -24.88 -6.65 2.60
N PHE A 249 -24.91 -7.91 3.04
CA PHE A 249 -24.24 -8.23 4.30
C PHE A 249 -22.72 -8.25 4.15
N ALA A 250 -22.20 -8.60 2.97
CA ALA A 250 -20.77 -8.51 2.73
C ALA A 250 -20.31 -7.07 2.62
N CYS A 251 -21.19 -6.17 2.20
CA CYS A 251 -20.85 -4.75 2.23
C CYS A 251 -20.85 -4.21 3.65
N TRP A 252 -21.80 -4.64 4.48
CA TRP A 252 -21.92 -4.06 5.81
C TRP A 252 -21.13 -4.79 6.89
N LEU A 253 -20.50 -5.93 6.59
CA LEU A 253 -19.78 -6.66 7.62
C LEU A 253 -18.52 -5.97 8.18
N PRO A 254 -17.56 -5.46 7.37
CA PRO A 254 -16.35 -4.90 7.99
C PRO A 254 -16.58 -3.62 8.78
N TYR A 255 -17.57 -2.81 8.39
CA TYR A 255 -17.92 -1.63 9.17
C TYR A 255 -18.49 -2.02 10.53
N TYR A 256 -19.31 -3.08 10.57
CA TYR A 256 -19.86 -3.55 11.83
C TYR A 256 -18.78 -4.15 12.72
N ILE A 257 -17.81 -4.85 12.13
CA ILE A 257 -16.67 -5.37 12.89
C ILE A 257 -15.84 -4.22 13.46
N GLY A 258 -15.61 -3.18 12.67
CA GLY A 258 -14.85 -2.04 13.13
C GLY A 258 -15.53 -1.27 14.24
N ILE A 259 -16.84 -1.06 14.13
CA ILE A 259 -17.51 -0.33 15.21
C ILE A 259 -17.75 -1.22 16.43
N SER A 260 -17.79 -2.55 16.27
CA SER A 260 -17.83 -3.42 17.43
C SER A 260 -16.51 -3.37 18.20
N ILE A 261 -15.40 -3.35 17.46
CA ILE A 261 -14.08 -3.22 18.09
C ILE A 261 -13.93 -1.84 18.74
N ASP A 262 -14.51 -0.80 18.12
CA ASP A 262 -14.47 0.53 18.71
C ASP A 262 -15.35 0.62 19.96
N SER A 263 -16.49 -0.06 19.96
CA SER A 263 -17.34 -0.09 21.14
C SER A 263 -16.67 -0.85 22.28
N PHE A 264 -15.90 -1.88 21.95
CA PHE A 264 -15.13 -2.58 22.98
C PHE A 264 -13.87 -1.81 23.38
N ILE A 265 -13.42 -0.85 22.56
CA ILE A 265 -12.35 0.05 22.97
C ILE A 265 -12.82 0.94 24.12
N LEU A 266 -14.06 1.42 24.02
CA LEU A 266 -14.71 2.06 25.14
C LEU A 266 -15.04 1.04 26.23
N LEU A 267 -15.43 1.55 27.40
CA LEU A 267 -15.67 0.79 28.65
C LEU A 267 -14.50 -0.12 29.03
N GLU A 268 -13.28 0.30 28.69
CA GLU A 268 -12.00 -0.16 29.27
C GLU A 268 -11.81 -1.67 29.11
N ILE A 269 -11.67 -2.11 27.86
CA ILE A 269 -11.31 -3.48 27.53
C ILE A 269 -10.03 -3.53 26.70
N ILE A 270 -9.94 -2.70 25.67
CA ILE A 270 -8.80 -2.70 24.76
C ILE A 270 -8.09 -1.36 24.95
N LYS A 271 -8.08 -0.88 26.20
CA LYS A 271 -7.64 0.47 26.52
C LYS A 271 -6.13 0.68 26.36
N GLN A 272 -5.36 -0.39 26.16
CA GLN A 272 -3.90 -0.28 26.12
C GLN A 272 -3.38 0.39 24.85
N GLY A 273 -4.21 0.56 23.82
CA GLY A 273 -3.79 1.18 22.59
C GLY A 273 -4.30 2.61 22.48
N CYS A 274 -3.44 3.50 21.98
CA CYS A 274 -3.81 4.88 21.69
C CYS A 274 -3.79 5.18 20.19
N GLU A 275 -2.72 4.80 19.49
CA GLU A 275 -2.71 4.91 18.04
C GLU A 275 -3.57 3.83 17.39
N PHE A 276 -3.79 2.72 18.10
CA PHE A 276 -4.70 1.68 17.62
C PHE A 276 -6.13 2.19 17.53
N GLU A 277 -6.51 3.09 18.45
CA GLU A 277 -7.83 3.71 18.38
C GLU A 277 -7.96 4.59 17.14
N ASN A 278 -6.89 5.29 16.77
CA ASN A 278 -6.92 6.11 15.57
C ASN A 278 -6.95 5.26 14.31
N THR A 279 -6.26 4.10 14.33
CA THR A 279 -6.35 3.16 13.22
C THR A 279 -7.77 2.59 13.10
N VAL A 280 -8.41 2.32 14.23
CA VAL A 280 -9.80 1.84 14.24
C VAL A 280 -10.74 2.91 13.68
N HIS A 281 -10.50 4.17 14.03
CA HIS A 281 -11.30 5.28 13.51
C HIS A 281 -11.15 5.43 12.00
N LYS A 282 -9.92 5.32 11.49
CA LYS A 282 -9.68 5.39 10.05
C LYS A 282 -10.31 4.19 9.32
N TRP A 283 -10.23 3.01 9.93
CA TRP A 283 -10.84 1.81 9.37
C TRP A 283 -12.37 1.94 9.32
N ILE A 284 -12.95 2.53 10.35
CA ILE A 284 -14.40 2.75 10.39
C ILE A 284 -14.81 3.73 9.29
N SER A 285 -14.05 4.81 9.09
CA SER A 285 -14.37 5.77 8.04
C SER A 285 -14.26 5.15 6.64
N ILE A 286 -13.20 4.37 6.40
CA ILE A 286 -13.00 3.76 5.09
C ILE A 286 -14.06 2.69 4.80
N THR A 287 -14.35 1.84 5.80
CA THR A 287 -15.34 0.79 5.60
C THR A 287 -16.76 1.34 5.57
N GLU A 288 -17.01 2.47 6.24
CA GLU A 288 -18.31 3.12 6.12
C GLU A 288 -18.49 3.73 4.74
N ALA A 289 -17.41 4.26 4.15
CA ALA A 289 -17.50 4.71 2.76
C ALA A 289 -17.73 3.55 1.81
N LEU A 290 -17.07 2.42 2.04
CA LEU A 290 -17.24 1.26 1.17
C LEU A 290 -18.56 0.53 1.40
N ALA A 291 -19.20 0.74 2.56
CA ALA A 291 -20.48 0.12 2.87
C ALA A 291 -21.66 0.91 2.33
N PHE A 292 -21.43 2.06 1.69
CA PHE A 292 -22.50 2.76 0.99
C PHE A 292 -22.74 2.19 -0.41
N PHE A 293 -21.99 1.17 -0.81
CA PHE A 293 -22.19 0.48 -2.08
C PHE A 293 -23.39 -0.45 -2.07
N HIS A 294 -24.14 -0.52 -0.96
CA HIS A 294 -25.42 -1.21 -0.97
C HIS A 294 -26.48 -0.44 -1.74
N CYS A 295 -26.27 0.87 -1.97
CA CYS A 295 -27.11 1.60 -2.92
C CYS A 295 -26.77 1.26 -4.35
N CYS A 296 -25.55 0.81 -4.60
CA CYS A 296 -25.13 0.47 -5.96
C CYS A 296 -25.76 -0.83 -6.44
N LEU A 297 -25.85 -1.84 -5.57
CA LEU A 297 -26.14 -3.20 -6.00
C LEU A 297 -27.63 -3.53 -6.07
N ASN A 298 -28.51 -2.60 -5.75
CA ASN A 298 -29.94 -2.88 -5.94
C ASN A 298 -30.39 -2.68 -7.40
N PRO A 299 -30.03 -1.58 -8.13
CA PRO A 299 -30.44 -1.54 -9.55
C PRO A 299 -29.46 -2.25 -10.47
N ILE A 300 -28.25 -2.51 -10.00
CA ILE A 300 -27.29 -3.31 -10.76
C ILE A 300 -27.81 -4.74 -10.91
N LEU A 301 -28.40 -5.28 -9.84
CA LEU A 301 -29.05 -6.59 -9.90
C LEU A 301 -30.28 -6.60 -10.81
N TYR A 302 -30.87 -5.44 -11.09
CA TYR A 302 -31.91 -5.35 -12.10
C TYR A 302 -31.34 -5.19 -13.50
N ALA A 303 -30.15 -4.60 -13.64
CA ALA A 303 -29.50 -4.51 -14.94
C ALA A 303 -29.11 -5.90 -15.44
N PHE A 304 -28.56 -6.73 -14.56
CA PHE A 304 -28.37 -8.14 -14.82
C PHE A 304 -29.62 -8.89 -14.36
N LEU A 305 -29.55 -10.21 -14.28
CA LEU A 305 -30.66 -10.98 -13.73
C LEU A 305 -30.17 -11.90 -12.61
N GLU B 26 1.90 32.07 3.62
CA GLU B 26 2.55 30.83 4.02
C GLU B 26 3.30 30.21 2.83
N PRO B 27 4.50 29.67 3.09
CA PRO B 27 5.27 29.06 1.99
C PRO B 27 4.83 27.63 1.69
N CYS B 28 4.29 27.42 0.49
CA CYS B 28 3.82 26.09 0.13
C CYS B 28 4.97 25.13 -0.13
N PHE B 29 5.98 25.60 -0.89
CA PHE B 29 7.20 24.85 -1.25
C PHE B 29 6.84 23.54 -1.96
N ARG B 30 6.29 23.70 -3.16
CA ARG B 30 5.73 22.59 -3.94
C ARG B 30 6.86 21.69 -4.40
N GLU B 31 7.09 20.61 -3.66
CA GLU B 31 8.09 19.60 -3.98
C GLU B 31 7.48 18.24 -3.67
N GLU B 32 7.48 17.35 -4.65
CA GLU B 32 6.79 16.08 -4.54
C GLU B 32 7.68 14.92 -4.10
N ASN B 33 8.93 14.89 -4.57
CA ASN B 33 9.82 13.73 -4.50
C ASN B 33 9.11 12.47 -5.00
N ALA B 34 8.45 12.59 -6.15
CA ALA B 34 7.64 11.52 -6.70
C ALA B 34 8.55 10.53 -7.41
N ASN B 35 9.20 9.68 -6.61
CA ASN B 35 10.05 8.64 -7.17
C ASN B 35 9.21 7.50 -7.75
N PHE B 36 8.03 7.26 -7.20
CA PHE B 36 7.18 6.20 -7.75
C PHE B 36 6.49 6.64 -9.02
N ASN B 37 6.11 7.92 -9.14
CA ASN B 37 5.44 8.38 -10.34
C ASN B 37 6.33 8.36 -11.58
N LYS B 38 7.62 8.64 -11.42
CA LYS B 38 8.54 8.62 -12.56
C LYS B 38 8.82 7.21 -13.09
N ILE B 39 8.47 6.17 -12.34
CA ILE B 39 8.60 4.80 -12.82
C ILE B 39 7.24 4.16 -13.12
N PHE B 40 6.14 4.70 -12.59
CA PHE B 40 4.81 4.14 -12.83
C PHE B 40 4.11 4.80 -14.00
N LEU B 41 4.24 6.12 -14.15
CA LEU B 41 3.60 6.81 -15.27
C LEU B 41 4.13 6.43 -16.65
N PRO B 42 5.45 6.26 -16.91
CA PRO B 42 5.85 5.73 -18.22
C PRO B 42 5.35 4.33 -18.51
N THR B 43 5.19 3.48 -17.50
CA THR B 43 4.64 2.14 -17.71
C THR B 43 3.19 2.19 -18.19
N ILE B 44 2.38 3.00 -17.52
CA ILE B 44 0.97 3.17 -17.90
C ILE B 44 0.86 3.82 -19.27
N TYR B 45 1.68 4.85 -19.52
CA TYR B 45 1.65 5.55 -20.81
C TYR B 45 2.08 4.63 -21.95
N SER B 46 3.09 3.78 -21.72
CA SER B 46 3.55 2.88 -22.77
C SER B 46 2.56 1.75 -23.04
N ILE B 47 1.92 1.24 -21.99
CA ILE B 47 0.88 0.22 -22.15
C ILE B 47 -0.29 0.77 -22.96
N ILE B 48 -0.73 1.98 -22.60
CA ILE B 48 -1.85 2.61 -23.30
C ILE B 48 -1.46 2.97 -24.74
N PHE B 49 -0.22 3.40 -24.96
CA PHE B 49 0.25 3.71 -26.30
C PHE B 49 0.26 2.47 -27.19
N LEU B 50 0.75 1.34 -26.66
CA LEU B 50 0.78 0.10 -27.43
C LEU B 50 -0.62 -0.38 -27.80
N THR B 51 -1.50 -0.51 -26.79
CA THR B 51 -2.82 -1.07 -27.09
C THR B 51 -3.71 -0.08 -27.83
N GLY B 52 -3.52 1.22 -27.61
CA GLY B 52 -4.29 2.21 -28.32
C GLY B 52 -3.91 2.32 -29.78
N ILE B 53 -2.60 2.31 -30.08
CA ILE B 53 -2.19 2.43 -31.48
C ILE B 53 -2.51 1.14 -32.23
N VAL B 54 -2.43 -0.03 -31.56
CA VAL B 54 -2.77 -1.28 -32.23
C VAL B 54 -4.27 -1.36 -32.51
N GLY B 55 -5.09 -1.07 -31.49
CA GLY B 55 -6.53 -1.16 -31.66
C GLY B 55 -7.09 -0.10 -32.61
N ASN B 56 -6.57 1.13 -32.53
CA ASN B 56 -7.09 2.18 -33.40
C ASN B 56 -6.61 2.02 -34.84
N GLY B 57 -5.38 1.50 -35.02
CA GLY B 57 -4.94 1.15 -36.36
C GLY B 57 -5.78 0.04 -36.97
N LEU B 58 -6.12 -0.98 -36.18
CA LEU B 58 -6.98 -2.05 -36.66
C LEU B 58 -8.39 -1.55 -36.97
N VAL B 59 -8.94 -0.68 -36.13
CA VAL B 59 -10.30 -0.19 -36.36
C VAL B 59 -10.36 0.72 -37.58
N ILE B 60 -9.36 1.59 -37.75
CA ILE B 60 -9.32 2.47 -38.92
C ILE B 60 -9.06 1.65 -40.19
N LEU B 61 -8.24 0.61 -40.10
CA LEU B 61 -8.00 -0.25 -41.26
C LEU B 61 -9.23 -1.06 -41.65
N VAL B 62 -9.99 -1.53 -40.66
CA VAL B 62 -11.16 -2.36 -40.95
C VAL B 62 -12.32 -1.52 -41.45
N MET B 63 -12.63 -0.42 -40.76
CA MET B 63 -13.84 0.33 -41.09
C MET B 63 -13.58 1.54 -41.98
N GLY B 64 -12.52 2.30 -41.70
CA GLY B 64 -12.26 3.50 -42.47
C GLY B 64 -11.65 3.28 -43.84
N TYR B 65 -11.19 2.07 -44.14
CA TYR B 65 -10.58 1.77 -45.42
C TYR B 65 -11.35 0.72 -46.22
N GLN B 66 -11.73 -0.39 -45.58
CA GLN B 66 -12.46 -1.45 -46.27
C GLN B 66 -13.96 -1.18 -46.38
N LYS B 67 -14.45 -0.10 -45.73
CA LYS B 67 -15.86 0.29 -45.68
C LYS B 67 -16.74 -0.85 -45.13
N LYS B 68 -16.29 -1.46 -44.05
CA LYS B 68 -16.99 -2.58 -43.43
C LYS B 68 -18.00 -2.14 -42.38
N LEU B 69 -18.24 -0.84 -42.24
CA LEU B 69 -19.24 -0.35 -41.30
C LEU B 69 -20.65 -0.63 -41.79
N ARG B 70 -21.52 -1.03 -40.87
CA ARG B 70 -22.91 -1.34 -41.18
C ARG B 70 -23.89 -0.38 -40.53
N SER B 71 -23.84 -0.24 -39.21
CA SER B 71 -24.79 0.60 -38.50
C SER B 71 -24.32 2.05 -38.50
N MET B 72 -25.22 2.93 -38.05
CA MET B 72 -24.92 4.36 -37.98
C MET B 72 -23.99 4.70 -36.81
N THR B 73 -23.90 3.84 -35.81
CA THR B 73 -23.03 4.06 -34.67
C THR B 73 -21.55 3.97 -35.07
N ASP B 74 -21.24 3.12 -36.07
CA ASP B 74 -19.86 2.87 -36.46
C ASP B 74 -19.18 4.09 -37.07
N LYS B 75 -19.93 5.02 -37.68
CA LYS B 75 -19.33 6.26 -38.16
C LYS B 75 -18.84 7.11 -36.98
N TYR B 76 -19.64 7.22 -35.93
CA TYR B 76 -19.23 7.92 -34.73
C TYR B 76 -18.07 7.23 -34.04
N ARG B 77 -18.07 5.89 -34.03
CA ARG B 77 -16.95 5.17 -33.44
C ARG B 77 -15.69 5.29 -34.29
N LEU B 78 -15.82 5.46 -35.60
CA LEU B 78 -14.67 5.74 -36.44
C LEU B 78 -14.10 7.13 -36.17
N HIS B 79 -14.98 8.12 -35.95
CA HIS B 79 -14.50 9.45 -35.54
C HIS B 79 -13.81 9.40 -34.19
N LEU B 80 -14.36 8.63 -33.26
CA LEU B 80 -13.77 8.45 -31.94
C LEU B 80 -12.41 7.76 -32.04
N SER B 81 -12.27 6.78 -32.93
CA SER B 81 -10.99 6.12 -33.12
C SER B 81 -9.98 7.01 -33.82
N VAL B 82 -10.43 7.92 -34.69
CA VAL B 82 -9.52 8.89 -35.31
C VAL B 82 -8.94 9.83 -34.25
N ALA B 83 -9.80 10.36 -33.37
CA ALA B 83 -9.33 11.22 -32.28
C ALA B 83 -8.44 10.45 -31.30
N ASP B 84 -8.78 9.18 -31.06
CA ASP B 84 -8.01 8.32 -30.18
C ASP B 84 -6.61 8.06 -30.72
N LEU B 85 -6.52 7.79 -32.03
CA LEU B 85 -5.22 7.58 -32.66
C LEU B 85 -4.40 8.87 -32.66
N LEU B 86 -5.06 10.01 -32.84
CA LEU B 86 -4.37 11.31 -32.78
C LEU B 86 -3.78 11.56 -31.39
N PHE B 87 -4.49 11.16 -30.33
CA PHE B 87 -3.95 11.34 -28.99
C PHE B 87 -2.83 10.34 -28.69
N VAL B 88 -3.01 9.07 -29.05
CA VAL B 88 -1.96 8.09 -28.73
C VAL B 88 -0.74 8.19 -29.64
N ILE B 89 -0.81 8.99 -30.72
CA ILE B 89 0.40 9.34 -31.45
C ILE B 89 1.34 10.17 -30.57
N THR B 90 0.79 11.15 -29.84
CA THR B 90 1.58 12.05 -29.02
C THR B 90 1.71 11.60 -27.58
N LEU B 91 1.08 10.49 -27.21
CA LEU B 91 1.32 9.89 -25.88
C LEU B 91 2.78 9.56 -25.53
N PRO B 92 3.65 9.05 -26.43
CA PRO B 92 5.06 8.86 -26.04
C PRO B 92 5.81 10.13 -25.67
N PHE B 93 5.36 11.31 -26.13
CA PHE B 93 5.95 12.56 -25.65
C PHE B 93 5.69 12.75 -24.16
N TRP B 94 4.47 12.46 -23.71
CA TRP B 94 4.18 12.48 -22.28
C TRP B 94 4.91 11.37 -21.54
N ALA B 95 5.12 10.21 -22.19
CA ALA B 95 5.89 9.14 -21.57
C ALA B 95 7.34 9.54 -21.34
N VAL B 96 7.94 10.28 -22.28
CA VAL B 96 9.27 10.81 -22.08
C VAL B 96 9.27 11.91 -21.01
N ASP B 97 8.25 12.79 -21.04
CA ASP B 97 8.19 13.93 -20.14
C ASP B 97 7.89 13.50 -18.69
N ALA B 98 7.36 12.29 -18.49
CA ALA B 98 7.10 11.83 -17.13
C ALA B 98 8.39 11.59 -16.36
N VAL B 99 9.41 11.02 -17.01
CA VAL B 99 10.65 10.66 -16.34
C VAL B 99 11.78 11.64 -16.64
N ALA B 100 11.98 12.00 -17.90
CA ALA B 100 12.91 13.05 -18.28
C ALA B 100 12.11 14.35 -18.41
N ASN B 101 12.72 15.40 -18.96
CA ASN B 101 11.98 16.65 -19.14
C ASN B 101 11.95 17.00 -20.63
N TRP B 102 11.18 18.04 -20.96
CA TRP B 102 10.83 18.34 -22.33
C TRP B 102 11.97 19.06 -23.04
N TYR B 103 12.76 18.32 -23.83
CA TYR B 103 13.79 18.90 -24.68
C TYR B 103 13.44 18.73 -26.15
N PHE B 104 12.16 18.87 -26.48
CA PHE B 104 11.69 18.69 -27.85
C PHE B 104 11.53 20.02 -28.59
N GLY B 105 10.80 20.95 -28.02
CA GLY B 105 10.63 22.25 -28.64
C GLY B 105 9.33 22.90 -28.24
N ASN B 106 9.21 24.18 -28.60
CA ASN B 106 8.01 24.93 -28.27
C ASN B 106 6.84 24.55 -29.17
N PHE B 107 7.10 24.36 -30.46
CA PHE B 107 6.05 24.00 -31.40
C PHE B 107 5.49 22.61 -31.11
N LEU B 108 6.36 21.67 -30.73
CA LEU B 108 5.90 20.34 -30.34
C LEU B 108 5.09 20.40 -29.04
N CYS B 109 5.47 21.29 -28.12
CA CYS B 109 4.71 21.49 -26.89
C CYS B 109 3.30 22.00 -27.18
N LYS B 110 3.20 22.99 -28.08
CA LYS B 110 1.89 23.51 -28.48
C LYS B 110 1.07 22.46 -29.21
N ALA B 111 1.70 21.69 -30.10
CA ALA B 111 0.98 20.68 -30.86
C ALA B 111 0.48 19.55 -29.96
N VAL B 112 1.29 19.13 -28.98
CA VAL B 112 0.90 18.07 -28.07
C VAL B 112 -0.27 18.53 -27.19
N HIS B 113 -0.21 19.77 -26.68
CA HIS B 113 -1.31 20.27 -25.86
C HIS B 113 -2.59 20.46 -26.67
N VAL B 114 -2.47 20.94 -27.90
CA VAL B 114 -3.63 21.13 -28.78
C VAL B 114 -4.28 19.79 -29.11
N ILE B 115 -3.47 18.78 -29.40
CA ILE B 115 -3.98 17.45 -29.73
C ILE B 115 -4.64 16.81 -28.50
N TYR B 116 -4.08 17.04 -27.31
CA TYR B 116 -4.67 16.56 -26.07
C TYR B 116 -6.06 17.15 -25.84
N THR B 117 -6.18 18.47 -25.96
CA THR B 117 -7.47 19.11 -25.73
C THR B 117 -8.49 18.76 -26.81
N VAL B 118 -8.04 18.61 -28.06
CA VAL B 118 -8.92 18.23 -29.16
C VAL B 118 -9.49 16.83 -28.92
N ASN B 119 -8.63 15.89 -28.50
CA ASN B 119 -9.12 14.53 -28.20
C ASN B 119 -10.04 14.52 -26.99
N LEU B 120 -9.70 15.30 -25.95
CA LEU B 120 -10.48 15.32 -24.72
C LEU B 120 -11.89 15.84 -24.93
N TYR B 121 -12.04 16.89 -25.75
CA TYR B 121 -13.40 17.35 -26.02
C TYR B 121 -14.09 16.54 -27.12
N SER B 122 -13.33 15.99 -28.07
CA SER B 122 -13.93 15.30 -29.20
C SER B 122 -14.52 13.96 -28.79
N SER B 123 -13.86 13.23 -27.86
CA SER B 123 -14.41 11.95 -27.41
C SER B 123 -15.72 12.15 -26.66
N VAL B 124 -15.79 13.19 -25.83
CA VAL B 124 -17.00 13.54 -25.09
C VAL B 124 -18.13 13.92 -26.05
N LEU B 125 -17.83 14.71 -27.08
CA LEU B 125 -18.88 15.12 -28.00
C LEU B 125 -19.32 13.98 -28.92
N ILE B 126 -18.42 13.05 -29.26
CA ILE B 126 -18.80 11.82 -29.96
C ILE B 126 -19.74 10.98 -29.11
N LEU B 127 -19.47 10.86 -27.80
CA LEU B 127 -20.35 10.09 -26.93
C LEU B 127 -21.73 10.75 -26.78
N ALA B 128 -21.76 12.09 -26.72
CA ALA B 128 -23.04 12.80 -26.69
C ALA B 128 -23.82 12.61 -27.99
N PHE B 129 -23.12 12.60 -29.13
CA PHE B 129 -23.79 12.36 -30.40
C PHE B 129 -24.28 10.93 -30.54
N ILE B 130 -23.55 9.96 -29.97
CA ILE B 130 -23.99 8.57 -29.95
C ILE B 130 -25.26 8.43 -29.13
N SER B 131 -25.31 9.07 -27.97
CA SER B 131 -26.51 9.03 -27.13
C SER B 131 -27.70 9.72 -27.81
N LEU B 132 -27.45 10.83 -28.50
CA LEU B 132 -28.54 11.52 -29.20
C LEU B 132 -29.02 10.70 -30.39
N ASP B 133 -28.11 10.01 -31.09
CA ASP B 133 -28.51 9.14 -32.19
C ASP B 133 -29.32 7.95 -31.69
N ARG B 134 -28.96 7.39 -30.53
CA ARG B 134 -29.75 6.31 -29.95
C ARG B 134 -31.12 6.79 -29.49
N TYR B 135 -31.20 8.03 -28.99
CA TYR B 135 -32.50 8.61 -28.64
C TYR B 135 -33.36 8.81 -29.87
N LEU B 136 -32.76 9.25 -30.98
CA LEU B 136 -33.52 9.39 -32.22
C LEU B 136 -33.94 8.05 -32.80
N ALA B 137 -33.11 7.02 -32.65
CA ALA B 137 -33.42 5.71 -33.21
C ALA B 137 -34.47 4.97 -32.39
N ILE B 138 -34.43 5.09 -31.06
CA ILE B 138 -35.33 4.30 -30.22
C ILE B 138 -36.70 4.96 -30.13
N VAL B 139 -36.72 6.26 -29.79
CA VAL B 139 -38.00 6.95 -29.58
C VAL B 139 -38.65 7.27 -30.92
N HIS B 140 -37.93 7.94 -31.81
CA HIS B 140 -38.47 8.33 -33.12
C HIS B 140 -38.12 7.24 -34.14
N ALA B 141 -38.73 6.07 -33.95
CA ALA B 141 -38.42 4.91 -34.76
C ALA B 141 -39.21 4.85 -36.06
N THR B 142 -40.09 5.81 -36.32
CA THR B 142 -40.94 5.79 -37.49
C THR B 142 -40.57 6.81 -38.56
N ASN B 143 -40.05 7.98 -38.17
CA ASN B 143 -39.76 9.04 -39.11
C ASN B 143 -38.30 9.48 -39.12
N SER B 144 -37.54 9.21 -38.06
CA SER B 144 -36.15 9.68 -37.98
C SER B 144 -35.22 8.65 -38.65
N GLN B 145 -35.22 8.67 -39.97
CA GLN B 145 -34.24 7.96 -40.78
C GLN B 145 -33.36 8.91 -41.55
N ARG B 146 -33.96 9.85 -42.28
CA ARG B 146 -33.20 10.95 -42.87
C ARG B 146 -32.51 11.87 -41.86
N PRO B 147 -33.11 12.30 -40.71
CA PRO B 147 -32.33 13.12 -39.77
C PRO B 147 -31.11 12.45 -39.17
N ARG B 148 -31.16 11.14 -38.91
CA ARG B 148 -29.98 10.46 -38.35
C ARG B 148 -28.85 10.38 -39.38
N LYS B 149 -29.19 10.10 -40.64
CA LYS B 149 -28.20 10.10 -41.71
C LYS B 149 -27.63 11.49 -41.93
N LEU B 150 -28.49 12.53 -41.90
CA LEU B 150 -28.04 13.90 -42.06
C LEU B 150 -27.12 14.31 -40.92
N LEU B 151 -27.45 13.90 -39.70
CA LEU B 151 -26.58 14.09 -38.53
C LEU B 151 -25.21 13.46 -38.76
N ALA B 152 -25.17 12.14 -38.95
CA ALA B 152 -23.91 11.40 -39.01
C ALA B 152 -23.10 11.68 -40.25
N GLU B 153 -23.67 12.31 -41.28
CA GLU B 153 -22.86 12.68 -42.44
C GLU B 153 -22.45 14.14 -42.47
N LYS B 154 -23.28 15.08 -42.00
CA LYS B 154 -22.93 16.49 -42.11
C LYS B 154 -22.80 17.21 -40.79
N VAL B 155 -23.64 16.90 -39.81
CA VAL B 155 -23.75 17.76 -38.64
C VAL B 155 -22.74 17.37 -37.57
N VAL B 156 -22.20 16.15 -37.66
CA VAL B 156 -21.26 15.64 -36.65
C VAL B 156 -19.96 16.43 -36.69
N TYR B 157 -19.50 16.84 -37.88
CA TYR B 157 -18.28 17.62 -38.00
C TYR B 157 -18.42 18.99 -37.35
N VAL B 158 -19.47 19.74 -37.71
CA VAL B 158 -19.67 21.07 -37.17
C VAL B 158 -20.16 21.06 -35.73
N GLY B 159 -20.62 19.92 -35.23
CA GLY B 159 -21.03 19.85 -33.83
C GLY B 159 -19.99 19.24 -32.91
N VAL B 160 -18.94 18.64 -33.46
CA VAL B 160 -17.91 18.04 -32.63
C VAL B 160 -16.55 18.69 -32.86
N TRP B 161 -16.06 18.66 -34.11
CA TRP B 161 -14.67 19.03 -34.36
C TRP B 161 -14.48 20.55 -34.34
N ILE B 162 -15.47 21.30 -34.84
CA ILE B 162 -15.43 22.76 -34.79
C ILE B 162 -15.48 23.29 -33.35
N PRO B 163 -16.33 22.81 -32.42
CA PRO B 163 -16.15 23.22 -31.02
C PRO B 163 -14.85 22.74 -30.40
N ALA B 164 -14.36 21.54 -30.77
CA ALA B 164 -13.11 21.04 -30.22
C ALA B 164 -11.92 21.87 -30.69
N LEU B 165 -11.93 22.29 -31.96
CA LEU B 165 -10.87 23.16 -32.45
C LEU B 165 -11.04 24.59 -31.93
N LEU B 166 -12.28 25.02 -31.68
CA LEU B 166 -12.51 26.36 -31.15
C LEU B 166 -12.14 26.49 -29.69
N LEU B 167 -12.18 25.39 -28.94
CA LEU B 167 -11.82 25.41 -27.52
C LEU B 167 -10.32 25.25 -27.29
N THR B 168 -9.52 25.18 -28.36
CA THR B 168 -8.07 25.05 -28.24
C THR B 168 -7.33 26.36 -28.50
N ILE B 169 -8.06 27.49 -28.53
CA ILE B 169 -7.38 28.79 -28.65
C ILE B 169 -6.49 29.12 -27.47
N PRO B 170 -6.89 28.93 -26.19
CA PRO B 170 -5.89 29.09 -25.11
C PRO B 170 -4.74 28.09 -25.17
N ASP B 171 -4.95 26.93 -25.79
CA ASP B 171 -3.84 26.02 -26.01
C ASP B 171 -2.87 26.55 -27.06
N PHE B 172 -3.39 27.26 -28.07
CA PHE B 172 -2.52 27.88 -29.05
C PHE B 172 -1.77 29.07 -28.48
N ILE B 173 -2.39 29.82 -27.57
CA ILE B 173 -1.75 31.01 -27.02
C ILE B 173 -0.82 30.67 -25.85
N PHE B 174 -1.37 30.12 -24.78
CA PHE B 174 -0.69 30.10 -23.48
C PHE B 174 0.31 28.96 -23.31
N ALA B 175 0.28 27.93 -24.14
CA ALA B 175 1.15 26.77 -23.94
C ALA B 175 2.57 27.10 -24.42
N ASN B 176 3.51 27.08 -23.49
CA ASN B 176 4.90 27.39 -23.80
C ASN B 176 5.81 26.58 -22.88
N VAL B 177 6.95 26.16 -23.40
CA VAL B 177 7.95 25.43 -22.63
C VAL B 177 8.91 26.43 -22.01
N SER B 178 9.22 26.25 -20.72
CA SER B 178 10.10 27.18 -20.03
C SER B 178 10.79 26.49 -18.88
N GLU B 179 11.86 27.13 -18.39
CA GLU B 179 12.58 26.64 -17.23
C GLU B 179 11.77 26.88 -15.95
N ALA B 180 11.93 25.97 -15.00
CA ALA B 180 11.41 26.13 -13.65
C ALA B 180 12.54 26.07 -12.63
N ASP B 181 13.69 26.62 -13.00
CA ASP B 181 14.94 26.71 -12.22
C ASP B 181 15.56 25.34 -11.92
N ASP B 182 15.04 24.26 -12.48
CA ASP B 182 15.72 22.97 -12.41
C ASP B 182 15.88 22.31 -13.76
N ARG B 183 14.86 22.38 -14.62
CA ARG B 183 14.88 21.81 -15.97
C ARG B 183 13.77 22.47 -16.76
N TYR B 184 13.46 21.91 -17.93
CA TYR B 184 12.41 22.41 -18.80
C TYR B 184 11.05 21.84 -18.41
N ILE B 185 9.99 22.59 -18.69
CA ILE B 185 8.62 22.15 -18.44
C ILE B 185 7.75 22.56 -19.63
N CYS B 186 7.03 21.58 -20.18
CA CYS B 186 5.95 21.76 -21.14
C CYS B 186 4.64 21.94 -20.39
N ASP B 187 4.15 23.17 -20.33
CA ASP B 187 2.86 23.48 -19.72
C ASP B 187 2.36 24.80 -20.30
N ARG B 188 1.38 25.39 -19.64
CA ARG B 188 0.91 26.72 -20.00
C ARG B 188 1.10 27.67 -18.83
N PHE B 189 1.18 28.96 -19.14
CA PHE B 189 1.43 29.99 -18.14
C PHE B 189 0.37 31.07 -18.28
N TYR B 190 -0.34 31.33 -17.20
CA TYR B 190 -1.41 32.30 -17.15
C TYR B 190 -0.96 33.54 -16.38
N PRO B 191 -1.48 34.73 -16.73
CA PRO B 191 -1.08 35.93 -15.98
C PRO B 191 -1.62 35.97 -14.56
N ASN B 192 -2.82 35.45 -14.34
CA ASN B 192 -3.43 35.44 -13.02
C ASN B 192 -3.96 34.05 -12.71
N ASP B 193 -4.13 33.76 -11.41
CA ASP B 193 -4.68 32.48 -10.98
C ASP B 193 -6.18 32.38 -11.23
N LEU B 194 -6.86 33.53 -11.37
CA LEU B 194 -8.27 33.51 -11.71
C LEU B 194 -8.50 32.94 -13.10
N TRP B 195 -7.56 33.16 -14.03
CA TRP B 195 -7.61 32.51 -15.34
C TRP B 195 -7.50 31.00 -15.21
N VAL B 196 -6.62 30.53 -14.32
CA VAL B 196 -6.44 29.09 -14.11
C VAL B 196 -7.70 28.46 -13.56
N VAL B 197 -8.32 29.12 -12.56
CA VAL B 197 -9.50 28.51 -11.96
C VAL B 197 -10.72 28.63 -12.87
N VAL B 198 -10.80 29.69 -13.70
CA VAL B 198 -11.95 29.76 -14.60
C VAL B 198 -11.78 28.80 -15.78
N PHE B 199 -10.55 28.50 -16.18
CA PHE B 199 -10.36 27.50 -17.23
C PHE B 199 -10.57 26.09 -16.69
N GLN B 200 -10.22 25.85 -15.43
CA GLN B 200 -10.53 24.56 -14.80
C GLN B 200 -12.04 24.36 -14.65
N PHE B 201 -12.75 25.42 -14.27
CA PHE B 201 -14.20 25.32 -14.14
C PHE B 201 -14.88 25.16 -15.50
N GLN B 202 -14.36 25.81 -16.54
CA GLN B 202 -14.88 25.61 -17.88
C GLN B 202 -14.61 24.19 -18.37
N HIS B 203 -13.44 23.64 -18.02
CA HIS B 203 -13.12 22.26 -18.39
C HIS B 203 -14.03 21.27 -17.71
N ILE B 204 -14.36 21.52 -16.43
CA ILE B 204 -15.30 20.65 -15.73
C ILE B 204 -16.71 20.78 -16.31
N MET B 205 -17.11 22.01 -16.64
CA MET B 205 -18.47 22.24 -17.14
C MET B 205 -18.70 21.69 -18.55
N VAL B 206 -17.68 21.74 -19.40
CA VAL B 206 -17.82 21.24 -20.77
C VAL B 206 -17.50 19.75 -20.85
N GLY B 207 -16.55 19.26 -20.03
CA GLY B 207 -16.17 17.86 -20.12
C GLY B 207 -17.13 16.89 -19.45
N LEU B 208 -17.77 17.31 -18.36
CA LEU B 208 -18.55 16.37 -17.55
C LEU B 208 -20.01 16.75 -17.39
N ILE B 209 -20.32 18.01 -17.08
CA ILE B 209 -21.63 18.36 -16.53
C ILE B 209 -22.69 18.38 -17.62
N LEU B 210 -22.54 19.26 -18.62
CA LEU B 210 -23.56 19.36 -19.68
C LEU B 210 -23.68 18.12 -20.56
N PRO B 211 -22.59 17.51 -21.09
CA PRO B 211 -22.80 16.26 -21.84
C PRO B 211 -23.26 15.09 -20.97
N GLY B 212 -22.88 15.05 -19.70
CA GLY B 212 -23.41 14.03 -18.81
C GLY B 212 -24.90 14.18 -18.58
N ILE B 213 -25.36 15.43 -18.44
CA ILE B 213 -26.78 15.72 -18.30
C ILE B 213 -27.53 15.33 -19.57
N VAL B 214 -26.95 15.63 -20.74
CA VAL B 214 -27.57 15.29 -22.02
C VAL B 214 -27.69 13.77 -22.20
N ILE B 215 -26.60 13.05 -21.90
CA ILE B 215 -26.58 11.60 -22.03
C ILE B 215 -27.54 10.94 -21.05
N LEU B 216 -27.58 11.43 -19.81
CA LEU B 216 -28.51 10.89 -18.81
C LEU B 216 -29.96 11.16 -19.18
N SER B 217 -30.25 12.33 -19.74
CA SER B 217 -31.61 12.66 -20.15
C SER B 217 -32.07 11.78 -21.31
N CYS B 218 -31.22 11.62 -22.34
CA CYS B 218 -31.57 10.78 -23.47
C CYS B 218 -31.71 9.31 -23.06
N TYR B 219 -30.86 8.82 -22.16
CA TYR B 219 -30.99 7.42 -21.76
C TYR B 219 -32.16 7.20 -20.80
N CYS B 220 -32.52 8.20 -19.99
CA CYS B 220 -33.73 8.10 -19.19
C CYS B 220 -34.97 8.04 -20.07
N ILE B 221 -35.01 8.86 -21.11
CA ILE B 221 -36.13 8.82 -22.06
C ILE B 221 -36.15 7.49 -22.81
N ILE B 222 -34.95 6.96 -23.15
CA ILE B 222 -34.85 5.67 -23.83
C ILE B 222 -35.38 4.53 -22.96
N ILE B 223 -35.02 4.53 -21.66
CA ILE B 223 -35.47 3.49 -20.76
C ILE B 223 -36.98 3.61 -20.51
N SER B 224 -37.49 4.84 -20.37
CA SER B 224 -38.92 5.05 -20.15
C SER B 224 -39.74 4.64 -21.37
N LYS B 225 -39.22 4.85 -22.57
CA LYS B 225 -39.92 4.41 -23.77
C LYS B 225 -39.77 2.92 -24.03
N LEU B 226 -38.63 2.32 -23.65
CA LEU B 226 -38.43 0.89 -23.83
C LEU B 226 -39.23 0.08 -22.81
N SER B 227 -39.58 0.67 -21.67
CA SER B 227 -40.46 0.00 -20.72
C SER B 227 -41.87 -0.17 -21.27
N HIS B 228 -42.30 0.68 -22.21
CA HIS B 228 -43.59 0.54 -22.87
C HIS B 228 -43.57 -0.49 -24.00
N SER B 229 -42.39 -0.97 -24.39
CA SER B 229 -42.28 -1.90 -25.51
C SER B 229 -41.66 -3.22 -25.07
N LYS B 230 -42.16 -3.77 -23.97
CA LYS B 230 -41.62 -5.02 -23.44
C LYS B 230 -42.03 -6.24 -24.25
N GLY B 231 -43.03 -6.10 -25.13
CA GLY B 231 -43.52 -7.22 -25.92
C GLY B 231 -42.56 -7.71 -26.98
N HIS B 232 -41.64 -6.86 -27.43
CA HIS B 232 -40.65 -7.25 -28.43
C HIS B 232 -39.26 -6.84 -27.93
N GLN B 233 -38.29 -7.73 -28.14
CA GLN B 233 -36.93 -7.50 -27.68
C GLN B 233 -35.99 -7.70 -28.87
N LYS B 234 -36.33 -7.06 -29.99
CA LYS B 234 -35.59 -7.28 -31.24
C LYS B 234 -34.28 -6.50 -31.31
N ARG B 235 -34.07 -5.53 -30.43
CA ARG B 235 -32.88 -4.69 -30.48
C ARG B 235 -32.04 -4.85 -29.21
N LYS B 236 -30.73 -5.05 -29.40
CA LYS B 236 -29.80 -5.07 -28.28
C LYS B 236 -28.50 -4.34 -28.66
N ALA B 237 -28.59 -3.29 -29.47
CA ALA B 237 -27.45 -2.42 -29.73
C ALA B 237 -27.29 -1.34 -28.67
N LEU B 238 -28.22 -1.26 -27.72
CA LEU B 238 -28.10 -0.29 -26.63
C LEU B 238 -27.05 -0.70 -25.62
N LYS B 239 -26.77 -2.00 -25.49
CA LYS B 239 -25.83 -2.48 -24.48
C LYS B 239 -24.41 -2.03 -24.78
N THR B 240 -24.03 -2.01 -26.07
CA THR B 240 -22.68 -1.59 -26.45
C THR B 240 -22.43 -0.13 -26.13
N THR B 241 -23.39 0.74 -26.48
CA THR B 241 -23.23 2.16 -26.21
C THR B 241 -23.32 2.46 -24.72
N VAL B 242 -24.17 1.72 -23.99
CA VAL B 242 -24.29 1.89 -22.55
C VAL B 242 -22.98 1.50 -21.85
N ILE B 243 -22.38 0.38 -22.27
CA ILE B 243 -21.12 -0.08 -21.70
C ILE B 243 -19.99 0.89 -22.02
N LEU B 244 -19.95 1.39 -23.25
CA LEU B 244 -18.90 2.34 -23.66
C LEU B 244 -19.00 3.66 -22.90
N ILE B 245 -20.22 4.21 -22.77
CA ILE B 245 -20.40 5.48 -22.09
C ILE B 245 -20.15 5.35 -20.59
N LEU B 246 -20.62 4.25 -19.99
CA LEU B 246 -20.38 4.01 -18.56
C LEU B 246 -18.91 3.80 -18.25
N ALA B 247 -18.19 3.07 -19.12
CA ALA B 247 -16.77 2.85 -18.89
C ALA B 247 -15.97 4.13 -19.09
N PHE B 248 -16.37 4.97 -20.07
CA PHE B 248 -15.72 6.26 -20.28
C PHE B 248 -15.89 7.18 -19.07
N PHE B 249 -17.12 7.27 -18.55
CA PHE B 249 -17.34 8.18 -17.43
C PHE B 249 -16.77 7.61 -16.13
N ALA B 250 -16.73 6.29 -15.98
CA ALA B 250 -16.07 5.71 -14.82
C ALA B 250 -14.55 5.87 -14.89
N CYS B 251 -13.99 5.94 -16.10
CA CYS B 251 -12.57 6.27 -16.23
C CYS B 251 -12.30 7.73 -15.89
N TRP B 252 -13.19 8.64 -16.31
CA TRP B 252 -12.92 10.06 -16.15
C TRP B 252 -13.43 10.66 -14.84
N LEU B 253 -14.19 9.91 -14.03
CA LEU B 253 -14.75 10.48 -12.81
C LEU B 253 -13.73 10.87 -11.73
N PRO B 254 -12.76 10.03 -11.32
CA PRO B 254 -11.89 10.46 -10.20
C PRO B 254 -10.95 11.60 -10.53
N TYR B 255 -10.53 11.73 -11.80
CA TYR B 255 -9.72 12.88 -12.20
C TYR B 255 -10.54 14.17 -12.12
N TYR B 256 -11.81 14.11 -12.50
CA TYR B 256 -12.69 15.27 -12.41
C TYR B 256 -12.95 15.64 -10.97
N ILE B 257 -13.10 14.65 -10.08
CA ILE B 257 -13.26 14.92 -8.66
C ILE B 257 -12.00 15.57 -8.09
N GLY B 258 -10.82 15.07 -8.48
CA GLY B 258 -9.58 15.64 -8.00
C GLY B 258 -9.34 17.07 -8.47
N ILE B 259 -9.63 17.36 -9.73
CA ILE B 259 -9.45 18.73 -10.20
C ILE B 259 -10.56 19.65 -9.69
N SER B 260 -11.75 19.12 -9.36
CA SER B 260 -12.77 19.96 -8.72
C SER B 260 -12.35 20.35 -7.31
N ILE B 261 -11.76 19.41 -6.58
CA ILE B 261 -11.25 19.71 -5.23
C ILE B 261 -10.07 20.67 -5.30
N ASP B 262 -9.22 20.53 -6.32
CA ASP B 262 -8.11 21.47 -6.50
C ASP B 262 -8.60 22.86 -6.91
N SER B 263 -9.64 22.94 -7.74
CA SER B 263 -10.21 24.24 -8.12
C SER B 263 -10.86 24.92 -6.93
N PHE B 264 -11.48 24.14 -6.04
CA PHE B 264 -12.01 24.72 -4.82
C PHE B 264 -10.91 25.08 -3.82
N ILE B 265 -9.75 24.41 -3.90
CA ILE B 265 -8.59 24.82 -3.12
C ILE B 265 -8.08 26.18 -3.59
N LEU B 266 -8.02 26.37 -4.93
CA LEU B 266 -7.53 27.61 -5.50
C LEU B 266 -8.44 28.81 -5.24
N LEU B 267 -9.72 28.59 -4.94
CA LEU B 267 -10.68 29.66 -4.72
C LEU B 267 -10.90 29.95 -3.24
N GLU B 268 -9.84 29.83 -2.42
CA GLU B 268 -9.78 30.13 -0.98
C GLU B 268 -10.94 29.54 -0.17
N ILE B 269 -11.40 28.36 -0.58
CA ILE B 269 -12.49 27.65 0.10
C ILE B 269 -11.95 26.57 1.03
N ILE B 270 -11.09 25.70 0.51
CA ILE B 270 -10.43 24.67 1.30
C ILE B 270 -9.02 25.16 1.61
N LYS B 271 -8.73 25.38 2.88
CA LYS B 271 -7.41 25.84 3.35
C LYS B 271 -6.94 24.85 4.41
N GLN B 272 -6.32 23.75 3.97
CA GLN B 272 -5.88 22.69 4.88
C GLN B 272 -4.41 22.36 4.70
N GLY B 273 -3.56 23.38 4.60
CA GLY B 273 -2.13 23.16 4.49
C GLY B 273 -1.70 22.86 3.07
N CYS B 274 -0.39 22.64 2.91
CA CYS B 274 0.18 22.31 1.61
C CYS B 274 0.46 20.83 1.43
N GLU B 275 0.48 20.05 2.52
CA GLU B 275 0.59 18.61 2.39
C GLU B 275 -0.67 18.01 1.75
N PHE B 276 -1.84 18.58 2.06
CA PHE B 276 -3.07 18.20 1.36
C PHE B 276 -3.02 18.59 -0.11
N GLU B 277 -2.43 19.75 -0.43
CA GLU B 277 -2.29 20.16 -1.82
C GLU B 277 -1.36 19.22 -2.59
N ASN B 278 -0.29 18.77 -1.93
CA ASN B 278 0.60 17.79 -2.55
C ASN B 278 -0.09 16.45 -2.76
N THR B 279 -0.92 16.02 -1.80
CA THR B 279 -1.68 14.79 -1.98
C THR B 279 -2.69 14.91 -3.11
N VAL B 280 -3.33 16.08 -3.26
CA VAL B 280 -4.24 16.34 -4.37
C VAL B 280 -3.49 16.34 -5.70
N HIS B 281 -2.26 16.85 -5.72
CA HIS B 281 -1.43 16.82 -6.93
C HIS B 281 -1.08 15.40 -7.33
N LYS B 282 -0.70 14.56 -6.36
CA LYS B 282 -0.40 13.16 -6.65
C LYS B 282 -1.64 12.40 -7.13
N TRP B 283 -2.79 12.67 -6.49
CA TRP B 283 -4.04 12.04 -6.90
C TRP B 283 -4.45 12.44 -8.31
N ILE B 284 -4.27 13.73 -8.65
CA ILE B 284 -4.63 14.22 -9.96
C ILE B 284 -3.74 13.61 -11.03
N SER B 285 -2.43 13.49 -10.75
CA SER B 285 -1.51 12.88 -11.72
C SER B 285 -1.81 11.40 -11.93
N ILE B 286 -2.04 10.65 -10.84
CA ILE B 286 -2.29 9.21 -10.94
C ILE B 286 -3.62 8.94 -11.63
N THR B 287 -4.68 9.67 -11.25
CA THR B 287 -5.98 9.46 -11.87
C THR B 287 -6.04 10.00 -13.29
N GLU B 288 -5.23 11.01 -13.63
CA GLU B 288 -5.15 11.47 -15.01
C GLU B 288 -4.47 10.44 -15.89
N ALA B 289 -3.42 9.77 -15.37
CA ALA B 289 -2.79 8.70 -16.14
C ALA B 289 -3.70 7.48 -16.25
N LEU B 290 -4.48 7.19 -15.21
CA LEU B 290 -5.42 6.08 -15.28
C LEU B 290 -6.67 6.42 -16.11
N ALA B 291 -6.93 7.71 -16.35
CA ALA B 291 -8.07 8.12 -17.16
C ALA B 291 -7.78 8.09 -18.65
N PHE B 292 -6.57 7.71 -19.06
CA PHE B 292 -6.29 7.46 -20.47
C PHE B 292 -6.65 6.04 -20.88
N PHE B 293 -7.30 5.26 -20.01
CA PHE B 293 -7.82 3.94 -20.36
C PHE B 293 -9.01 4.02 -21.31
N HIS B 294 -9.56 5.21 -21.57
CA HIS B 294 -10.55 5.35 -22.63
C HIS B 294 -9.95 5.22 -24.02
N CYS B 295 -8.62 5.22 -24.15
CA CYS B 295 -7.99 4.85 -25.41
C CYS B 295 -8.21 3.37 -25.71
N CYS B 296 -8.05 2.51 -24.72
CA CYS B 296 -8.34 1.09 -24.88
C CYS B 296 -9.78 0.77 -24.47
N LEU B 297 -10.73 1.51 -25.00
CA LEU B 297 -12.14 1.28 -24.72
C LEU B 297 -12.96 1.00 -25.96
N ASN B 298 -12.80 1.81 -27.01
CA ASN B 298 -13.51 1.55 -28.26
C ASN B 298 -13.04 0.27 -28.98
N PRO B 299 -11.73 0.03 -29.24
CA PRO B 299 -11.39 -1.21 -29.97
C PRO B 299 -11.44 -2.45 -29.12
N ILE B 300 -11.31 -2.36 -27.80
CA ILE B 300 -11.49 -3.53 -26.95
C ILE B 300 -12.95 -3.96 -26.97
N LEU B 301 -13.88 -2.99 -26.93
CA LEU B 301 -15.30 -3.29 -27.08
C LEU B 301 -15.62 -3.80 -28.47
N TYR B 302 -14.90 -3.34 -29.49
CA TYR B 302 -15.04 -3.91 -30.82
C TYR B 302 -14.52 -5.34 -30.90
N ALA B 303 -13.48 -5.68 -30.15
CA ALA B 303 -12.94 -7.03 -30.17
C ALA B 303 -13.84 -8.00 -29.42
N PHE B 304 -14.37 -7.59 -28.27
CA PHE B 304 -15.22 -8.46 -27.47
C PHE B 304 -16.64 -8.56 -28.00
N LEU B 305 -17.05 -7.65 -28.89
CA LEU B 305 -18.43 -7.47 -29.36
C LEU B 305 -19.39 -7.28 -28.19
N GLY B 306 -18.94 -6.54 -27.18
CA GLY B 306 -19.74 -6.31 -25.99
C GLY B 306 -20.66 -5.11 -26.17
N LYS C 1 -26.66 8.96 11.72
CA LYS C 1 -25.39 8.30 12.02
C LYS C 1 -25.47 7.64 13.39
N PRO C 2 -25.92 6.38 13.43
CA PRO C 2 -26.04 5.69 14.73
C PRO C 2 -24.71 5.44 15.43
N VAL C 3 -23.60 5.46 14.70
CA VAL C 3 -22.28 5.47 15.31
C VAL C 3 -21.81 6.92 15.40
N SER C 4 -20.86 7.18 16.29
CA SER C 4 -20.30 8.51 16.43
C SER C 4 -18.77 8.41 16.48
N LEU C 5 -18.10 9.19 15.63
CA LEU C 5 -16.67 9.06 15.46
C LEU C 5 -15.93 10.39 15.43
N SER C 6 -16.66 11.51 15.30
CA SER C 6 -15.99 12.77 14.97
C SER C 6 -15.69 13.62 16.19
N TYR C 7 -16.55 13.61 17.22
CA TYR C 7 -16.40 14.53 18.33
C TYR C 7 -15.69 13.91 19.53
N ARG C 8 -15.06 12.74 19.35
CA ARG C 8 -14.47 11.94 20.41
C ARG C 8 -13.39 12.69 21.18
N CYS C 9 -13.59 12.83 22.49
CA CYS C 9 -12.80 13.71 23.33
C CYS C 9 -11.41 13.14 23.57
N PRO C 10 -10.42 14.02 23.91
CA PRO C 10 -9.19 13.55 24.56
C PRO C 10 -9.31 13.50 26.09
N CYS C 11 -10.41 12.91 26.57
CA CYS C 11 -10.64 12.73 28.00
C CYS C 11 -10.91 11.26 28.32
N ARG C 12 -9.80 10.52 28.49
CA ARG C 12 -9.81 9.10 28.76
C ARG C 12 -8.78 8.73 29.82
N PHE C 13 -9.03 7.64 30.56
CA PHE C 13 -8.09 7.00 31.48
C PHE C 13 -7.55 7.91 32.56
N PHE C 14 -8.44 8.37 33.46
CA PHE C 14 -8.11 9.38 34.47
C PHE C 14 -7.15 8.80 35.50
N GLU C 15 -5.96 9.38 35.56
CA GLU C 15 -4.96 8.99 36.55
C GLU C 15 -5.16 9.74 37.86
N SER C 16 -4.82 9.08 38.97
CA SER C 16 -5.04 9.64 40.30
C SER C 16 -3.74 9.76 41.11
N HIS C 17 -2.59 9.54 40.48
CA HIS C 17 -1.30 9.63 41.16
C HIS C 17 -0.43 10.65 40.41
N VAL C 18 -0.56 11.91 40.79
CA VAL C 18 0.20 13.00 40.19
C VAL C 18 0.81 13.84 41.32
N ALA C 19 2.11 14.11 41.20
CA ALA C 19 2.80 14.93 42.19
C ALA C 19 2.59 16.40 41.90
N ARG C 20 2.31 17.18 42.95
CA ARG C 20 2.09 18.61 42.78
C ARG C 20 3.39 19.35 42.46
N ALA C 21 4.51 18.89 43.02
CA ALA C 21 5.79 19.52 42.73
C ALA C 21 6.26 19.20 41.31
N ASN C 22 5.97 17.99 40.83
CA ASN C 22 6.36 17.60 39.48
C ASN C 22 5.47 18.21 38.41
N VAL C 23 4.28 18.69 38.79
CA VAL C 23 3.36 19.29 37.83
C VAL C 23 3.82 20.72 37.57
N LYS C 24 4.34 20.97 36.36
CA LYS C 24 4.84 22.28 35.99
C LYS C 24 3.78 23.10 35.25
N HIS C 25 3.05 22.46 34.33
CA HIS C 25 2.04 23.13 33.51
C HIS C 25 0.85 22.17 33.36
N LEU C 26 -0.24 22.46 34.06
CA LEU C 26 -1.43 21.60 34.03
C LEU C 26 -2.42 22.17 33.02
N LYS C 27 -2.19 21.89 31.75
CA LYS C 27 -2.99 22.44 30.66
C LYS C 27 -4.37 21.79 30.66
N ILE C 28 -5.41 22.60 30.87
CA ILE C 28 -6.79 22.13 30.86
C ILE C 28 -7.34 22.34 29.45
N LEU C 29 -7.73 21.24 28.80
CA LEU C 29 -8.21 21.32 27.43
C LEU C 29 -9.62 21.90 27.39
N ASN C 30 -9.84 22.88 26.52
CA ASN C 30 -11.14 23.50 26.33
C ASN C 30 -11.82 22.83 25.14
N THR C 31 -12.62 21.81 25.42
CA THR C 31 -13.31 21.05 24.40
C THR C 31 -14.77 20.90 24.79
N PRO C 32 -15.66 20.71 23.82
CA PRO C 32 -17.09 20.57 24.13
C PRO C 32 -17.50 19.11 24.30
N ASN C 33 -18.64 18.94 24.99
CA ASN C 33 -19.31 17.65 25.21
C ASN C 33 -18.41 16.64 25.93
N CYS C 34 -17.63 17.14 26.88
CA CYS C 34 -16.86 16.29 27.79
C CYS C 34 -16.65 17.06 29.09
N ALA C 35 -16.12 16.36 30.09
CA ALA C 35 -15.86 16.95 31.39
C ALA C 35 -14.53 17.74 31.35
N LEU C 36 -14.04 18.12 32.52
CA LEU C 36 -12.82 18.94 32.62
C LEU C 36 -11.60 18.03 32.42
N GLN C 37 -11.10 18.02 31.20
CA GLN C 37 -9.88 17.30 30.87
C GLN C 37 -8.69 18.20 31.12
N ILE C 38 -7.75 17.73 31.94
CA ILE C 38 -6.59 18.52 32.36
C ILE C 38 -5.37 17.61 32.30
N VAL C 39 -4.51 17.80 31.31
CA VAL C 39 -3.27 17.04 31.18
C VAL C 39 -2.13 17.93 31.66
N ALA C 40 -1.34 17.43 32.60
CA ALA C 40 -0.21 18.17 33.14
C ALA C 40 1.08 17.63 32.52
N ARG C 41 1.94 18.54 32.09
CA ARG C 41 3.27 18.19 31.62
C ARG C 41 4.18 18.00 32.83
N LEU C 42 4.72 16.81 32.98
CA LEU C 42 5.58 16.50 34.13
C LEU C 42 6.93 17.19 33.99
N LYS C 43 7.64 17.29 35.12
CA LYS C 43 8.97 17.88 35.14
C LYS C 43 10.09 16.85 35.11
N ASN C 44 9.87 15.67 35.69
CA ASN C 44 10.90 14.64 35.71
C ASN C 44 11.06 13.98 34.35
N ASN C 45 9.96 13.71 33.66
CA ASN C 45 9.99 13.00 32.39
C ASN C 45 9.69 13.89 31.18
N ASN C 46 9.20 15.11 31.41
CA ASN C 46 8.82 16.09 30.37
C ASN C 46 7.80 15.50 29.39
N ARG C 47 6.84 14.74 29.91
CA ARG C 47 5.79 14.13 29.11
C ARG C 47 4.45 14.43 29.73
N GLN C 48 3.46 14.70 28.89
CA GLN C 48 2.13 15.06 29.37
C GLN C 48 1.38 13.82 29.85
N VAL C 49 0.82 13.90 31.06
CA VAL C 49 -0.01 12.84 31.61
C VAL C 49 -1.24 13.50 32.23
N CYS C 50 -2.39 12.85 32.11
CA CYS C 50 -3.63 13.46 32.55
C CYS C 50 -3.74 13.44 34.07
N ILE C 51 -4.65 14.26 34.59
CA ILE C 51 -4.95 14.33 36.02
C ILE C 51 -6.46 14.24 36.19
N ASP C 52 -6.89 13.58 37.26
CA ASP C 52 -8.32 13.41 37.50
C ASP C 52 -8.94 14.74 37.95
N PRO C 53 -10.24 14.92 37.72
CA PRO C 53 -10.91 16.15 38.17
C PRO C 53 -11.13 16.22 39.67
N LYS C 54 -11.01 15.09 40.39
CA LYS C 54 -11.20 15.05 41.83
C LYS C 54 -9.88 15.05 42.59
N LEU C 55 -8.77 15.35 41.92
CA LEU C 55 -7.47 15.39 42.57
C LEU C 55 -7.37 16.60 43.49
N LYS C 56 -6.69 16.42 44.63
CA LYS C 56 -6.56 17.50 45.60
C LYS C 56 -5.63 18.59 45.12
N TRP C 57 -4.55 18.21 44.42
CA TRP C 57 -3.60 19.20 43.91
C TRP C 57 -4.22 20.02 42.78
N ILE C 58 -5.00 19.39 41.90
CA ILE C 58 -5.66 20.12 40.83
C ILE C 58 -6.75 21.04 41.38
N GLN C 59 -7.46 20.59 42.42
CA GLN C 59 -8.46 21.43 43.06
C GLN C 59 -7.83 22.61 43.78
N GLU C 60 -6.66 22.40 44.39
CA GLU C 60 -5.96 23.50 45.06
C GLU C 60 -5.39 24.49 44.04
N TYR C 61 -4.95 23.99 42.89
CA TYR C 61 -4.49 24.88 41.83
C TYR C 61 -5.62 25.68 41.21
N LEU C 62 -6.80 25.05 41.04
CA LEU C 62 -7.94 25.76 40.48
C LEU C 62 -8.55 26.72 41.49
N GLU C 63 -8.40 26.42 42.78
CA GLU C 63 -8.96 27.27 43.82
C GLU C 63 -8.07 28.45 44.18
N LYS C 64 -6.89 28.57 43.56
CA LYS C 64 -6.00 29.70 43.81
C LYS C 64 -6.55 30.97 43.20
N ALA C 65 -7.35 30.84 42.15
CA ALA C 65 -7.95 32.00 41.50
C ALA C 65 -9.14 32.52 42.30
N LYS D 1 62.14 26.18 18.77
CA LYS D 1 60.92 25.83 19.50
C LYS D 1 60.65 24.33 19.48
N PRO D 2 61.31 23.58 20.40
CA PRO D 2 61.12 22.12 20.48
C PRO D 2 59.95 21.71 21.37
N VAL D 3 58.80 22.34 21.17
CA VAL D 3 57.63 22.07 22.00
C VAL D 3 56.46 21.67 21.11
N SER D 4 56.47 22.15 19.85
CA SER D 4 55.60 21.70 18.75
C SER D 4 54.11 21.83 19.08
N LEU D 5 53.68 23.10 19.18
CA LEU D 5 52.26 23.40 19.38
C LEU D 5 51.41 22.90 18.22
N SER D 6 51.64 23.43 17.02
CA SER D 6 50.86 23.05 15.86
C SER D 6 51.53 21.89 15.12
N TYR D 7 50.91 21.49 14.00
CA TYR D 7 51.42 20.47 13.07
C TYR D 7 51.59 19.12 13.75
N ARG D 8 50.51 18.62 14.35
CA ARG D 8 50.51 17.32 15.01
C ARG D 8 49.96 16.26 14.07
N CYS D 9 50.55 15.02 14.13
CA CYS D 9 50.09 13.96 13.23
C CYS D 9 48.94 13.17 13.85
N PRO D 10 48.10 12.54 13.02
CA PRO D 10 47.33 11.38 13.50
C PRO D 10 48.04 10.07 13.24
N CYS D 11 49.33 9.96 13.55
CA CYS D 11 50.06 8.71 13.34
C CYS D 11 50.37 7.98 14.64
N ARG D 12 49.43 8.00 15.59
CA ARG D 12 49.66 7.34 16.88
C ARG D 12 49.40 5.84 16.79
N PHE D 13 48.19 5.46 16.40
CA PHE D 13 47.76 4.06 16.41
C PHE D 13 48.33 3.34 15.18
N PHE D 14 49.57 2.86 15.34
CA PHE D 14 50.22 2.07 14.30
C PHE D 14 50.04 0.58 14.62
N GLU D 15 48.79 0.14 14.49
CA GLU D 15 48.42 -1.23 14.82
C GLU D 15 48.63 -2.14 13.62
N SER D 16 49.42 -3.19 13.81
CA SER D 16 49.67 -4.16 12.75
C SER D 16 48.50 -5.10 12.53
N HIS D 17 47.72 -5.38 13.58
CA HIS D 17 46.60 -6.30 13.50
C HIS D 17 45.43 -5.61 12.80
N VAL D 18 45.31 -5.83 11.49
CA VAL D 18 44.23 -5.27 10.69
C VAL D 18 43.52 -6.41 9.97
N ALA D 19 42.20 -6.46 10.10
CA ALA D 19 41.38 -7.47 9.45
C ALA D 19 40.84 -6.91 8.14
N ARG D 20 41.16 -7.56 7.03
CA ARG D 20 40.72 -7.07 5.72
C ARG D 20 39.24 -7.35 5.49
N ALA D 21 38.70 -8.43 6.08
CA ALA D 21 37.29 -8.75 5.90
C ALA D 21 36.39 -7.76 6.63
N ASN D 22 36.82 -7.30 7.81
CA ASN D 22 36.05 -6.36 8.60
C ASN D 22 36.39 -4.91 8.30
N VAL D 23 37.27 -4.65 7.32
CA VAL D 23 37.68 -3.29 7.01
C VAL D 23 36.64 -2.63 6.13
N LYS D 24 36.16 -1.47 6.54
CA LYS D 24 35.26 -0.65 5.75
C LYS D 24 36.11 0.29 4.89
N HIS D 25 35.48 1.34 4.34
CA HIS D 25 36.18 2.30 3.49
C HIS D 25 37.20 3.11 4.28
N LEU D 26 38.49 2.82 4.06
CA LEU D 26 39.56 3.50 4.79
C LEU D 26 39.82 4.88 4.20
N LYS D 27 40.00 5.86 5.09
CA LYS D 27 40.22 7.24 4.70
C LYS D 27 41.71 7.55 4.72
N ILE D 28 42.24 7.97 3.58
CA ILE D 28 43.62 8.44 3.49
C ILE D 28 43.58 9.97 3.60
N LEU D 29 44.04 10.49 4.72
CA LEU D 29 43.98 11.92 4.97
C LEU D 29 44.99 12.67 4.11
N ASN D 30 44.58 13.81 3.57
CA ASN D 30 45.43 14.64 2.73
C ASN D 30 46.24 15.58 3.62
N THR D 31 47.26 15.01 4.26
CA THR D 31 48.15 15.79 5.12
C THR D 31 49.45 16.04 4.37
N PRO D 32 49.77 17.28 4.02
CA PRO D 32 51.00 17.55 3.26
C PRO D 32 52.24 17.44 4.15
N ASN D 33 53.30 16.88 3.56
CA ASN D 33 54.60 16.66 4.21
C ASN D 33 54.48 15.84 5.49
N CYS D 34 53.63 14.81 5.45
CA CYS D 34 53.40 13.93 6.58
C CYS D 34 53.37 12.49 6.10
N ALA D 35 53.27 11.56 7.04
CA ALA D 35 53.15 10.16 6.71
C ALA D 35 51.73 9.84 6.23
N LEU D 36 51.58 8.65 5.65
CA LEU D 36 50.28 8.23 5.13
C LEU D 36 49.33 7.87 6.28
N GLN D 37 48.52 8.83 6.70
CA GLN D 37 47.55 8.61 7.77
C GLN D 37 46.35 7.88 7.19
N ILE D 38 46.28 6.57 7.40
CA ILE D 38 45.20 5.74 6.86
C ILE D 38 44.32 5.36 8.05
N VAL D 39 43.21 6.08 8.21
CA VAL D 39 42.25 5.79 9.26
C VAL D 39 41.23 4.81 8.65
N ALA D 40 41.36 3.54 9.00
CA ALA D 40 40.47 2.50 8.46
C ALA D 40 39.25 2.38 9.37
N ARG D 41 38.06 2.47 8.77
CA ARG D 41 36.85 2.18 9.50
C ARG D 41 36.66 0.67 9.60
N LEU D 42 36.21 0.21 10.76
CA LEU D 42 35.95 -1.20 11.00
C LEU D 42 34.45 -1.45 10.93
N LYS D 43 34.04 -2.40 10.08
CA LYS D 43 32.62 -2.72 9.95
C LYS D 43 32.08 -3.49 11.15
N ASN D 44 32.95 -4.15 11.93
CA ASN D 44 32.49 -4.91 13.09
C ASN D 44 32.11 -3.98 14.25
N ASN D 45 32.89 -2.92 14.46
CA ASN D 45 32.70 -2.05 15.62
C ASN D 45 32.16 -0.67 15.28
N ASN D 46 32.04 -0.34 13.98
CA ASN D 46 31.54 0.95 13.48
C ASN D 46 32.37 2.12 14.02
N ARG D 47 33.68 1.95 14.06
CA ARG D 47 34.60 2.97 14.56
C ARG D 47 35.81 3.05 13.64
N GLN D 48 36.44 4.22 13.61
CA GLN D 48 37.62 4.44 12.78
C GLN D 48 38.88 4.33 13.62
N VAL D 49 39.81 3.47 13.20
CA VAL D 49 41.08 3.27 13.89
C VAL D 49 42.21 3.46 12.88
N CYS D 50 43.29 4.10 13.32
CA CYS D 50 44.42 4.32 12.43
C CYS D 50 45.17 3.02 12.18
N ILE D 51 45.77 2.92 11.00
CA ILE D 51 46.54 1.75 10.61
C ILE D 51 47.90 2.22 10.09
N ASP D 52 48.94 1.46 10.41
CA ASP D 52 50.27 1.81 9.95
C ASP D 52 50.41 1.54 8.45
N PRO D 53 51.30 2.28 7.77
CA PRO D 53 51.47 2.06 6.32
C PRO D 53 52.48 0.97 6.01
N LYS D 54 52.32 -0.20 6.63
CA LYS D 54 53.20 -1.34 6.37
C LYS D 54 52.48 -2.67 6.35
N LEU D 55 51.15 -2.69 6.50
CA LEU D 55 50.41 -3.94 6.49
C LEU D 55 50.29 -4.48 5.07
N LYS D 56 50.22 -5.81 4.97
CA LYS D 56 50.10 -6.45 3.66
C LYS D 56 48.72 -6.24 3.07
N TRP D 57 47.67 -6.26 3.91
CA TRP D 57 46.31 -6.06 3.42
C TRP D 57 46.09 -4.63 2.97
N ILE D 58 46.64 -3.65 3.70
CA ILE D 58 46.50 -2.25 3.31
C ILE D 58 47.28 -1.96 2.04
N GLN D 59 48.46 -2.56 1.89
CA GLN D 59 49.24 -2.39 0.66
C GLN D 59 48.56 -3.06 -0.53
N GLU D 60 47.92 -4.22 -0.29
CA GLU D 60 47.19 -4.88 -1.36
C GLU D 60 45.94 -4.11 -1.77
N TYR D 61 45.28 -3.47 -0.80
CA TYR D 61 44.12 -2.64 -1.12
C TYR D 61 44.53 -1.36 -1.83
N LEU D 62 45.68 -0.78 -1.47
CA LEU D 62 46.15 0.42 -2.14
C LEU D 62 46.66 0.13 -3.54
N GLU D 63 47.27 -1.04 -3.74
CA GLU D 63 47.80 -1.43 -5.04
C GLU D 63 46.74 -1.93 -6.00
N LYS D 64 45.53 -2.22 -5.51
CA LYS D 64 44.44 -2.71 -6.36
C LYS D 64 43.69 -1.52 -6.95
N ALA D 65 44.36 -0.86 -7.89
CA ALA D 65 43.79 0.31 -8.57
C ALA D 65 44.33 0.43 -9.99
N LYS E 25 25.61 14.97 -5.46
CA LYS E 25 26.71 14.29 -6.13
C LYS E 25 27.15 13.07 -5.34
N GLU E 26 26.20 12.45 -4.65
CA GLU E 26 26.49 11.24 -3.89
C GLU E 26 26.70 10.08 -4.85
N PRO E 27 27.75 9.25 -4.66
CA PRO E 27 28.07 8.19 -5.64
C PRO E 27 27.02 7.09 -5.78
N CYS E 28 26.70 6.37 -4.70
CA CYS E 28 25.78 5.26 -4.87
C CYS E 28 24.61 5.26 -3.91
N PHE E 29 24.86 5.59 -2.63
CA PHE E 29 23.94 5.36 -1.50
C PHE E 29 23.43 3.91 -1.50
N ARG E 30 24.38 3.00 -1.25
CA ARG E 30 24.09 1.57 -1.29
C ARG E 30 23.10 1.19 -0.20
N GLU E 31 22.05 0.46 -0.60
CA GLU E 31 20.88 0.21 0.23
C GLU E 31 20.55 -1.27 0.18
N GLU E 32 20.75 -1.96 1.30
CA GLU E 32 20.34 -3.36 1.45
C GLU E 32 19.53 -3.49 2.74
N ASN E 33 18.24 -3.14 2.66
CA ASN E 33 17.27 -3.42 3.70
C ASN E 33 15.91 -3.77 3.10
N ALA E 34 15.90 -4.37 1.92
CA ALA E 34 14.66 -4.76 1.27
C ALA E 34 14.06 -5.97 1.96
N ASN E 35 13.27 -5.72 3.02
CA ASN E 35 12.74 -6.81 3.83
C ASN E 35 11.60 -7.52 3.12
N PHE E 36 10.77 -6.78 2.38
CA PHE E 36 9.61 -7.40 1.75
C PHE E 36 10.00 -8.21 0.51
N ASN E 37 11.09 -7.84 -0.16
CA ASN E 37 11.48 -8.55 -1.38
C ASN E 37 11.95 -9.96 -1.07
N LYS E 38 12.62 -10.16 0.07
CA LYS E 38 13.07 -11.48 0.47
C LYS E 38 11.94 -12.38 0.96
N ILE E 39 10.74 -11.83 1.19
CA ILE E 39 9.59 -12.63 1.59
C ILE E 39 8.54 -12.71 0.47
N PHE E 40 8.60 -11.83 -0.52
CA PHE E 40 7.65 -11.88 -1.63
C PHE E 40 8.23 -12.59 -2.84
N LEU E 41 9.54 -12.49 -3.03
CA LEU E 41 10.21 -13.16 -4.14
C LEU E 41 10.15 -14.70 -4.07
N PRO E 42 10.45 -15.38 -2.95
CA PRO E 42 10.32 -16.85 -2.97
C PRO E 42 8.88 -17.34 -3.05
N THR E 43 7.90 -16.55 -2.62
CA THR E 43 6.50 -16.96 -2.77
C THR E 43 6.08 -17.02 -4.23
N ILE E 44 6.38 -15.95 -4.98
CA ILE E 44 6.09 -15.91 -6.41
C ILE E 44 6.92 -16.96 -7.16
N TYR E 45 8.18 -17.13 -6.76
CA TYR E 45 9.04 -18.13 -7.40
C TYR E 45 8.53 -19.55 -7.17
N SER E 46 8.07 -19.85 -5.96
CA SER E 46 7.58 -21.19 -5.66
C SER E 46 6.23 -21.46 -6.32
N ILE E 47 5.36 -20.45 -6.40
CA ILE E 47 4.06 -20.62 -7.07
C ILE E 47 4.27 -20.87 -8.56
N ILE E 48 5.13 -20.07 -9.19
CA ILE E 48 5.42 -20.24 -10.62
C ILE E 48 6.16 -21.56 -10.86
N PHE E 49 7.03 -21.97 -9.93
CA PHE E 49 7.75 -23.24 -10.08
C PHE E 49 6.78 -24.42 -10.04
N LEU E 50 5.86 -24.43 -9.07
CA LEU E 50 4.92 -25.55 -8.94
C LEU E 50 3.97 -25.61 -10.13
N THR E 51 3.38 -24.47 -10.51
CA THR E 51 2.44 -24.46 -11.62
C THR E 51 3.13 -24.76 -12.95
N GLY E 52 4.33 -24.23 -13.16
CA GLY E 52 5.07 -24.51 -14.37
C GLY E 52 5.52 -25.94 -14.47
N ILE E 53 5.98 -26.54 -13.37
CA ILE E 53 6.44 -27.92 -13.43
C ILE E 53 5.26 -28.88 -13.65
N VAL E 54 4.10 -28.59 -13.05
CA VAL E 54 2.94 -29.47 -13.23
C VAL E 54 2.38 -29.32 -14.64
N GLY E 55 2.18 -28.09 -15.10
CA GLY E 55 1.61 -27.87 -16.41
C GLY E 55 2.51 -28.30 -17.55
N ASN E 56 3.81 -28.02 -17.45
CA ASN E 56 4.71 -28.40 -18.51
C ASN E 56 5.00 -29.89 -18.52
N GLY E 57 5.02 -30.55 -17.34
CA GLY E 57 5.09 -31.99 -17.32
C GLY E 57 3.87 -32.65 -17.95
N LEU E 58 2.67 -32.10 -17.68
CA LEU E 58 1.46 -32.62 -18.29
C LEU E 58 1.44 -32.40 -19.80
N VAL E 59 1.88 -31.22 -20.26
CA VAL E 59 1.83 -30.92 -21.70
C VAL E 59 2.85 -31.75 -22.47
N ILE E 60 4.06 -31.90 -21.93
CA ILE E 60 5.07 -32.74 -22.58
C ILE E 60 4.67 -34.22 -22.52
N LEU E 61 4.02 -34.65 -21.43
CA LEU E 61 3.55 -36.04 -21.35
C LEU E 61 2.42 -36.31 -22.34
N VAL E 62 1.51 -35.36 -22.52
CA VAL E 62 0.33 -35.62 -23.36
C VAL E 62 0.67 -35.44 -24.83
N MET E 63 1.29 -34.31 -25.21
CA MET E 63 1.47 -33.98 -26.61
C MET E 63 2.88 -34.20 -27.12
N GLY E 64 3.81 -34.62 -26.27
CA GLY E 64 5.16 -34.86 -26.74
C GLY E 64 5.51 -36.34 -26.79
N TYR E 65 4.95 -37.11 -25.86
CA TYR E 65 5.24 -38.55 -25.77
C TYR E 65 4.12 -39.42 -26.32
N GLN E 66 2.86 -39.02 -26.11
CA GLN E 66 1.72 -39.85 -26.49
C GLN E 66 1.18 -39.55 -27.87
N LYS E 67 1.72 -38.51 -28.54
CA LYS E 67 1.29 -38.06 -29.87
C LYS E 67 -0.20 -37.71 -29.86
N LYS E 68 -0.53 -36.63 -29.16
CA LYS E 68 -1.89 -36.12 -29.13
C LYS E 68 -2.02 -34.77 -29.85
N LEU E 69 -0.97 -34.29 -30.49
CA LEU E 69 -1.05 -33.05 -31.24
C LEU E 69 -1.82 -33.26 -32.54
N ARG E 70 -2.71 -32.31 -32.84
CA ARG E 70 -3.55 -32.38 -34.03
C ARG E 70 -3.24 -31.25 -35.01
N SER E 71 -3.28 -30.00 -34.55
CA SER E 71 -3.05 -28.88 -35.45
C SER E 71 -1.56 -28.61 -35.59
N MET E 72 -1.22 -27.71 -36.51
CA MET E 72 0.18 -27.40 -36.80
C MET E 72 0.81 -26.53 -35.71
N THR E 73 -0.02 -25.75 -35.00
CA THR E 73 0.48 -24.80 -34.01
C THR E 73 1.08 -25.50 -32.79
N ASP E 74 0.46 -26.61 -32.35
CA ASP E 74 0.78 -27.26 -31.07
C ASP E 74 2.22 -27.72 -30.98
N LYS E 75 2.83 -28.14 -32.10
CA LYS E 75 4.24 -28.50 -32.14
C LYS E 75 5.11 -27.37 -31.62
N TYR E 76 4.87 -26.14 -32.12
CA TYR E 76 5.58 -24.97 -31.62
C TYR E 76 5.33 -24.77 -30.14
N ARG E 77 4.07 -24.96 -29.70
CA ARG E 77 3.74 -24.85 -28.29
C ARG E 77 4.46 -25.90 -27.48
N LEU E 78 4.62 -27.11 -28.05
CA LEU E 78 5.40 -28.16 -27.39
C LEU E 78 6.84 -27.70 -27.20
N HIS E 79 7.42 -27.06 -28.24
CA HIS E 79 8.74 -26.47 -28.14
C HIS E 79 8.79 -25.44 -27.03
N LEU E 80 7.75 -24.61 -26.95
CA LEU E 80 7.65 -23.59 -25.91
C LEU E 80 7.64 -24.24 -24.54
N SER E 81 6.89 -25.34 -24.40
CA SER E 81 6.79 -26.03 -23.12
C SER E 81 8.12 -26.61 -22.73
N VAL E 82 8.90 -27.10 -23.71
CA VAL E 82 10.22 -27.63 -23.44
C VAL E 82 11.11 -26.52 -22.87
N ALA E 83 11.06 -25.34 -23.51
CA ALA E 83 11.80 -24.19 -23.00
C ALA E 83 11.29 -23.79 -21.63
N ASP E 84 9.97 -23.83 -21.45
CA ASP E 84 9.37 -23.50 -20.17
C ASP E 84 9.80 -24.50 -19.11
N LEU E 85 9.88 -25.78 -19.49
CA LEU E 85 10.34 -26.82 -18.57
C LEU E 85 11.77 -26.55 -18.15
N LEU E 86 12.59 -26.11 -19.11
CA LEU E 86 13.99 -25.85 -18.83
C LEU E 86 14.15 -24.71 -17.84
N PHE E 87 13.21 -23.76 -17.84
CA PHE E 87 13.30 -22.68 -16.88
C PHE E 87 12.89 -23.16 -15.48
N VAL E 88 11.83 -23.96 -15.39
CA VAL E 88 11.28 -24.22 -14.05
C VAL E 88 12.06 -25.28 -13.30
N ILE E 89 13.02 -25.93 -13.96
CA ILE E 89 14.02 -26.71 -13.23
C ILE E 89 14.88 -25.78 -12.38
N THR E 90 15.30 -24.65 -12.94
CA THR E 90 16.22 -23.75 -12.26
C THR E 90 15.53 -22.64 -11.49
N LEU E 91 14.19 -22.63 -11.46
CA LEU E 91 13.48 -21.62 -10.67
C LEU E 91 13.66 -21.71 -9.16
N PRO E 92 13.68 -22.89 -8.50
CA PRO E 92 13.95 -22.88 -7.04
C PRO E 92 15.33 -22.36 -6.66
N PHE E 93 16.34 -22.48 -7.53
CA PHE E 93 17.68 -21.95 -7.26
C PHE E 93 17.63 -20.46 -6.99
N TRP E 94 16.97 -19.71 -7.89
CA TRP E 94 16.72 -18.29 -7.69
C TRP E 94 15.95 -18.03 -6.41
N ALA E 95 15.03 -18.93 -6.05
CA ALA E 95 14.28 -18.81 -4.80
C ALA E 95 15.22 -18.85 -3.61
N VAL E 96 16.22 -19.75 -3.64
CA VAL E 96 17.26 -19.75 -2.62
C VAL E 96 18.02 -18.44 -2.66
N ASP E 97 18.37 -18.00 -3.87
CA ASP E 97 19.05 -16.72 -4.05
C ASP E 97 18.15 -15.54 -3.69
N ALA E 98 16.85 -15.75 -3.58
CA ALA E 98 15.98 -14.68 -3.10
C ALA E 98 16.14 -14.46 -1.60
N VAL E 99 16.29 -15.54 -0.83
CA VAL E 99 16.22 -15.39 0.62
C VAL E 99 17.53 -15.77 1.31
N ALA E 100 18.28 -16.71 0.76
CA ALA E 100 19.66 -16.97 1.14
C ALA E 100 20.55 -16.43 0.05
N ASN E 101 21.82 -16.76 0.09
CA ASN E 101 22.73 -16.41 -0.99
C ASN E 101 23.29 -17.68 -1.62
N TRP E 102 24.01 -17.49 -2.73
CA TRP E 102 24.37 -18.60 -3.60
C TRP E 102 25.47 -19.45 -2.97
N TYR E 103 25.21 -20.76 -2.88
CA TYR E 103 26.14 -21.71 -2.29
C TYR E 103 26.56 -22.81 -3.27
N PHE E 104 26.14 -22.72 -4.54
CA PHE E 104 26.28 -23.83 -5.47
C PHE E 104 27.45 -23.69 -6.42
N GLY E 105 28.38 -22.78 -6.14
CA GLY E 105 29.56 -22.64 -6.97
C GLY E 105 29.31 -21.82 -8.21
N ASN E 106 30.26 -21.90 -9.14
CA ASN E 106 30.21 -21.10 -10.35
C ASN E 106 29.61 -21.85 -11.54
N PHE E 107 29.74 -23.18 -11.58
CA PHE E 107 29.19 -23.95 -12.70
C PHE E 107 27.67 -23.95 -12.68
N LEU E 108 27.07 -24.10 -11.50
CA LEU E 108 25.62 -24.01 -11.38
C LEU E 108 25.12 -22.59 -11.66
N CYS E 109 25.90 -21.58 -11.29
CA CYS E 109 25.56 -20.19 -11.60
C CYS E 109 25.55 -19.96 -13.11
N LYS E 110 26.57 -20.47 -13.80
CA LYS E 110 26.64 -20.36 -15.26
C LYS E 110 25.49 -21.13 -15.92
N ALA E 111 25.18 -22.33 -15.42
CA ALA E 111 24.11 -23.13 -16.00
C ALA E 111 22.74 -22.50 -15.81
N VAL E 112 22.48 -21.94 -14.63
CA VAL E 112 21.21 -21.28 -14.35
C VAL E 112 21.06 -20.03 -15.21
N HIS E 113 22.14 -19.25 -15.35
CA HIS E 113 22.09 -18.05 -16.18
C HIS E 113 21.87 -18.38 -17.66
N VAL E 114 22.60 -19.38 -18.18
CA VAL E 114 22.49 -19.71 -19.60
C VAL E 114 21.12 -20.33 -19.89
N ILE E 115 20.55 -21.06 -18.92
CA ILE E 115 19.21 -21.64 -19.11
C ILE E 115 18.15 -20.54 -19.13
N TYR E 116 18.28 -19.54 -18.24
CA TYR E 116 17.30 -18.45 -18.22
C TYR E 116 17.38 -17.60 -19.48
N THR E 117 18.59 -17.33 -19.97
CA THR E 117 18.72 -16.50 -21.18
C THR E 117 18.23 -17.26 -22.41
N VAL E 118 18.52 -18.57 -22.49
CA VAL E 118 18.02 -19.41 -23.57
C VAL E 118 16.50 -19.45 -23.59
N ASN E 119 15.88 -19.62 -22.41
CA ASN E 119 14.42 -19.65 -22.34
C ASN E 119 13.79 -18.30 -22.69
N LEU E 120 14.41 -17.20 -22.23
CA LEU E 120 13.87 -15.87 -22.46
C LEU E 120 13.91 -15.49 -23.94
N TYR E 121 15.00 -15.82 -24.64
CA TYR E 121 14.99 -15.55 -26.07
C TYR E 121 14.17 -16.56 -26.87
N SER E 122 14.15 -17.82 -26.42
CA SER E 122 13.50 -18.87 -27.17
C SER E 122 11.98 -18.74 -27.17
N SER E 123 11.39 -18.27 -26.05
CA SER E 123 9.94 -18.12 -26.01
C SER E 123 9.46 -17.04 -26.98
N VAL E 124 10.16 -15.90 -27.04
CA VAL E 124 9.71 -14.84 -27.94
C VAL E 124 10.02 -15.17 -29.40
N LEU E 125 11.10 -15.91 -29.68
CA LEU E 125 11.32 -16.35 -31.06
C LEU E 125 10.31 -17.41 -31.48
N ILE E 126 9.88 -18.25 -30.53
CA ILE E 126 8.82 -19.23 -30.80
C ILE E 126 7.51 -18.52 -31.11
N LEU E 127 7.17 -17.47 -30.35
CA LEU E 127 5.94 -16.73 -30.64
C LEU E 127 6.01 -15.97 -31.96
N ALA E 128 7.19 -15.48 -32.35
CA ALA E 128 7.35 -14.91 -33.68
C ALA E 128 7.11 -15.95 -34.76
N PHE E 129 7.60 -17.18 -34.53
CA PHE E 129 7.35 -18.27 -35.48
C PHE E 129 5.87 -18.65 -35.55
N ILE E 130 5.18 -18.66 -34.40
CA ILE E 130 3.74 -18.98 -34.39
C ILE E 130 2.95 -17.91 -35.14
N SER E 131 3.30 -16.63 -34.93
CA SER E 131 2.60 -15.55 -35.62
C SER E 131 2.85 -15.58 -37.13
N LEU E 132 4.08 -15.90 -37.54
CA LEU E 132 4.35 -15.98 -38.97
C LEU E 132 3.72 -17.23 -39.58
N ASP E 133 3.57 -18.29 -38.79
CA ASP E 133 2.83 -19.48 -39.25
C ASP E 133 1.36 -19.16 -39.43
N ARG E 134 0.78 -18.36 -38.53
CA ARG E 134 -0.61 -17.93 -38.68
C ARG E 134 -0.77 -17.03 -39.90
N TYR E 135 0.22 -16.19 -40.18
CA TYR E 135 0.19 -15.36 -41.39
C TYR E 135 0.26 -16.22 -42.65
N LEU E 136 1.09 -17.28 -42.62
CA LEU E 136 1.15 -18.19 -43.76
C LEU E 136 -0.14 -18.99 -43.93
N ALA E 137 -0.79 -19.37 -42.83
CA ALA E 137 -1.99 -20.17 -42.91
C ALA E 137 -3.22 -19.36 -43.32
N ILE E 138 -3.31 -18.11 -42.86
CA ILE E 138 -4.52 -17.32 -43.11
C ILE E 138 -4.49 -16.73 -44.52
N VAL E 139 -3.38 -16.10 -44.90
CA VAL E 139 -3.32 -15.39 -46.17
C VAL E 139 -3.11 -16.38 -47.32
N HIS E 140 -2.10 -17.25 -47.20
CA HIS E 140 -1.83 -18.25 -48.22
C HIS E 140 -2.44 -19.59 -47.80
N ALA E 141 -3.76 -19.64 -47.86
CA ALA E 141 -4.50 -20.82 -47.45
C ALA E 141 -4.61 -21.87 -48.55
N THR E 142 -4.09 -21.61 -49.75
CA THR E 142 -4.22 -22.51 -50.88
C THR E 142 -2.93 -23.21 -51.26
N ASN E 143 -1.82 -22.47 -51.40
CA ASN E 143 -0.58 -23.01 -51.90
C ASN E 143 0.50 -23.16 -50.84
N SER E 144 0.19 -22.91 -49.57
CA SER E 144 1.18 -22.99 -48.50
C SER E 144 0.74 -24.05 -47.49
N GLN E 145 1.11 -25.29 -47.76
CA GLN E 145 0.94 -26.39 -46.82
C GLN E 145 2.24 -27.15 -46.59
N ARG E 146 3.06 -27.34 -47.63
CA ARG E 146 4.41 -27.87 -47.53
C ARG E 146 5.44 -26.85 -47.01
N PRO E 147 5.38 -25.55 -47.36
CA PRO E 147 6.21 -24.59 -46.61
C PRO E 147 5.90 -24.52 -45.12
N ARG E 148 4.65 -24.73 -44.70
CA ARG E 148 4.34 -24.78 -43.28
C ARG E 148 4.96 -25.99 -42.62
N LYS E 149 4.96 -27.14 -43.30
CA LYS E 149 5.60 -28.33 -42.77
C LYS E 149 7.12 -28.16 -42.70
N LEU E 150 7.71 -27.53 -43.71
CA LEU E 150 9.15 -27.24 -43.67
C LEU E 150 9.48 -26.24 -42.58
N LEU E 151 8.55 -25.30 -42.32
CA LEU E 151 8.69 -24.37 -41.22
C LEU E 151 8.65 -25.06 -39.86
N ALA E 152 7.75 -26.02 -39.68
CA ALA E 152 7.53 -26.62 -38.37
C ALA E 152 8.41 -27.82 -38.08
N GLU E 153 9.04 -28.43 -39.09
CA GLU E 153 9.89 -29.59 -38.86
C GLU E 153 11.38 -29.29 -38.96
N LYS E 154 11.83 -28.72 -40.07
CA LYS E 154 13.27 -28.62 -40.33
C LYS E 154 13.86 -27.29 -39.87
N VAL E 155 13.34 -26.17 -40.39
CA VAL E 155 14.00 -24.87 -40.21
C VAL E 155 13.65 -24.23 -38.87
N VAL E 156 12.78 -24.86 -38.08
CA VAL E 156 12.39 -24.29 -36.78
C VAL E 156 13.58 -24.29 -35.81
N TYR E 157 14.42 -25.32 -35.87
CA TYR E 157 15.54 -25.44 -34.93
C TYR E 157 16.58 -24.36 -35.17
N VAL E 158 16.99 -24.16 -36.42
CA VAL E 158 17.87 -23.05 -36.76
C VAL E 158 17.14 -21.71 -36.72
N GLY E 159 15.81 -21.70 -36.63
CA GLY E 159 15.07 -20.48 -36.45
C GLY E 159 15.10 -19.93 -35.04
N VAL E 160 14.82 -20.77 -34.04
CA VAL E 160 14.74 -20.33 -32.65
C VAL E 160 15.92 -20.81 -31.81
N TRP E 161 16.23 -22.11 -31.85
CA TRP E 161 17.12 -22.67 -30.83
C TRP E 161 18.59 -22.32 -31.08
N ILE E 162 19.02 -22.32 -32.34
CA ILE E 162 20.37 -21.92 -32.71
C ILE E 162 20.65 -20.43 -32.43
N PRO E 163 19.79 -19.45 -32.80
CA PRO E 163 20.06 -18.08 -32.34
C PRO E 163 19.98 -17.88 -30.83
N ALA E 164 19.10 -18.61 -30.14
CA ALA E 164 19.03 -18.51 -28.69
C ALA E 164 20.29 -19.07 -28.03
N LEU E 165 20.88 -20.11 -28.62
CA LEU E 165 22.13 -20.62 -28.10
C LEU E 165 23.31 -19.72 -28.46
N LEU E 166 23.27 -19.10 -29.65
CA LEU E 166 24.35 -18.21 -30.05
C LEU E 166 24.31 -16.88 -29.32
N LEU E 167 23.16 -16.51 -28.74
CA LEU E 167 23.05 -15.30 -27.95
C LEU E 167 23.48 -15.47 -26.50
N THR E 168 24.14 -16.59 -26.17
CA THR E 168 24.52 -16.89 -24.79
C THR E 168 26.03 -16.97 -24.58
N ILE E 169 26.83 -16.58 -25.59
CA ILE E 169 28.28 -16.57 -25.42
C ILE E 169 28.75 -15.57 -24.36
N PRO E 170 28.30 -14.30 -24.34
CA PRO E 170 28.69 -13.44 -23.20
C PRO E 170 28.09 -13.88 -21.88
N ASP E 171 27.00 -14.63 -21.92
CA ASP E 171 26.52 -15.29 -20.71
C ASP E 171 27.44 -16.42 -20.29
N PHE E 172 28.09 -17.06 -21.26
CA PHE E 172 28.98 -18.18 -20.94
C PHE E 172 30.30 -17.69 -20.34
N ILE E 173 30.83 -16.56 -20.81
CA ILE E 173 32.14 -16.15 -20.30
C ILE E 173 32.00 -15.32 -19.03
N PHE E 174 31.01 -14.42 -18.96
CA PHE E 174 31.02 -13.34 -17.98
C PHE E 174 30.26 -13.65 -16.70
N ALA E 175 29.46 -14.71 -16.67
CA ALA E 175 28.67 -15.02 -15.48
C ALA E 175 29.54 -15.79 -14.49
N ASN E 176 29.63 -15.28 -13.26
CA ASN E 176 30.50 -15.86 -12.26
C ASN E 176 29.94 -15.59 -10.87
N VAL E 177 30.76 -15.88 -9.86
CA VAL E 177 30.48 -15.66 -8.44
C VAL E 177 31.56 -14.75 -7.89
N SER E 178 31.15 -13.70 -7.18
CA SER E 178 32.08 -12.71 -6.67
C SER E 178 32.39 -12.99 -5.20
N GLU E 179 33.14 -12.09 -4.58
CA GLU E 179 33.52 -12.17 -3.17
C GLU E 179 32.92 -10.95 -2.48
N ALA E 180 31.67 -11.07 -2.05
CA ALA E 180 30.99 -9.99 -1.36
C ALA E 180 31.20 -10.16 0.15
N ASP E 181 30.43 -9.40 0.94
CA ASP E 181 30.54 -9.45 2.40
C ASP E 181 29.89 -10.75 2.90
N ASP E 182 30.68 -11.83 2.81
CA ASP E 182 30.29 -13.24 2.99
C ASP E 182 28.91 -13.55 2.39
N ARG E 183 28.79 -13.27 1.10
CA ARG E 183 27.57 -13.56 0.35
C ARG E 183 27.78 -14.57 -0.77
N TYR E 184 28.82 -14.39 -1.58
CA TYR E 184 29.07 -15.13 -2.83
C TYR E 184 27.87 -15.04 -3.78
N ILE E 185 27.60 -13.82 -4.26
CA ILE E 185 26.47 -13.59 -5.15
C ILE E 185 26.79 -14.09 -6.56
N CYS E 186 25.75 -14.48 -7.30
CA CYS E 186 25.87 -15.04 -8.63
C CYS E 186 25.34 -14.06 -9.67
N ASP E 187 26.22 -13.56 -10.53
CA ASP E 187 25.81 -12.59 -11.55
C ASP E 187 26.88 -12.52 -12.63
N ARG E 188 26.57 -11.81 -13.70
CA ARG E 188 27.61 -11.48 -14.67
C ARG E 188 28.31 -10.19 -14.26
N PHE E 189 29.63 -10.15 -14.48
CA PHE E 189 30.45 -9.02 -14.09
C PHE E 189 31.19 -8.53 -15.31
N TYR E 190 30.93 -7.29 -15.70
CA TYR E 190 31.45 -6.72 -16.93
C TYR E 190 32.72 -5.92 -16.66
N PRO E 191 33.61 -5.79 -17.65
CA PRO E 191 34.79 -4.93 -17.46
C PRO E 191 34.48 -3.47 -17.23
N ASN E 192 33.42 -2.94 -17.84
CA ASN E 192 33.02 -1.56 -17.64
C ASN E 192 31.53 -1.42 -17.92
N ASP E 193 31.01 -0.21 -17.69
CA ASP E 193 29.57 0.03 -17.82
C ASP E 193 29.13 0.13 -19.28
N LEU E 194 30.05 0.38 -20.21
CA LEU E 194 29.69 0.43 -21.62
C LEU E 194 29.16 -0.92 -22.10
N TRP E 195 29.74 -2.01 -21.60
CA TRP E 195 29.29 -3.34 -21.96
C TRP E 195 27.88 -3.62 -21.43
N VAL E 196 27.55 -3.16 -20.22
CA VAL E 196 26.22 -3.46 -19.70
C VAL E 196 25.16 -2.60 -20.36
N VAL E 197 25.51 -1.37 -20.79
CA VAL E 197 24.57 -0.59 -21.59
C VAL E 197 24.34 -1.23 -22.96
N VAL E 198 25.41 -1.69 -23.62
CA VAL E 198 25.26 -2.34 -24.93
C VAL E 198 24.44 -3.62 -24.83
N PHE E 199 24.70 -4.44 -23.80
CA PHE E 199 23.97 -5.68 -23.68
C PHE E 199 22.54 -5.49 -23.21
N GLN E 200 22.26 -4.46 -22.39
CA GLN E 200 20.88 -4.15 -22.04
C GLN E 200 20.10 -3.62 -23.23
N PHE E 201 20.74 -2.78 -24.07
CA PHE E 201 20.07 -2.29 -25.28
C PHE E 201 19.80 -3.42 -26.26
N GLN E 202 20.75 -4.36 -26.40
CA GLN E 202 20.55 -5.50 -27.28
C GLN E 202 19.46 -6.42 -26.73
N HIS E 203 19.40 -6.57 -25.40
CA HIS E 203 18.35 -7.38 -24.79
C HIS E 203 16.98 -6.77 -25.02
N ILE E 204 16.87 -5.44 -24.89
CA ILE E 204 15.61 -4.74 -25.15
C ILE E 204 15.20 -4.91 -26.60
N MET E 205 16.17 -4.76 -27.52
CA MET E 205 15.90 -4.88 -28.95
C MET E 205 15.41 -6.27 -29.32
N VAL E 206 16.21 -7.31 -29.05
CA VAL E 206 15.86 -8.67 -29.45
C VAL E 206 14.66 -9.20 -28.65
N GLY E 207 14.45 -8.76 -27.42
CA GLY E 207 13.31 -9.24 -26.67
C GLY E 207 11.99 -8.55 -26.97
N LEU E 208 12.02 -7.31 -27.46
CA LEU E 208 10.72 -6.67 -27.63
C LEU E 208 10.50 -6.06 -29.00
N ILE E 209 11.52 -5.46 -29.62
CA ILE E 209 11.29 -4.56 -30.74
C ILE E 209 11.07 -5.32 -32.03
N LEU E 210 12.08 -6.10 -32.46
CA LEU E 210 11.96 -6.82 -33.73
C LEU E 210 10.91 -7.94 -33.73
N PRO E 211 10.84 -8.85 -32.73
CA PRO E 211 9.71 -9.81 -32.74
C PRO E 211 8.36 -9.16 -32.51
N GLY E 212 8.30 -8.07 -31.74
CA GLY E 212 7.05 -7.35 -31.60
C GLY E 212 6.58 -6.71 -32.90
N ILE E 213 7.51 -6.15 -33.66
CA ILE E 213 7.20 -5.58 -34.98
C ILE E 213 6.75 -6.68 -35.94
N VAL E 214 7.41 -7.85 -35.90
CA VAL E 214 7.04 -8.96 -36.76
C VAL E 214 5.64 -9.48 -36.43
N ILE E 215 5.35 -9.64 -35.14
CA ILE E 215 4.04 -10.14 -34.69
C ILE E 215 2.94 -9.14 -35.04
N LEU E 216 3.19 -7.85 -34.81
CA LEU E 216 2.21 -6.81 -35.13
C LEU E 216 1.98 -6.71 -36.64
N SER E 217 3.02 -6.87 -37.45
CA SER E 217 2.86 -6.81 -38.90
C SER E 217 2.06 -7.99 -39.42
N CYS E 218 2.37 -9.20 -38.96
CA CYS E 218 1.60 -10.37 -39.38
C CYS E 218 0.15 -10.31 -38.90
N TYR E 219 -0.09 -9.78 -37.71
CA TYR E 219 -1.47 -9.70 -37.22
C TYR E 219 -2.25 -8.58 -37.91
N CYS E 220 -1.59 -7.47 -38.27
CA CYS E 220 -2.25 -6.43 -39.06
C CYS E 220 -2.62 -6.95 -40.44
N ILE E 221 -1.73 -7.73 -41.08
CA ILE E 221 -2.04 -8.33 -42.38
C ILE E 221 -3.18 -9.35 -42.24
N ILE E 222 -3.18 -10.12 -41.14
CA ILE E 222 -4.24 -11.11 -40.90
C ILE E 222 -5.59 -10.43 -40.71
N ILE E 223 -5.63 -9.33 -39.95
CA ILE E 223 -6.87 -8.62 -39.71
C ILE E 223 -7.35 -7.92 -40.98
N SER E 224 -6.42 -7.38 -41.78
CA SER E 224 -6.80 -6.75 -43.04
C SER E 224 -7.34 -7.76 -44.06
N LYS E 225 -6.73 -8.95 -44.13
CA LYS E 225 -7.19 -9.97 -45.05
C LYS E 225 -8.46 -10.68 -44.57
N LEU E 226 -8.69 -10.73 -43.26
CA LEU E 226 -9.86 -11.40 -42.70
C LEU E 226 -11.16 -10.62 -42.90
N SER E 227 -11.08 -9.35 -43.27
CA SER E 227 -12.30 -8.57 -43.52
C SER E 227 -12.97 -8.99 -44.82
N HIS E 228 -12.21 -9.55 -45.76
CA HIS E 228 -12.78 -10.04 -47.01
C HIS E 228 -13.56 -11.33 -46.84
N SER E 229 -13.33 -12.06 -45.76
CA SER E 229 -14.07 -13.29 -45.51
C SER E 229 -15.51 -12.99 -45.10
N LYS E 230 -16.41 -13.92 -45.42
CA LYS E 230 -17.83 -13.76 -45.13
C LYS E 230 -18.21 -14.37 -43.79
N GLY E 231 -17.49 -13.97 -42.74
CA GLY E 231 -17.75 -14.48 -41.40
C GLY E 231 -17.45 -15.95 -41.23
N HIS E 232 -16.31 -16.39 -41.74
CA HIS E 232 -15.94 -17.80 -41.68
C HIS E 232 -15.52 -18.19 -40.26
N GLN E 233 -15.50 -19.50 -40.02
CA GLN E 233 -15.15 -20.06 -38.72
C GLN E 233 -13.66 -20.34 -38.59
N LYS E 234 -12.85 -19.92 -39.56
CA LYS E 234 -11.41 -20.16 -39.52
C LYS E 234 -10.68 -19.29 -38.51
N ARG E 235 -11.34 -18.27 -37.95
CA ARG E 235 -10.73 -17.41 -36.95
C ARG E 235 -10.97 -17.89 -35.53
N LYS E 236 -11.57 -19.07 -35.35
CA LYS E 236 -11.80 -19.60 -34.01
C LYS E 236 -10.49 -20.03 -33.35
N ALA E 237 -9.53 -20.50 -34.15
CA ALA E 237 -8.23 -20.86 -33.62
C ALA E 237 -7.29 -19.67 -33.46
N LEU E 238 -7.67 -18.50 -33.99
CA LEU E 238 -6.85 -17.30 -33.84
C LEU E 238 -6.95 -16.71 -32.44
N LYS E 239 -8.06 -16.97 -31.74
CA LYS E 239 -8.31 -16.36 -30.43
C LYS E 239 -7.32 -16.82 -29.38
N THR E 240 -7.03 -18.13 -29.33
CA THR E 240 -6.07 -18.66 -28.37
C THR E 240 -4.66 -18.14 -28.65
N THR E 241 -4.31 -18.01 -29.92
CA THR E 241 -3.00 -17.50 -30.29
C THR E 241 -2.82 -16.03 -29.91
N VAL E 242 -3.83 -15.20 -30.21
CA VAL E 242 -3.70 -13.78 -29.86
C VAL E 242 -3.80 -13.59 -28.35
N ILE E 243 -4.52 -14.45 -27.64
CA ILE E 243 -4.59 -14.37 -26.18
C ILE E 243 -3.25 -14.73 -25.57
N LEU E 244 -2.59 -15.78 -26.08
CA LEU E 244 -1.28 -16.18 -25.58
C LEU E 244 -0.22 -15.12 -25.85
N ILE E 245 -0.22 -14.54 -27.05
CA ILE E 245 0.77 -13.53 -27.40
C ILE E 245 0.55 -12.25 -26.61
N LEU E 246 -0.72 -11.83 -26.45
CA LEU E 246 -1.04 -10.63 -25.68
C LEU E 246 -0.71 -10.82 -24.20
N ALA E 247 -0.95 -12.03 -23.67
CA ALA E 247 -0.62 -12.29 -22.26
C ALA E 247 0.89 -12.31 -22.04
N PHE E 248 1.65 -12.86 -22.99
CA PHE E 248 3.11 -12.84 -22.91
C PHE E 248 3.65 -11.40 -22.91
N PHE E 249 3.15 -10.57 -23.84
CA PHE E 249 3.69 -9.22 -23.94
C PHE E 249 3.19 -8.33 -22.80
N ALA E 250 1.98 -8.59 -22.28
CA ALA E 250 1.52 -7.85 -21.11
C ALA E 250 2.27 -8.28 -19.85
N CYS E 251 2.75 -9.52 -19.81
CA CYS E 251 3.60 -9.93 -18.69
C CYS E 251 4.98 -9.28 -18.78
N TRP E 252 5.54 -9.17 -19.99
CA TRP E 252 6.91 -8.69 -20.13
C TRP E 252 7.03 -7.18 -20.33
N LEU E 253 5.92 -6.45 -20.51
CA LEU E 253 6.02 -5.02 -20.77
C LEU E 253 6.55 -4.17 -19.60
N PRO E 254 6.06 -4.29 -18.34
CA PRO E 254 6.61 -3.42 -17.30
C PRO E 254 8.06 -3.65 -16.96
N TYR E 255 8.55 -4.89 -17.09
CA TYR E 255 9.97 -5.16 -16.89
C TYR E 255 10.82 -4.49 -17.97
N TYR E 256 10.34 -4.51 -19.22
CA TYR E 256 11.07 -3.88 -20.30
C TYR E 256 11.08 -2.37 -20.18
N ILE E 257 9.96 -1.78 -19.74
CA ILE E 257 9.91 -0.34 -19.49
C ILE E 257 10.85 0.03 -18.34
N GLY E 258 10.89 -0.80 -17.29
CA GLY E 258 11.80 -0.55 -16.18
C GLY E 258 13.26 -0.65 -16.55
N ILE E 259 13.63 -1.65 -17.36
CA ILE E 259 15.05 -1.74 -17.74
C ILE E 259 15.40 -0.68 -18.79
N SER E 260 14.42 -0.18 -19.55
CA SER E 260 14.68 0.95 -20.43
C SER E 260 14.99 2.21 -19.62
N ILE E 261 14.21 2.45 -18.57
CA ILE E 261 14.45 3.60 -17.70
C ILE E 261 15.76 3.42 -16.93
N ASP E 262 16.08 2.19 -16.53
CA ASP E 262 17.32 1.91 -15.82
C ASP E 262 18.54 2.06 -16.73
N SER E 263 18.40 1.70 -18.01
CA SER E 263 19.49 1.93 -18.96
C SER E 263 19.64 3.41 -19.26
N PHE E 264 18.54 4.16 -19.24
CA PHE E 264 18.64 5.60 -19.41
C PHE E 264 19.09 6.32 -18.14
N ILE E 265 19.09 5.63 -16.99
CA ILE E 265 19.73 6.17 -15.80
C ILE E 265 21.24 6.28 -16.01
N LEU E 266 21.81 5.28 -16.66
CA LEU E 266 23.17 5.38 -17.16
C LEU E 266 23.24 6.33 -18.35
N LEU E 267 24.47 6.57 -18.82
CA LEU E 267 24.83 7.56 -19.86
C LEU E 267 24.50 9.00 -19.45
N GLU E 268 24.26 9.23 -18.15
CA GLU E 268 24.07 10.56 -17.54
C GLU E 268 22.93 11.35 -18.21
N ILE E 269 21.72 10.79 -18.11
CA ILE E 269 20.53 11.40 -18.69
C ILE E 269 19.55 11.85 -17.62
N ILE E 270 19.16 10.94 -16.73
CA ILE E 270 18.21 11.25 -15.66
C ILE E 270 18.92 11.08 -14.32
N LYS E 271 20.20 11.47 -14.28
CA LYS E 271 21.11 11.23 -13.17
C LYS E 271 20.66 11.90 -11.86
N GLN E 272 19.77 12.91 -11.91
CA GLN E 272 19.43 13.72 -10.75
C GLN E 272 18.74 12.94 -9.63
N GLY E 273 18.18 11.77 -9.92
CA GLY E 273 17.62 10.94 -8.87
C GLY E 273 18.61 9.92 -8.34
N CYS E 274 18.79 9.88 -7.02
CA CYS E 274 19.64 8.88 -6.38
C CYS E 274 18.83 7.79 -5.69
N GLU E 275 17.82 8.18 -4.91
CA GLU E 275 16.88 7.20 -4.36
C GLU E 275 15.91 6.71 -5.43
N PHE E 276 15.75 7.50 -6.50
CA PHE E 276 14.96 7.05 -7.65
C PHE E 276 15.58 5.84 -8.32
N GLU E 277 16.92 5.76 -8.32
CA GLU E 277 17.61 4.59 -8.85
C GLU E 277 17.31 3.34 -8.01
N ASN E 278 17.24 3.50 -6.69
CA ASN E 278 16.89 2.37 -5.82
C ASN E 278 15.43 1.95 -6.00
N THR E 279 14.54 2.93 -6.20
CA THR E 279 13.15 2.61 -6.51
C THR E 279 13.03 1.88 -7.84
N VAL E 280 13.86 2.28 -8.82
CA VAL E 280 13.91 1.60 -10.11
C VAL E 280 14.38 0.16 -9.95
N HIS E 281 15.39 -0.07 -9.11
CA HIS E 281 15.88 -1.44 -8.89
C HIS E 281 14.85 -2.30 -8.17
N LYS E 282 14.13 -1.73 -7.21
CA LYS E 282 13.05 -2.48 -6.55
C LYS E 282 11.92 -2.80 -7.52
N TRP E 283 11.60 -1.86 -8.41
CA TRP E 283 10.62 -2.09 -9.47
C TRP E 283 11.08 -3.18 -10.42
N ILE E 284 12.39 -3.23 -10.72
CA ILE E 284 12.95 -4.25 -11.59
C ILE E 284 12.82 -5.63 -10.95
N SER E 285 13.14 -5.74 -9.66
CA SER E 285 13.01 -7.03 -8.97
C SER E 285 11.55 -7.50 -8.90
N ILE E 286 10.63 -6.59 -8.60
CA ILE E 286 9.22 -6.96 -8.48
C ILE E 286 8.64 -7.34 -9.84
N THR E 287 8.91 -6.55 -10.88
CA THR E 287 8.36 -6.84 -12.20
C THR E 287 9.04 -8.03 -12.85
N GLU E 288 10.31 -8.30 -12.51
CA GLU E 288 10.97 -9.51 -13.00
C GLU E 288 10.41 -10.75 -12.32
N ALA E 289 10.03 -10.64 -11.04
CA ALA E 289 9.34 -11.75 -10.38
C ALA E 289 7.96 -11.98 -11.00
N LEU E 290 7.24 -10.90 -11.31
CA LEU E 290 5.91 -11.02 -11.89
C LEU E 290 5.92 -11.41 -13.36
N ALA E 291 7.04 -11.19 -14.06
CA ALA E 291 7.12 -11.50 -15.48
C ALA E 291 7.53 -12.94 -15.75
N PHE E 292 7.75 -13.75 -14.72
CA PHE E 292 7.99 -15.18 -14.91
C PHE E 292 6.70 -15.96 -15.04
N PHE E 293 5.54 -15.29 -15.02
CA PHE E 293 4.24 -15.91 -15.20
C PHE E 293 3.97 -16.30 -16.65
N HIS E 294 4.89 -16.04 -17.57
CA HIS E 294 4.74 -16.52 -18.95
C HIS E 294 4.94 -18.02 -19.05
N CYS E 295 5.62 -18.64 -18.08
CA CYS E 295 5.65 -20.10 -18.01
C CYS E 295 4.33 -20.65 -17.47
N CYS E 296 3.64 -19.86 -16.65
CA CYS E 296 2.38 -20.29 -16.07
C CYS E 296 1.27 -20.35 -17.12
N LEU E 297 1.24 -19.39 -18.05
CA LEU E 297 0.09 -19.19 -18.91
C LEU E 297 0.13 -20.01 -20.20
N ASN E 298 1.17 -20.80 -20.43
CA ASN E 298 1.12 -21.69 -21.60
C ASN E 298 0.30 -22.96 -21.36
N PRO E 299 0.41 -23.70 -20.24
CA PRO E 299 -0.53 -24.81 -20.04
C PRO E 299 -1.87 -24.42 -19.46
N ILE E 300 -1.97 -23.21 -18.88
CA ILE E 300 -3.26 -22.70 -18.44
C ILE E 300 -4.17 -22.47 -19.65
N LEU E 301 -3.60 -21.98 -20.75
CA LEU E 301 -4.34 -21.86 -22.01
C LEU E 301 -4.72 -23.20 -22.61
N TYR E 302 -4.03 -24.28 -22.24
CA TYR E 302 -4.46 -25.61 -22.64
C TYR E 302 -5.51 -26.19 -21.70
N ALA E 303 -5.52 -25.78 -20.43
CA ALA E 303 -6.58 -26.19 -19.51
C ALA E 303 -7.92 -25.63 -19.94
N PHE E 304 -7.95 -24.36 -20.34
CA PHE E 304 -9.11 -23.78 -21.01
C PHE E 304 -8.93 -23.97 -22.51
N LEU E 305 -9.75 -23.29 -23.30
CA LEU E 305 -9.56 -23.31 -24.75
C LEU E 305 -9.46 -21.90 -25.30
N LYS F 25 24.78 -7.56 17.14
CA LYS F 25 23.79 -8.61 17.30
C LYS F 25 22.73 -8.23 18.33
N GLU F 26 21.68 -7.58 17.86
CA GLU F 26 20.59 -7.15 18.73
C GLU F 26 19.77 -8.36 19.18
N PRO F 27 19.37 -8.44 20.47
CA PRO F 27 18.65 -9.63 20.95
C PRO F 27 17.30 -9.92 20.31
N CYS F 28 16.32 -9.02 20.45
CA CYS F 28 14.96 -9.33 20.02
C CYS F 28 14.43 -8.40 18.95
N PHE F 29 14.38 -7.08 19.23
CA PHE F 29 13.64 -6.08 18.44
C PHE F 29 12.22 -6.57 18.14
N ARG F 30 11.49 -6.90 19.20
CA ARG F 30 10.12 -7.38 19.05
C ARG F 30 9.19 -6.21 18.76
N GLU F 31 8.35 -6.37 17.74
CA GLU F 31 7.36 -5.35 17.43
C GLU F 31 6.25 -5.36 18.49
N GLU F 32 5.89 -4.19 18.97
CA GLU F 32 5.05 -4.06 20.15
C GLU F 32 3.58 -3.77 19.85
N ASN F 33 3.26 -3.09 18.76
CA ASN F 33 1.89 -2.66 18.52
C ASN F 33 1.14 -3.57 17.55
N ALA F 34 1.63 -3.70 16.30
CA ALA F 34 0.97 -4.38 15.19
C ALA F 34 -0.48 -3.91 15.02
N ASN F 35 -0.59 -2.62 14.67
CA ASN F 35 -1.88 -1.92 14.74
C ASN F 35 -2.85 -2.40 13.66
N PHE F 36 -2.37 -2.61 12.43
CA PHE F 36 -3.28 -3.02 11.37
C PHE F 36 -3.65 -4.49 11.47
N ASN F 37 -2.80 -5.32 12.06
CA ASN F 37 -3.11 -6.74 12.21
C ASN F 37 -4.28 -6.94 13.17
N LYS F 38 -4.35 -6.14 14.23
CA LYS F 38 -5.42 -6.29 15.21
C LYS F 38 -6.77 -5.80 14.71
N ILE F 39 -6.82 -5.10 13.58
CA ILE F 39 -8.07 -4.59 13.05
C ILE F 39 -8.40 -5.35 11.76
N PHE F 40 -7.39 -6.02 11.18
CA PHE F 40 -7.62 -6.78 9.96
C PHE F 40 -7.89 -8.26 10.24
N LEU F 41 -7.28 -8.81 11.29
CA LEU F 41 -7.50 -10.22 11.65
C LEU F 41 -8.92 -10.55 12.08
N PRO F 42 -9.61 -9.78 12.95
CA PRO F 42 -11.00 -10.17 13.27
C PRO F 42 -11.98 -9.98 12.13
N THR F 43 -11.70 -9.10 11.17
CA THR F 43 -12.57 -8.96 10.01
C THR F 43 -12.54 -10.21 9.13
N ILE F 44 -11.34 -10.68 8.82
CA ILE F 44 -11.15 -11.91 8.04
C ILE F 44 -11.69 -13.11 8.82
N TYR F 45 -11.43 -13.15 10.13
CA TYR F 45 -11.91 -14.25 10.96
C TYR F 45 -13.43 -14.30 11.03
N SER F 46 -14.08 -13.13 11.13
CA SER F 46 -15.54 -13.11 11.22
C SER F 46 -16.19 -13.43 9.88
N ILE F 47 -15.59 -12.97 8.78
CA ILE F 47 -16.12 -13.30 7.44
C ILE F 47 -16.03 -14.80 7.20
N ILE F 48 -14.86 -15.39 7.51
CA ILE F 48 -14.68 -16.83 7.33
C ILE F 48 -15.57 -17.62 8.29
N PHE F 49 -15.76 -17.11 9.51
CA PHE F 49 -16.63 -17.78 10.48
C PHE F 49 -18.07 -17.80 10.01
N LEU F 50 -18.59 -16.67 9.53
CA LEU F 50 -19.99 -16.61 9.09
C LEU F 50 -20.21 -17.47 7.85
N THR F 51 -19.33 -17.35 6.85
CA THR F 51 -19.49 -18.13 5.62
C THR F 51 -19.29 -19.62 5.88
N GLY F 52 -18.32 -19.99 6.71
CA GLY F 52 -18.10 -21.38 7.03
C GLY F 52 -19.23 -22.00 7.83
N ILE F 53 -19.78 -21.26 8.81
CA ILE F 53 -20.85 -21.81 9.62
C ILE F 53 -22.13 -21.97 8.79
N VAL F 54 -22.42 -21.03 7.88
CA VAL F 54 -23.62 -21.13 7.06
C VAL F 54 -23.47 -22.23 6.03
N GLY F 55 -22.34 -22.25 5.31
CA GLY F 55 -22.15 -23.24 4.27
C GLY F 55 -22.02 -24.66 4.81
N ASN F 56 -21.29 -24.85 5.91
CA ASN F 56 -21.12 -26.19 6.45
C ASN F 56 -22.38 -26.67 7.14
N GLY F 57 -23.15 -25.77 7.77
CA GLY F 57 -24.45 -26.16 8.27
C GLY F 57 -25.40 -26.60 7.17
N LEU F 58 -25.40 -25.87 6.05
CA LEU F 58 -26.23 -26.26 4.91
C LEU F 58 -25.79 -27.58 4.29
N VAL F 59 -24.47 -27.80 4.17
CA VAL F 59 -23.97 -29.02 3.55
C VAL F 59 -24.25 -30.24 4.42
N ILE F 60 -24.01 -30.12 5.73
CA ILE F 60 -24.31 -31.23 6.65
C ILE F 60 -25.82 -31.45 6.77
N LEU F 61 -26.63 -30.39 6.69
CA LEU F 61 -28.08 -30.55 6.73
C LEU F 61 -28.60 -31.23 5.47
N VAL F 62 -28.05 -30.92 4.31
CA VAL F 62 -28.56 -31.47 3.06
C VAL F 62 -28.05 -32.88 2.83
N MET F 63 -26.73 -33.07 2.90
CA MET F 63 -26.14 -34.34 2.48
C MET F 63 -25.76 -35.27 3.62
N GLY F 64 -25.83 -34.80 4.87
CA GLY F 64 -25.49 -35.67 5.98
C GLY F 64 -26.70 -36.22 6.70
N TYR F 65 -27.77 -35.42 6.76
CA TYR F 65 -28.98 -35.80 7.49
C TYR F 65 -30.08 -36.30 6.56
N GLN F 66 -30.24 -35.67 5.40
CA GLN F 66 -31.36 -35.94 4.51
C GLN F 66 -31.07 -36.99 3.45
N LYS F 67 -29.82 -37.50 3.41
CA LYS F 67 -29.36 -38.50 2.42
C LYS F 67 -29.55 -37.96 0.99
N LYS F 68 -28.78 -36.94 0.66
CA LYS F 68 -28.79 -36.36 -0.67
C LYS F 68 -27.54 -36.72 -1.47
N LEU F 69 -26.59 -37.43 -0.86
CA LEU F 69 -25.37 -37.80 -1.56
C LEU F 69 -25.63 -38.88 -2.60
N ARG F 70 -25.05 -38.68 -3.78
CA ARG F 70 -25.19 -39.62 -4.89
C ARG F 70 -23.88 -40.29 -5.27
N SER F 71 -22.85 -39.50 -5.55
CA SER F 71 -21.56 -40.01 -5.97
C SER F 71 -20.74 -40.42 -4.75
N MET F 72 -19.57 -41.00 -5.01
CA MET F 72 -18.70 -41.46 -3.93
C MET F 72 -17.87 -40.34 -3.34
N THR F 73 -17.74 -39.21 -4.05
CA THR F 73 -16.95 -38.08 -3.57
C THR F 73 -17.67 -37.32 -2.46
N ASP F 74 -19.01 -37.39 -2.43
CA ASP F 74 -19.79 -36.61 -1.48
C ASP F 74 -19.62 -37.08 -0.04
N LYS F 75 -19.27 -38.36 0.18
CA LYS F 75 -18.97 -38.80 1.54
C LYS F 75 -17.70 -38.17 2.08
N TYR F 76 -16.66 -38.08 1.24
CA TYR F 76 -15.44 -37.41 1.64
C TYR F 76 -15.66 -35.91 1.80
N ARG F 77 -16.51 -35.32 0.95
CA ARG F 77 -16.81 -33.91 1.11
C ARG F 77 -17.64 -33.64 2.36
N LEU F 78 -18.47 -34.60 2.77
CA LEU F 78 -19.18 -34.49 4.05
C LEU F 78 -18.21 -34.59 5.22
N HIS F 79 -17.19 -35.45 5.12
CA HIS F 79 -16.15 -35.51 6.15
C HIS F 79 -15.37 -34.19 6.24
N LEU F 80 -15.04 -33.62 5.07
CA LEU F 80 -14.34 -32.34 5.03
C LEU F 80 -15.20 -31.23 5.60
N SER F 81 -16.51 -31.28 5.36
CA SER F 81 -17.41 -30.27 5.91
C SER F 81 -17.58 -30.44 7.42
N VAL F 82 -17.51 -31.67 7.92
CA VAL F 82 -17.53 -31.90 9.38
C VAL F 82 -16.31 -31.28 10.04
N ALA F 83 -15.13 -31.50 9.45
CA ALA F 83 -13.90 -30.89 9.97
C ALA F 83 -13.94 -29.36 9.85
N ASP F 84 -14.51 -28.86 8.74
CA ASP F 84 -14.64 -27.43 8.53
C ASP F 84 -15.57 -26.79 9.57
N LEU F 85 -16.67 -27.46 9.88
CA LEU F 85 -17.59 -27.01 10.93
C LEU F 85 -16.91 -27.00 12.29
N LEU F 86 -16.10 -28.03 12.57
CA LEU F 86 -15.37 -28.10 13.83
C LEU F 86 -14.38 -26.95 13.97
N PHE F 87 -13.70 -26.57 12.89
CA PHE F 87 -12.76 -25.45 12.99
C PHE F 87 -13.47 -24.10 13.09
N VAL F 88 -14.55 -23.89 12.31
CA VAL F 88 -15.23 -22.60 12.37
C VAL F 88 -16.09 -22.45 13.61
N ILE F 89 -16.30 -23.52 14.38
CA ILE F 89 -16.85 -23.35 15.73
C ILE F 89 -15.89 -22.55 16.60
N THR F 90 -14.60 -22.87 16.54
CA THR F 90 -13.61 -22.24 17.41
C THR F 90 -12.90 -21.05 16.78
N LEU F 91 -13.24 -20.70 15.54
CA LEU F 91 -12.71 -19.47 14.94
C LEU F 91 -13.01 -18.16 15.71
N PRO F 92 -14.20 -17.90 16.28
CA PRO F 92 -14.36 -16.66 17.08
C PRO F 92 -13.50 -16.60 18.33
N PHE F 93 -13.05 -17.74 18.86
CA PHE F 93 -12.03 -17.72 19.91
C PHE F 93 -10.73 -17.12 19.39
N TRP F 94 -10.36 -17.44 18.14
CA TRP F 94 -9.19 -16.83 17.55
C TRP F 94 -9.40 -15.35 17.26
N ALA F 95 -10.63 -14.94 16.91
CA ALA F 95 -10.91 -13.52 16.73
C ALA F 95 -10.78 -12.74 18.04
N VAL F 96 -11.30 -13.29 19.13
CA VAL F 96 -11.19 -12.68 20.46
C VAL F 96 -9.74 -12.63 20.90
N ASP F 97 -8.97 -13.70 20.63
CA ASP F 97 -7.54 -13.71 20.91
C ASP F 97 -6.79 -12.70 20.04
N ALA F 98 -7.30 -12.39 18.84
CA ALA F 98 -6.65 -11.42 17.98
C ALA F 98 -6.83 -10.00 18.50
N VAL F 99 -8.08 -9.58 18.75
CA VAL F 99 -8.28 -8.17 19.10
C VAL F 99 -8.21 -7.93 20.61
N ALA F 100 -8.70 -8.85 21.44
CA ALA F 100 -8.51 -8.80 22.88
C ALA F 100 -7.40 -9.77 23.25
N ASN F 101 -7.29 -10.11 24.52
CA ASN F 101 -6.40 -11.17 24.93
C ASN F 101 -7.21 -12.31 25.55
N TRP F 102 -6.57 -13.48 25.65
CA TRP F 102 -7.27 -14.71 25.99
C TRP F 102 -7.69 -14.71 27.46
N TYR F 103 -8.96 -15.03 27.71
CA TYR F 103 -9.54 -15.04 29.03
C TYR F 103 -10.19 -16.38 29.40
N PHE F 104 -10.06 -17.40 28.56
CA PHE F 104 -10.85 -18.61 28.69
C PHE F 104 -10.11 -19.75 29.37
N GLY F 105 -8.96 -19.49 29.99
CA GLY F 105 -8.25 -20.52 30.71
C GLY F 105 -7.43 -21.41 29.80
N ASN F 106 -6.98 -22.54 30.37
CA ASN F 106 -6.08 -23.43 29.66
C ASN F 106 -6.80 -24.58 28.95
N PHE F 107 -7.95 -25.02 29.47
CA PHE F 107 -8.69 -26.11 28.84
C PHE F 107 -9.26 -25.69 27.49
N LEU F 108 -9.82 -24.47 27.42
CA LEU F 108 -10.29 -23.95 26.14
C LEU F 108 -9.14 -23.68 25.18
N CYS F 109 -7.97 -23.29 25.71
CA CYS F 109 -6.78 -23.10 24.88
C CYS F 109 -6.35 -24.41 24.24
N LYS F 110 -6.32 -25.48 25.05
CA LYS F 110 -5.97 -26.81 24.55
C LYS F 110 -7.00 -27.32 23.54
N ALA F 111 -8.28 -27.09 23.82
CA ALA F 111 -9.34 -27.55 22.93
C ALA F 111 -9.31 -26.82 21.58
N VAL F 112 -9.10 -25.51 21.62
CA VAL F 112 -9.04 -24.71 20.39
C VAL F 112 -7.83 -25.12 19.56
N HIS F 113 -6.67 -25.32 20.20
CA HIS F 113 -5.47 -25.71 19.47
C HIS F 113 -5.60 -27.11 18.89
N VAL F 114 -6.16 -28.07 19.65
CA VAL F 114 -6.28 -29.43 19.15
C VAL F 114 -7.32 -29.51 18.03
N ILE F 115 -8.36 -28.68 18.08
CA ILE F 115 -9.36 -28.67 17.01
C ILE F 115 -8.76 -28.08 15.74
N TYR F 116 -7.95 -27.02 15.88
CA TYR F 116 -7.30 -26.42 14.71
C TYR F 116 -6.31 -27.38 14.06
N THR F 117 -5.52 -28.10 14.86
CA THR F 117 -4.54 -29.02 14.30
C THR F 117 -5.21 -30.24 13.67
N VAL F 118 -6.28 -30.74 14.31
CA VAL F 118 -7.06 -31.86 13.77
C VAL F 118 -7.68 -31.49 12.42
N ASN F 119 -8.25 -30.28 12.31
CA ASN F 119 -8.84 -29.85 11.05
C ASN F 119 -7.78 -29.64 9.97
N LEU F 120 -6.63 -29.07 10.34
CA LEU F 120 -5.56 -28.78 9.39
C LEU F 120 -4.98 -30.05 8.79
N TYR F 121 -4.76 -31.09 9.60
CA TYR F 121 -4.28 -32.34 9.02
C TYR F 121 -5.39 -33.13 8.33
N SER F 122 -6.62 -33.05 8.85
CA SER F 122 -7.70 -33.87 8.34
C SER F 122 -8.16 -33.43 6.96
N SER F 123 -8.15 -32.11 6.69
CA SER F 123 -8.56 -31.64 5.36
C SER F 123 -7.61 -32.11 4.27
N VAL F 124 -6.29 -32.05 4.52
CA VAL F 124 -5.35 -32.45 3.48
C VAL F 124 -5.30 -33.97 3.34
N LEU F 125 -5.51 -34.73 4.43
CA LEU F 125 -5.58 -36.18 4.27
C LEU F 125 -6.87 -36.60 3.56
N ILE F 126 -7.96 -35.87 3.79
CA ILE F 126 -9.21 -36.12 3.07
C ILE F 126 -9.03 -35.84 1.58
N LEU F 127 -8.33 -34.75 1.24
CA LEU F 127 -8.10 -34.42 -0.16
C LEU F 127 -7.19 -35.44 -0.85
N ALA F 128 -6.20 -35.97 -0.12
CA ALA F 128 -5.39 -37.07 -0.65
C ALA F 128 -6.25 -38.31 -0.89
N PHE F 129 -7.21 -38.57 0.00
CA PHE F 129 -8.13 -39.71 -0.20
C PHE F 129 -9.04 -39.49 -1.41
N ILE F 130 -9.49 -38.26 -1.64
CA ILE F 130 -10.31 -37.96 -2.82
C ILE F 130 -9.51 -38.16 -4.10
N SER F 131 -8.26 -37.68 -4.12
CA SER F 131 -7.43 -37.84 -5.30
C SER F 131 -7.12 -39.31 -5.59
N LEU F 132 -6.85 -40.10 -4.54
CA LEU F 132 -6.56 -41.52 -4.76
C LEU F 132 -7.82 -42.29 -5.14
N ASP F 133 -8.98 -41.85 -4.65
CA ASP F 133 -10.25 -42.43 -5.09
C ASP F 133 -10.53 -42.12 -6.55
N ARG F 134 -10.21 -40.90 -7.01
CA ARG F 134 -10.34 -40.56 -8.41
C ARG F 134 -9.38 -41.36 -9.28
N TYR F 135 -8.17 -41.63 -8.77
CA TYR F 135 -7.24 -42.50 -9.47
C TYR F 135 -7.77 -43.92 -9.59
N LEU F 136 -8.40 -44.43 -8.53
CA LEU F 136 -9.00 -45.76 -8.60
C LEU F 136 -10.21 -45.80 -9.53
N ALA F 137 -10.99 -44.72 -9.59
CA ALA F 137 -12.18 -44.71 -10.42
C ALA F 137 -11.85 -44.53 -11.90
N ILE F 138 -10.85 -43.72 -12.22
CA ILE F 138 -10.56 -43.42 -13.62
C ILE F 138 -9.77 -44.54 -14.27
N VAL F 139 -8.70 -45.01 -13.60
CA VAL F 139 -7.84 -46.02 -14.20
C VAL F 139 -8.49 -47.39 -14.13
N HIS F 140 -8.89 -47.82 -12.93
CA HIS F 140 -9.54 -49.12 -12.74
C HIS F 140 -11.05 -48.93 -12.71
N ALA F 141 -11.61 -48.65 -13.89
CA ALA F 141 -13.04 -48.39 -14.01
C ALA F 141 -13.85 -49.66 -14.19
N THR F 142 -13.22 -50.83 -14.24
CA THR F 142 -13.91 -52.08 -14.50
C THR F 142 -14.00 -52.98 -13.29
N ASN F 143 -12.90 -53.16 -12.55
CA ASN F 143 -12.85 -54.12 -11.45
C ASN F 143 -12.75 -53.48 -10.08
N SER F 144 -12.77 -52.15 -9.99
CA SER F 144 -12.65 -51.45 -8.72
C SER F 144 -13.95 -50.68 -8.44
N GLN F 145 -14.90 -51.38 -7.85
CA GLN F 145 -16.14 -50.77 -7.36
C GLN F 145 -16.39 -51.11 -5.90
N ARG F 146 -16.07 -52.34 -5.48
CA ARG F 146 -16.07 -52.74 -4.08
C ARG F 146 -14.84 -52.26 -3.29
N PRO F 147 -13.62 -52.21 -3.86
CA PRO F 147 -12.56 -51.46 -3.15
C PRO F 147 -12.86 -49.98 -2.93
N ARG F 148 -13.60 -49.33 -3.83
CA ARG F 148 -13.98 -47.95 -3.60
C ARG F 148 -14.98 -47.83 -2.45
N LYS F 149 -15.91 -48.79 -2.34
CA LYS F 149 -16.84 -48.81 -1.22
C LYS F 149 -16.13 -49.08 0.09
N LEU F 150 -15.15 -50.00 0.08
CA LEU F 150 -14.36 -50.27 1.28
C LEU F 150 -13.48 -49.08 1.63
N LEU F 151 -13.05 -48.32 0.62
CA LEU F 151 -12.34 -47.08 0.84
C LEU F 151 -13.22 -46.05 1.53
N ALA F 152 -14.43 -45.84 1.03
CA ALA F 152 -15.25 -44.73 1.52
C ALA F 152 -16.02 -45.05 2.79
N GLU F 153 -16.26 -46.32 3.10
CA GLU F 153 -17.04 -46.67 4.28
C GLU F 153 -16.18 -46.99 5.50
N LYS F 154 -15.28 -47.96 5.39
CA LYS F 154 -14.60 -48.51 6.56
C LYS F 154 -13.21 -47.94 6.80
N VAL F 155 -12.32 -48.00 5.80
CA VAL F 155 -10.92 -47.69 6.03
C VAL F 155 -10.65 -46.19 6.02
N VAL F 156 -11.66 -45.37 5.70
CA VAL F 156 -11.45 -43.92 5.66
C VAL F 156 -11.20 -43.36 7.05
N TYR F 157 -11.80 -43.96 8.08
CA TYR F 157 -11.67 -43.45 9.44
C TYR F 157 -10.25 -43.64 9.95
N VAL F 158 -9.71 -44.86 9.81
CA VAL F 158 -8.30 -45.09 10.13
C VAL F 158 -7.35 -44.48 9.09
N GLY F 159 -7.88 -44.02 7.96
CA GLY F 159 -7.07 -43.31 6.99
C GLY F 159 -6.80 -41.86 7.36
N VAL F 160 -7.84 -41.10 7.73
CA VAL F 160 -7.69 -39.68 8.01
C VAL F 160 -7.83 -39.36 9.50
N TRP F 161 -8.88 -39.85 10.16
CA TRP F 161 -9.23 -39.32 11.48
C TRP F 161 -8.31 -39.84 12.58
N ILE F 162 -7.94 -41.11 12.53
CA ILE F 162 -6.98 -41.69 13.47
C ILE F 162 -5.58 -41.08 13.35
N PRO F 163 -4.96 -40.92 12.15
CA PRO F 163 -3.66 -40.21 12.13
C PRO F 163 -3.75 -38.74 12.51
N ALA F 164 -4.86 -38.06 12.19
CA ALA F 164 -5.02 -36.66 12.60
C ALA F 164 -5.16 -36.55 14.11
N LEU F 165 -5.80 -37.53 14.75
CA LEU F 165 -5.88 -37.53 16.20
C LEU F 165 -4.56 -37.93 16.85
N LEU F 166 -3.81 -38.83 16.23
CA LEU F 166 -2.52 -39.25 16.77
C LEU F 166 -1.44 -38.20 16.56
N LEU F 167 -1.63 -37.27 15.62
CA LEU F 167 -0.67 -36.19 15.42
C LEU F 167 -0.89 -35.01 16.35
N THR F 168 -1.74 -35.15 17.37
CA THR F 168 -2.09 -34.06 18.28
C THR F 168 -1.56 -34.26 19.69
N ILE F 169 -0.74 -35.29 19.93
CA ILE F 169 -0.18 -35.52 21.27
C ILE F 169 0.75 -34.40 21.73
N PRO F 170 1.70 -33.89 20.91
CA PRO F 170 2.41 -32.68 21.34
C PRO F 170 1.52 -31.45 21.44
N ASP F 171 0.43 -31.41 20.67
CA ASP F 171 -0.54 -30.33 20.84
C ASP F 171 -1.35 -30.50 22.11
N PHE F 172 -1.59 -31.74 22.53
CA PHE F 172 -2.31 -31.98 23.78
C PHE F 172 -1.45 -31.64 24.99
N ILE F 173 -0.14 -31.90 24.92
CA ILE F 173 0.72 -31.67 26.08
C ILE F 173 1.17 -30.22 26.16
N PHE F 174 1.72 -29.67 25.07
CA PHE F 174 2.54 -28.47 25.13
C PHE F 174 1.77 -27.16 24.96
N ALA F 175 0.48 -27.22 24.65
CA ALA F 175 -0.31 -26.01 24.45
C ALA F 175 -0.85 -25.54 25.80
N ASN F 176 -0.57 -24.29 26.16
CA ASN F 176 -0.93 -23.78 27.48
C ASN F 176 -1.11 -22.27 27.42
N VAL F 177 -1.22 -21.68 28.61
CA VAL F 177 -1.35 -20.24 28.82
C VAL F 177 -0.20 -19.78 29.71
N SER F 178 0.49 -18.72 29.29
CA SER F 178 1.64 -18.21 30.02
C SER F 178 1.23 -17.01 30.87
N GLU F 179 2.23 -16.39 31.49
CA GLU F 179 2.06 -15.20 32.32
C GLU F 179 2.87 -14.08 31.69
N ALA F 180 2.28 -13.38 30.75
CA ALA F 180 2.92 -12.24 30.12
C ALA F 180 2.53 -10.97 30.87
N ASP F 181 2.82 -9.80 30.28
CA ASP F 181 2.47 -8.53 30.91
C ASP F 181 0.97 -8.29 30.81
N ASP F 182 0.23 -8.86 31.77
CA ASP F 182 -1.25 -8.99 31.82
C ASP F 182 -1.86 -9.29 30.44
N ARG F 183 -1.41 -10.39 29.84
CA ARG F 183 -1.92 -10.84 28.56
C ARG F 183 -2.60 -12.20 28.63
N TYR F 184 -1.95 -13.19 29.26
CA TYR F 184 -2.40 -14.59 29.32
C TYR F 184 -2.59 -15.17 27.91
N ILE F 185 -1.48 -15.25 27.17
CA ILE F 185 -1.56 -15.65 25.76
C ILE F 185 -1.81 -17.16 25.64
N CYS F 186 -2.37 -17.55 24.50
CA CYS F 186 -2.76 -18.92 24.18
C CYS F 186 -1.75 -19.50 23.19
N ASP F 187 -0.80 -20.29 23.66
CA ASP F 187 0.21 -20.75 22.70
C ASP F 187 0.83 -22.06 23.15
N ARG F 188 1.51 -22.70 22.20
CA ARG F 188 2.22 -23.93 22.46
C ARG F 188 3.64 -23.62 22.90
N PHE F 189 4.01 -24.11 24.09
CA PHE F 189 5.27 -23.78 24.72
C PHE F 189 6.19 -25.00 24.72
N TYR F 190 7.41 -24.82 24.25
CA TYR F 190 8.39 -25.88 24.05
C TYR F 190 9.54 -25.74 25.03
N PRO F 191 10.18 -26.85 25.41
CA PRO F 191 11.39 -26.75 26.25
C PRO F 191 12.56 -26.02 25.59
N ASN F 192 12.74 -26.18 24.29
CA ASN F 192 13.84 -25.52 23.59
C ASN F 192 13.47 -25.36 22.12
N ASP F 193 14.35 -24.69 21.37
CA ASP F 193 14.07 -24.38 19.98
C ASP F 193 14.26 -25.56 19.04
N LEU F 194 14.98 -26.61 19.49
CA LEU F 194 15.12 -27.81 18.67
C LEU F 194 13.77 -28.48 18.45
N TRP F 195 12.93 -28.49 19.49
CA TRP F 195 11.60 -29.07 19.38
C TRP F 195 10.72 -28.28 18.41
N VAL F 196 10.79 -26.95 18.44
CA VAL F 196 9.93 -26.17 17.54
C VAL F 196 10.43 -26.25 16.10
N VAL F 197 11.76 -26.42 15.92
CA VAL F 197 12.29 -26.66 14.57
C VAL F 197 11.82 -28.01 14.03
N VAL F 198 11.91 -29.05 14.86
CA VAL F 198 11.51 -30.39 14.45
C VAL F 198 10.01 -30.45 14.15
N PHE F 199 9.19 -29.82 14.98
CA PHE F 199 7.76 -29.87 14.76
C PHE F 199 7.30 -28.97 13.62
N GLN F 200 8.01 -27.85 13.36
CA GLN F 200 7.71 -27.05 12.18
C GLN F 200 8.05 -27.80 10.90
N PHE F 201 9.20 -28.51 10.89
CA PHE F 201 9.56 -29.30 9.72
C PHE F 201 8.60 -30.46 9.50
N GLN F 202 8.15 -31.10 10.58
CA GLN F 202 7.18 -32.18 10.47
C GLN F 202 5.83 -31.66 9.98
N HIS F 203 5.43 -30.48 10.45
CA HIS F 203 4.18 -29.87 10.00
C HIS F 203 4.24 -29.53 8.52
N ILE F 204 5.37 -28.97 8.06
CA ILE F 204 5.55 -28.66 6.64
C ILE F 204 5.50 -29.93 5.80
N MET F 205 6.18 -31.00 6.28
CA MET F 205 6.24 -32.25 5.54
C MET F 205 4.86 -32.90 5.41
N VAL F 206 4.17 -33.13 6.54
CA VAL F 206 2.88 -33.79 6.51
C VAL F 206 1.80 -32.90 5.88
N GLY F 207 1.92 -31.58 5.98
CA GLY F 207 0.92 -30.72 5.40
C GLY F 207 1.06 -30.49 3.90
N LEU F 208 2.27 -30.56 3.37
CA LEU F 208 2.45 -30.21 1.97
C LEU F 208 3.13 -31.26 1.13
N ILE F 209 4.17 -31.93 1.63
CA ILE F 209 5.08 -32.66 0.76
C ILE F 209 4.51 -34.01 0.35
N LEU F 210 4.24 -34.89 1.33
CA LEU F 210 3.75 -36.23 0.99
C LEU F 210 2.34 -36.24 0.41
N PRO F 211 1.31 -35.56 0.97
CA PRO F 211 0.03 -35.54 0.26
C PRO F 211 0.06 -34.79 -1.06
N GLY F 212 0.91 -33.76 -1.18
CA GLY F 212 1.06 -33.09 -2.45
C GLY F 212 1.68 -33.99 -3.52
N ILE F 213 2.68 -34.80 -3.13
CA ILE F 213 3.28 -35.76 -4.04
C ILE F 213 2.28 -36.84 -4.43
N VAL F 214 1.46 -37.30 -3.47
CA VAL F 214 0.44 -38.31 -3.76
C VAL F 214 -0.61 -37.77 -4.73
N ILE F 215 -1.08 -36.55 -4.48
CA ILE F 215 -2.10 -35.93 -5.33
C ILE F 215 -1.56 -35.68 -6.74
N LEU F 216 -0.31 -35.18 -6.83
CA LEU F 216 0.31 -34.93 -8.12
C LEU F 216 0.56 -36.22 -8.90
N SER F 217 0.94 -37.30 -8.20
CA SER F 217 1.18 -38.57 -8.87
C SER F 217 -0.12 -39.17 -9.40
N CYS F 218 -1.19 -39.16 -8.59
CA CYS F 218 -2.48 -39.67 -9.05
C CYS F 218 -3.04 -38.83 -10.19
N TYR F 219 -2.86 -37.51 -10.15
CA TYR F 219 -3.38 -36.68 -11.23
C TYR F 219 -2.55 -36.80 -12.49
N CYS F 220 -1.24 -37.00 -12.38
CA CYS F 220 -0.42 -37.27 -13.56
C CYS F 220 -0.80 -38.59 -14.22
N ILE F 221 -1.08 -39.62 -13.40
CA ILE F 221 -1.53 -40.90 -13.97
C ILE F 221 -2.92 -40.75 -14.60
N ILE F 222 -3.80 -39.96 -13.98
CA ILE F 222 -5.14 -39.72 -14.52
C ILE F 222 -5.07 -38.99 -15.86
N ILE F 223 -4.22 -37.95 -15.95
CA ILE F 223 -4.09 -37.19 -17.19
C ILE F 223 -3.43 -38.04 -18.28
N SER F 224 -2.44 -38.87 -17.90
CA SER F 224 -1.81 -39.74 -18.89
C SER F 224 -2.75 -40.82 -19.42
N LYS F 225 -3.58 -41.39 -18.55
CA LYS F 225 -4.53 -42.42 -18.97
C LYS F 225 -5.74 -41.84 -19.69
N LEU F 226 -6.13 -40.60 -19.40
CA LEU F 226 -7.29 -39.97 -20.00
C LEU F 226 -7.08 -39.57 -21.46
N SER F 227 -5.83 -39.51 -21.94
CA SER F 227 -5.59 -39.16 -23.32
C SER F 227 -5.95 -40.30 -24.28
N HIS F 228 -6.01 -41.53 -23.79
CA HIS F 228 -6.42 -42.66 -24.62
C HIS F 228 -7.91 -42.67 -24.91
N SER F 229 -8.71 -41.99 -24.10
CA SER F 229 -10.15 -41.92 -24.34
C SER F 229 -10.45 -40.98 -25.51
N LYS F 230 -11.59 -41.22 -26.14
CA LYS F 230 -12.01 -40.43 -27.32
C LYS F 230 -12.88 -39.24 -26.93
N GLY F 231 -12.39 -38.43 -25.99
CA GLY F 231 -13.13 -37.26 -25.54
C GLY F 231 -14.41 -37.58 -24.80
N HIS F 232 -14.38 -38.55 -23.89
CA HIS F 232 -15.57 -38.97 -23.17
C HIS F 232 -15.98 -37.93 -22.13
N GLN F 233 -17.19 -38.09 -21.62
CA GLN F 233 -17.78 -37.16 -20.66
C GLN F 233 -17.52 -37.54 -19.22
N LYS F 234 -16.67 -38.54 -18.96
CA LYS F 234 -16.36 -38.95 -17.60
C LYS F 234 -15.44 -37.97 -16.88
N ARG F 235 -14.83 -37.03 -17.60
CA ARG F 235 -13.95 -36.04 -16.98
C ARG F 235 -14.71 -34.78 -16.57
N LYS F 236 -16.04 -34.77 -16.68
CA LYS F 236 -16.81 -33.61 -16.24
C LYS F 236 -16.82 -33.49 -14.73
N ALA F 237 -16.78 -34.62 -14.02
CA ALA F 237 -16.71 -34.61 -12.56
C ALA F 237 -15.29 -34.37 -12.04
N LEU F 238 -14.29 -34.45 -12.90
CA LEU F 238 -12.90 -34.19 -12.49
C LEU F 238 -12.63 -32.70 -12.30
N LYS F 239 -13.40 -31.83 -12.95
CA LYS F 239 -13.14 -30.39 -12.91
C LYS F 239 -13.37 -29.81 -11.52
N THR F 240 -14.45 -30.21 -10.85
CA THR F 240 -14.73 -29.73 -9.50
C THR F 240 -13.67 -30.21 -8.51
N THR F 241 -13.21 -31.44 -8.68
CA THR F 241 -12.19 -32.00 -7.80
C THR F 241 -10.85 -31.29 -7.97
N VAL F 242 -10.42 -31.06 -9.21
CA VAL F 242 -9.14 -30.38 -9.41
C VAL F 242 -9.24 -28.91 -9.03
N ILE F 243 -10.42 -28.30 -9.17
CA ILE F 243 -10.59 -26.91 -8.75
C ILE F 243 -10.53 -26.79 -7.24
N LEU F 244 -11.16 -27.73 -6.51
CA LEU F 244 -11.11 -27.73 -5.05
C LEU F 244 -9.71 -27.98 -4.53
N ILE F 245 -8.98 -28.93 -5.13
CA ILE F 245 -7.62 -29.24 -4.67
C ILE F 245 -6.66 -28.09 -4.98
N LEU F 246 -6.79 -27.49 -6.18
CA LEU F 246 -5.96 -26.36 -6.55
C LEU F 246 -6.25 -25.13 -5.69
N ALA F 247 -7.52 -24.90 -5.34
CA ALA F 247 -7.87 -23.79 -4.47
C ALA F 247 -7.34 -23.99 -3.06
N PHE F 248 -7.40 -25.22 -2.55
CA PHE F 248 -6.85 -25.54 -1.23
C PHE F 248 -5.34 -25.31 -1.19
N PHE F 249 -4.62 -25.80 -2.21
CA PHE F 249 -3.16 -25.66 -2.17
C PHE F 249 -2.73 -24.24 -2.48
N ALA F 250 -3.47 -23.51 -3.30
CA ALA F 250 -3.16 -22.10 -3.54
C ALA F 250 -3.48 -21.25 -2.32
N CYS F 251 -4.44 -21.67 -1.48
CA CYS F 251 -4.67 -20.99 -0.22
C CYS F 251 -3.55 -21.27 0.77
N TRP F 252 -3.06 -22.52 0.83
CA TRP F 252 -2.08 -22.87 1.85
C TRP F 252 -0.63 -22.66 1.43
N LEU F 253 -0.34 -22.32 0.16
CA LEU F 253 1.05 -22.18 -0.26
C LEU F 253 1.82 -21.02 0.38
N PRO F 254 1.32 -19.76 0.42
CA PRO F 254 2.17 -18.69 0.98
C PRO F 254 2.43 -18.81 2.48
N TYR F 255 1.50 -19.40 3.24
CA TYR F 255 1.76 -19.65 4.66
C TYR F 255 2.88 -20.67 4.84
N TYR F 256 2.89 -21.71 3.99
CA TYR F 256 3.95 -22.71 4.07
C TYR F 256 5.29 -22.14 3.66
N ILE F 257 5.30 -21.25 2.66
CA ILE F 257 6.54 -20.57 2.27
C ILE F 257 7.04 -19.67 3.40
N GLY F 258 6.12 -18.95 4.06
CA GLY F 258 6.51 -18.10 5.17
C GLY F 258 7.05 -18.85 6.36
N ILE F 259 6.41 -19.96 6.74
CA ILE F 259 6.95 -20.72 7.87
C ILE F 259 8.18 -21.53 7.48
N SER F 260 8.37 -21.86 6.20
CA SER F 260 9.63 -22.47 5.79
C SER F 260 10.78 -21.49 5.87
N ILE F 261 10.53 -20.24 5.49
CA ILE F 261 11.56 -19.19 5.61
C ILE F 261 11.83 -18.88 7.09
N ASP F 262 10.79 -18.96 7.94
CA ASP F 262 11.01 -18.77 9.37
C ASP F 262 11.80 -19.94 9.98
N SER F 263 11.52 -21.16 9.54
CA SER F 263 12.28 -22.32 10.01
C SER F 263 13.72 -22.25 9.56
N PHE F 264 13.98 -21.73 8.36
CA PHE F 264 15.36 -21.53 7.93
C PHE F 264 16.00 -20.29 8.55
N ILE F 265 15.20 -19.34 9.05
CA ILE F 265 15.73 -18.29 9.91
C ILE F 265 16.25 -18.90 11.20
N LEU F 266 15.50 -19.85 11.74
CA LEU F 266 16.03 -20.71 12.80
C LEU F 266 17.13 -21.63 12.25
N LEU F 267 17.85 -22.26 13.18
CA LEU F 267 19.10 -23.02 12.96
C LEU F 267 20.22 -22.17 12.36
N GLU F 268 20.13 -20.84 12.50
CA GLU F 268 21.20 -19.88 12.17
C GLU F 268 21.69 -19.99 10.72
N ILE F 269 20.74 -20.07 9.79
CA ILE F 269 21.07 -20.08 8.36
C ILE F 269 20.89 -18.70 7.75
N ILE F 270 19.74 -18.07 7.96
CA ILE F 270 19.53 -16.67 7.64
C ILE F 270 19.61 -15.91 8.95
N LYS F 271 20.76 -15.27 9.20
CA LYS F 271 21.00 -14.60 10.48
C LYS F 271 21.31 -13.12 10.33
N GLN F 272 21.33 -12.58 9.12
CA GLN F 272 21.68 -11.19 8.90
C GLN F 272 20.52 -10.23 9.13
N GLY F 273 19.30 -10.74 9.25
CA GLY F 273 18.12 -9.90 9.40
C GLY F 273 17.58 -9.97 10.82
N CYS F 274 17.18 -8.82 11.34
CA CYS F 274 16.50 -8.72 12.63
C CYS F 274 15.12 -8.11 12.50
N GLU F 275 14.96 -7.07 11.67
CA GLU F 275 13.62 -6.62 11.31
C GLU F 275 13.00 -7.54 10.25
N PHE F 276 13.84 -8.29 9.54
CA PHE F 276 13.35 -9.27 8.58
C PHE F 276 12.59 -10.39 9.29
N GLU F 277 12.99 -10.74 10.51
CA GLU F 277 12.24 -11.71 11.31
C GLU F 277 10.85 -11.19 11.65
N ASN F 278 10.75 -9.89 11.96
CA ASN F 278 9.44 -9.30 12.26
C ASN F 278 8.57 -9.23 11.00
N THR F 279 9.18 -8.95 9.85
CA THR F 279 8.44 -8.98 8.58
C THR F 279 7.96 -10.39 8.26
N VAL F 280 8.79 -11.41 8.55
CA VAL F 280 8.42 -12.80 8.35
C VAL F 280 7.26 -13.18 9.27
N HIS F 281 7.29 -12.71 10.52
CA HIS F 281 6.20 -13.00 11.45
C HIS F 281 4.89 -12.34 11.03
N LYS F 282 4.97 -11.10 10.55
CA LYS F 282 3.77 -10.42 10.05
C LYS F 282 3.22 -11.10 8.80
N TRP F 283 4.12 -11.55 7.91
CA TRP F 283 3.70 -12.28 6.72
C TRP F 283 3.05 -13.62 7.07
N ILE F 284 3.60 -14.30 8.08
CA ILE F 284 3.03 -15.57 8.53
C ILE F 284 1.63 -15.35 9.11
N SER F 285 1.46 -14.31 9.93
CA SER F 285 0.13 -14.02 10.49
C SER F 285 -0.89 -13.64 9.43
N ILE F 286 -0.50 -12.80 8.46
CA ILE F 286 -1.43 -12.38 7.40
C ILE F 286 -1.78 -13.55 6.49
N THR F 287 -0.79 -14.35 6.08
CA THR F 287 -1.08 -15.47 5.20
C THR F 287 -1.79 -16.61 5.94
N GLU F 288 -1.59 -16.72 7.25
CA GLU F 288 -2.36 -17.69 8.02
C GLU F 288 -3.81 -17.27 8.16
N ALA F 289 -4.07 -15.96 8.28
CA ALA F 289 -5.44 -15.47 8.26
C ALA F 289 -6.09 -15.69 6.90
N LEU F 290 -5.34 -15.46 5.83
CA LEU F 290 -5.88 -15.67 4.48
C LEU F 290 -5.99 -17.14 4.09
N ALA F 291 -5.23 -18.02 4.75
CA ALA F 291 -5.27 -19.45 4.45
C ALA F 291 -6.39 -20.19 5.17
N PHE F 292 -7.19 -19.50 5.98
CA PHE F 292 -8.38 -20.10 6.56
C PHE F 292 -9.57 -20.04 5.60
N PHE F 293 -9.37 -19.49 4.40
CA PHE F 293 -10.39 -19.46 3.35
C PHE F 293 -10.60 -20.83 2.70
N HIS F 294 -9.85 -21.86 3.11
CA HIS F 294 -10.16 -23.22 2.68
C HIS F 294 -11.43 -23.74 3.32
N CYS F 295 -11.87 -23.14 4.43
CA CYS F 295 -13.19 -23.45 4.97
C CYS F 295 -14.29 -22.79 4.14
N CYS F 296 -13.96 -21.69 3.46
CA CYS F 296 -14.95 -20.95 2.70
C CYS F 296 -15.32 -21.68 1.41
N LEU F 297 -14.34 -22.24 0.71
CA LEU F 297 -14.53 -22.66 -0.68
C LEU F 297 -15.20 -24.01 -0.85
N ASN F 298 -15.20 -24.88 0.18
CA ASN F 298 -15.83 -26.19 0.05
C ASN F 298 -17.35 -26.13 -0.15
N PRO F 299 -18.16 -25.30 0.59
CA PRO F 299 -19.58 -25.21 0.22
C PRO F 299 -19.82 -24.22 -0.92
N ILE F 300 -18.85 -23.35 -1.18
CA ILE F 300 -18.94 -22.45 -2.32
C ILE F 300 -18.88 -23.25 -3.63
N LEU F 301 -18.03 -24.28 -3.67
CA LEU F 301 -18.00 -25.19 -4.81
C LEU F 301 -19.27 -26.02 -4.93
N TYR F 302 -20.03 -26.18 -3.85
CA TYR F 302 -21.35 -26.81 -3.95
C TYR F 302 -22.43 -25.83 -4.38
N ALA F 303 -22.27 -24.53 -4.08
CA ALA F 303 -23.20 -23.53 -4.57
C ALA F 303 -23.13 -23.41 -6.08
N PHE F 304 -21.92 -23.40 -6.64
CA PHE F 304 -21.72 -23.53 -8.07
C PHE F 304 -21.58 -25.02 -8.40
N LEU F 305 -21.13 -25.33 -9.61
CA LEU F 305 -20.86 -26.73 -9.94
C LEU F 305 -19.43 -26.87 -10.47
N LYS G 1 44.31 7.89 53.48
CA LYS G 1 43.45 8.82 52.77
C LYS G 1 41.97 8.54 53.04
N PRO G 2 41.43 9.10 54.16
CA PRO G 2 40.03 8.90 54.51
C PRO G 2 39.08 9.92 53.87
N VAL G 3 39.21 10.09 52.55
CA VAL G 3 38.38 11.05 51.83
C VAL G 3 37.64 10.32 50.71
N SER G 4 38.24 9.21 50.24
CA SER G 4 37.66 8.27 49.27
C SER G 4 37.29 8.96 47.96
N LEU G 5 38.32 9.44 47.27
CA LEU G 5 38.15 10.03 45.95
C LEU G 5 37.62 9.01 44.95
N SER G 6 38.28 7.85 44.85
CA SER G 6 37.84 6.77 43.98
C SER G 6 37.00 5.78 44.80
N TYR G 7 36.72 4.62 44.19
CA TYR G 7 35.99 3.49 44.81
C TYR G 7 34.60 3.92 45.30
N ARG G 8 33.80 4.45 44.38
CA ARG G 8 32.49 4.99 44.70
C ARG G 8 31.41 3.99 44.28
N CYS G 9 30.58 3.59 45.24
CA CYS G 9 29.43 2.75 44.95
C CYS G 9 28.35 3.47 44.15
N PRO G 10 27.71 2.76 43.21
CA PRO G 10 26.28 2.97 42.91
C PRO G 10 25.40 2.09 43.80
N CYS G 11 25.71 2.07 45.10
CA CYS G 11 25.06 1.22 46.10
C CYS G 11 24.11 2.02 46.99
N ARG G 12 23.74 3.24 46.58
CA ARG G 12 23.06 4.16 47.49
C ARG G 12 21.60 3.80 47.69
N PHE G 13 20.83 3.74 46.60
CA PHE G 13 19.39 3.55 46.68
C PHE G 13 19.09 2.08 46.99
N PHE G 14 19.16 1.75 48.28
CA PHE G 14 18.83 0.40 48.75
C PHE G 14 17.35 0.38 49.14
N GLU G 15 16.50 0.41 48.12
CA GLU G 15 15.05 0.45 48.33
C GLU G 15 14.51 -0.96 48.51
N SER G 16 13.84 -1.19 49.64
CA SER G 16 13.26 -2.51 49.90
C SER G 16 11.99 -2.74 49.12
N HIS G 17 11.21 -1.71 48.86
CA HIS G 17 9.94 -1.83 48.15
C HIS G 17 10.21 -1.96 46.66
N VAL G 18 10.13 -3.18 46.14
CA VAL G 18 10.33 -3.46 44.72
C VAL G 18 9.13 -4.23 44.21
N ALA G 19 8.56 -3.78 43.09
CA ALA G 19 7.41 -4.43 42.46
C ALA G 19 7.93 -5.31 41.33
N ARG G 20 7.70 -6.62 41.44
CA ARG G 20 8.20 -7.54 40.43
C ARG G 20 7.39 -7.49 39.15
N ALA G 21 6.11 -7.10 39.24
CA ALA G 21 5.27 -7.04 38.04
C ALA G 21 5.64 -5.85 37.18
N ASN G 22 6.00 -4.73 37.77
CA ASN G 22 6.39 -3.53 37.04
C ASN G 22 7.88 -3.47 36.76
N VAL G 23 8.64 -4.48 37.15
CA VAL G 23 10.09 -4.48 36.97
C VAL G 23 10.41 -4.93 35.54
N LYS G 24 11.25 -4.17 34.87
CA LYS G 24 11.79 -4.55 33.57
C LYS G 24 13.06 -5.38 33.79
N HIS G 25 13.86 -5.57 32.74
CA HIS G 25 15.09 -6.33 32.84
C HIS G 25 16.11 -5.60 33.71
N LEU G 26 16.32 -6.09 34.93
CA LEU G 26 17.24 -5.46 35.87
C LEU G 26 18.68 -5.74 35.46
N LYS G 27 19.54 -4.73 35.62
CA LYS G 27 20.94 -4.81 35.21
C LYS G 27 21.82 -4.99 36.44
N ILE G 28 22.62 -6.05 36.44
CA ILE G 28 23.63 -6.28 37.47
C ILE G 28 24.95 -5.74 36.93
N LEU G 29 25.39 -4.62 37.49
CA LEU G 29 26.62 -3.99 37.03
C LEU G 29 27.84 -4.79 37.47
N ASN G 30 28.84 -4.86 36.58
CA ASN G 30 30.06 -5.62 36.85
C ASN G 30 31.05 -4.74 37.62
N THR G 31 30.71 -4.48 38.87
CA THR G 31 31.57 -3.70 39.74
C THR G 31 32.66 -4.59 40.32
N PRO G 32 33.94 -4.26 40.14
CA PRO G 32 35.02 -5.13 40.63
C PRO G 32 35.24 -4.93 42.12
N ASN G 33 35.08 -6.04 42.88
CA ASN G 33 35.27 -6.09 44.34
C ASN G 33 34.37 -5.10 45.08
N CYS G 34 33.12 -4.99 44.63
CA CYS G 34 32.13 -4.17 45.32
C CYS G 34 30.87 -4.98 45.62
N ALA G 35 29.84 -4.31 46.12
CA ALA G 35 28.57 -4.98 46.37
C ALA G 35 27.80 -5.17 45.07
N LEU G 36 26.76 -5.99 45.15
CA LEU G 36 25.94 -6.29 43.97
C LEU G 36 25.05 -5.12 43.62
N GLN G 37 25.48 -4.29 42.67
CA GLN G 37 24.71 -3.13 42.23
C GLN G 37 23.67 -3.60 41.22
N ILE G 38 22.41 -3.65 41.65
CA ILE G 38 21.33 -4.10 40.78
C ILE G 38 20.41 -2.93 40.46
N VAL G 39 20.59 -2.34 39.29
CA VAL G 39 19.76 -1.22 38.84
C VAL G 39 18.59 -1.83 38.07
N ALA G 40 17.41 -1.83 38.68
CA ALA G 40 16.21 -2.36 38.06
C ALA G 40 15.50 -1.24 37.32
N ARG G 41 15.20 -1.48 36.04
CA ARG G 41 14.35 -0.56 35.30
C ARG G 41 12.89 -0.83 35.64
N LEU G 42 12.13 0.24 35.84
CA LEU G 42 10.71 0.14 36.16
C LEU G 42 9.90 0.45 34.92
N LYS G 43 9.00 -0.47 34.55
CA LYS G 43 8.17 -0.27 33.37
C LYS G 43 7.06 0.75 33.61
N ASN G 44 6.72 1.03 34.86
CA ASN G 44 5.67 2.00 35.15
C ASN G 44 6.14 3.43 34.93
N ASN G 45 7.39 3.73 35.31
CA ASN G 45 7.90 5.09 35.27
C ASN G 45 9.00 5.31 34.24
N ASN G 46 9.44 4.24 33.55
CA ASN G 46 10.49 4.27 32.53
C ASN G 46 11.80 4.86 33.06
N ARG G 47 12.15 4.48 34.29
CA ARG G 47 13.37 4.96 34.93
C ARG G 47 14.09 3.80 35.61
N GLN G 48 15.41 3.94 35.74
CA GLN G 48 16.21 2.91 36.39
C GLN G 48 16.49 3.32 37.84
N VAL G 49 16.08 2.47 38.78
CA VAL G 49 16.28 2.72 40.20
C VAL G 49 17.07 1.55 40.78
N CYS G 50 18.01 1.85 41.67
CA CYS G 50 18.79 0.80 42.30
C CYS G 50 17.94 0.04 43.32
N ILE G 51 18.26 -1.24 43.50
CA ILE G 51 17.55 -2.10 44.44
C ILE G 51 18.58 -2.81 45.30
N ASP G 52 18.24 -3.01 46.58
CA ASP G 52 19.13 -3.69 47.50
C ASP G 52 19.19 -5.19 47.17
N PRO G 53 20.32 -5.85 47.46
CA PRO G 53 20.43 -7.28 47.16
C PRO G 53 19.90 -8.16 48.29
N LYS G 54 18.69 -7.89 48.75
CA LYS G 54 18.06 -8.68 49.79
C LYS G 54 16.57 -8.89 49.57
N LEU G 55 16.01 -8.43 48.47
CA LEU G 55 14.59 -8.61 48.21
C LEU G 55 14.29 -10.05 47.80
N LYS G 56 13.11 -10.54 48.16
CA LYS G 56 12.72 -11.90 47.81
C LYS G 56 12.44 -12.03 46.32
N TRP G 57 11.84 -10.99 45.71
CA TRP G 57 11.54 -11.04 44.29
C TRP G 57 12.80 -10.98 43.45
N ILE G 58 13.77 -10.16 43.86
CA ILE G 58 15.04 -10.06 43.12
C ILE G 58 15.85 -11.35 43.26
N GLN G 59 15.82 -11.95 44.45
CA GLN G 59 16.51 -13.22 44.65
C GLN G 59 15.84 -14.36 43.86
N GLU G 60 14.51 -14.33 43.77
CA GLU G 60 13.80 -15.33 42.99
C GLU G 60 14.04 -15.16 41.50
N TYR G 61 14.18 -13.90 41.04
CA TYR G 61 14.50 -13.66 39.64
C TYR G 61 15.94 -14.04 39.32
N LEU G 62 16.86 -13.83 40.26
CA LEU G 62 18.25 -14.20 40.03
C LEU G 62 18.43 -15.72 40.09
N GLU G 63 17.68 -16.41 40.95
CA GLU G 63 17.79 -17.84 41.08
C GLU G 63 17.06 -18.60 39.99
N LYS G 64 16.21 -17.93 39.20
CA LYS G 64 15.48 -18.59 38.11
C LYS G 64 16.33 -18.56 36.85
N ALA G 65 17.37 -19.39 36.86
CA ALA G 65 18.29 -19.49 35.74
C ALA G 65 18.90 -20.88 35.66
N LYS H 1 15.41 40.05 55.54
CA LYS H 1 15.95 39.82 54.20
C LYS H 1 14.99 40.31 53.12
N PRO H 2 15.04 41.61 52.80
CA PRO H 2 14.17 42.18 51.76
C PRO H 2 14.75 42.07 50.35
N VAL H 3 15.29 40.90 50.02
CA VAL H 3 15.89 40.64 48.72
C VAL H 3 15.19 39.53 47.95
N SER H 4 14.80 38.45 48.65
CA SER H 4 13.93 37.37 48.16
C SER H 4 14.53 36.67 46.94
N LEU H 5 15.62 35.93 47.20
CA LEU H 5 16.22 35.08 46.17
C LEU H 5 15.23 34.02 45.68
N SER H 6 14.84 33.10 46.56
CA SER H 6 13.96 32.00 46.20
C SER H 6 12.50 32.44 46.27
N TYR H 7 11.61 31.51 45.92
CA TYR H 7 10.15 31.67 45.94
C TYR H 7 9.70 32.84 45.06
N ARG H 8 9.98 32.73 43.77
CA ARG H 8 9.77 33.80 42.81
C ARG H 8 8.51 33.55 42.00
N CYS H 9 7.69 34.59 41.86
CA CYS H 9 6.54 34.55 40.97
C CYS H 9 6.93 34.45 39.50
N PRO H 10 6.20 33.63 38.72
CA PRO H 10 5.96 33.96 37.32
C PRO H 10 4.71 34.82 37.17
N CYS H 11 4.59 35.83 38.03
CA CYS H 11 3.45 36.75 38.10
C CYS H 11 3.75 38.05 37.35
N ARG H 12 4.19 37.94 36.10
CA ARG H 12 4.72 39.08 35.36
C ARG H 12 3.82 39.48 34.21
N PHE H 13 3.50 38.56 33.31
CA PHE H 13 2.74 38.89 32.10
C PHE H 13 1.24 38.90 32.40
N PHE H 14 0.79 40.01 32.99
CA PHE H 14 -0.63 40.22 33.28
C PHE H 14 -1.26 40.99 32.12
N GLU H 15 -1.37 40.31 30.99
CA GLU H 15 -1.90 40.91 29.77
C GLU H 15 -3.42 40.74 29.72
N SER H 16 -4.13 41.86 29.59
CA SER H 16 -5.59 41.82 29.50
C SER H 16 -6.07 41.36 28.14
N HIS H 17 -5.29 41.59 27.08
CA HIS H 17 -5.67 41.23 25.73
C HIS H 17 -5.48 39.73 25.55
N VAL H 18 -6.55 38.97 25.75
CA VAL H 18 -6.55 37.53 25.60
C VAL H 18 -7.65 37.15 24.60
N ALA H 19 -7.27 36.38 23.59
CA ALA H 19 -8.21 35.91 22.57
C ALA H 19 -8.60 34.48 22.90
N ARG H 20 -9.91 34.25 23.11
CA ARG H 20 -10.37 32.91 23.47
C ARG H 20 -10.38 31.97 22.28
N ALA H 21 -10.50 32.49 21.06
CA ALA H 21 -10.50 31.64 19.88
C ALA H 21 -9.12 31.07 19.59
N ASN H 22 -8.07 31.89 19.80
CA ASN H 22 -6.70 31.45 19.57
C ASN H 22 -6.07 30.83 20.80
N VAL H 23 -6.80 30.70 21.90
CA VAL H 23 -6.25 30.16 23.13
C VAL H 23 -6.27 28.63 23.06
N LYS H 24 -5.12 28.02 23.32
CA LYS H 24 -5.01 26.58 23.47
C LYS H 24 -5.29 26.22 24.92
N HIS H 25 -4.95 24.99 25.33
CA HIS H 25 -5.18 24.54 26.70
C HIS H 25 -4.30 25.31 27.70
N LEU H 26 -4.93 26.22 28.44
CA LEU H 26 -4.19 27.04 29.41
C LEU H 26 -3.83 26.20 30.64
N LYS H 27 -2.64 26.46 31.18
CA LYS H 27 -2.09 25.68 32.29
C LYS H 27 -2.14 26.53 33.56
N ILE H 28 -2.80 26.01 34.58
CA ILE H 28 -2.80 26.62 35.92
C ILE H 28 -1.72 25.92 36.73
N LEU H 29 -0.63 26.63 37.00
CA LEU H 29 0.49 26.05 37.72
C LEU H 29 0.15 25.84 39.19
N ASN H 30 0.58 24.70 39.73
CA ASN H 30 0.32 24.35 41.12
C ASN H 30 1.39 24.99 42.00
N THR H 31 1.24 26.29 42.20
CA THR H 31 2.14 27.04 43.08
C THR H 31 1.45 27.30 44.40
N PRO H 32 1.90 26.71 45.50
CA PRO H 32 1.21 26.92 46.79
C PRO H 32 1.51 28.29 47.36
N ASN H 33 0.48 28.89 47.97
CA ASN H 33 0.52 30.21 48.62
C ASN H 33 0.98 31.30 47.66
N CYS H 34 0.53 31.23 46.41
CA CYS H 34 0.83 32.21 45.39
C CYS H 34 -0.44 32.55 44.63
N ALA H 35 -0.32 33.49 43.68
CA ALA H 35 -1.43 33.81 42.80
C ALA H 35 -1.61 32.73 41.75
N LEU H 36 -2.78 32.74 41.11
CA LEU H 36 -3.09 31.74 40.09
C LEU H 36 -2.33 32.04 38.80
N GLN H 37 -1.17 31.40 38.63
CA GLN H 37 -0.36 31.57 37.43
C GLN H 37 -0.99 30.76 36.31
N ILE H 38 -1.70 31.45 35.41
CA ILE H 38 -2.41 30.81 34.31
C ILE H 38 -1.65 31.16 33.03
N VAL H 39 -0.79 30.24 32.60
CA VAL H 39 -0.02 30.42 31.37
C VAL H 39 -0.82 29.78 30.24
N ALA H 40 -1.37 30.60 29.36
CA ALA H 40 -2.18 30.13 28.25
C ALA H 40 -1.28 29.95 27.02
N ARG H 41 -1.37 28.79 26.40
CA ARG H 41 -0.73 28.60 25.10
C ARG H 41 -1.59 29.23 24.01
N LEU H 42 -0.94 29.87 23.05
CA LEU H 42 -1.62 30.50 21.94
C LEU H 42 -1.46 29.65 20.69
N LYS H 43 -2.59 29.29 20.07
CA LYS H 43 -2.55 28.47 18.86
C LYS H 43 -2.06 29.24 17.64
N ASN H 44 -2.13 30.58 17.68
CA ASN H 44 -1.68 31.37 16.54
C ASN H 44 -0.15 31.42 16.46
N ASN H 45 0.52 31.55 17.60
CA ASN H 45 1.95 31.75 17.63
C ASN H 45 2.75 30.58 18.20
N ASN H 46 2.06 29.54 18.69
CA ASN H 46 2.66 28.33 19.29
C ASN H 46 3.60 28.66 20.45
N ARG H 47 3.19 29.60 21.29
CA ARG H 47 3.97 30.03 22.44
C ARG H 47 3.07 30.15 23.65
N GLN H 48 3.66 29.99 24.84
CA GLN H 48 2.92 30.09 26.09
C GLN H 48 3.15 31.47 26.70
N VAL H 49 2.07 32.21 26.95
CA VAL H 49 2.14 33.53 27.55
C VAL H 49 1.20 33.55 28.75
N CYS H 50 1.64 34.18 29.84
CA CYS H 50 0.82 34.25 31.04
C CYS H 50 -0.36 35.20 30.84
N ILE H 51 -1.42 34.96 31.60
CA ILE H 51 -2.62 35.79 31.56
C ILE H 51 -3.01 36.14 32.99
N ASP H 52 -3.51 37.35 33.19
CA ASP H 52 -3.94 37.78 34.51
C ASP H 52 -5.22 37.05 34.93
N PRO H 53 -5.43 36.87 36.24
CA PRO H 53 -6.64 36.18 36.71
C PRO H 53 -7.84 37.11 36.85
N LYS H 54 -8.10 37.93 35.82
CA LYS H 54 -9.25 38.82 35.84
C LYS H 54 -9.94 38.94 34.48
N LEU H 55 -9.50 38.20 33.47
CA LEU H 55 -10.14 38.27 32.17
C LEU H 55 -11.48 37.55 32.18
N LYS H 56 -12.42 38.05 31.37
CA LYS H 56 -13.74 37.45 31.29
C LYS H 56 -13.70 36.10 30.59
N TRP H 57 -12.85 35.96 29.56
CA TRP H 57 -12.74 34.70 28.84
C TRP H 57 -12.09 33.62 29.69
N ILE H 58 -11.06 33.98 30.46
CA ILE H 58 -10.40 33.01 31.34
C ILE H 58 -11.32 32.60 32.48
N GLN H 59 -12.09 33.54 33.01
CA GLN H 59 -13.05 33.21 34.07
C GLN H 59 -14.19 32.35 33.54
N GLU H 60 -14.63 32.60 32.30
CA GLU H 60 -15.67 31.77 31.69
C GLU H 60 -15.15 30.37 31.39
N TYR H 61 -13.88 30.24 31.00
CA TYR H 61 -13.29 28.94 30.77
C TYR H 61 -13.08 28.17 32.07
N LEU H 62 -12.71 28.88 33.14
CA LEU H 62 -12.51 28.22 34.43
C LEU H 62 -13.85 27.82 35.06
N GLU H 63 -14.89 28.62 34.85
CA GLU H 63 -16.21 28.33 35.42
C GLU H 63 -16.97 27.28 34.62
N LYS H 64 -16.53 26.94 33.41
CA LYS H 64 -17.20 25.94 32.58
C LYS H 64 -16.69 24.55 32.97
N ALA H 65 -17.13 24.09 34.14
CA ALA H 65 -16.74 22.79 34.66
C ALA H 65 -17.85 22.20 35.53
N LYS I 1 33.04 57.91 20.98
CA LYS I 1 33.48 56.52 21.05
C LYS I 1 33.90 56.00 19.68
N PRO I 2 35.19 56.23 19.29
CA PRO I 2 35.68 55.84 17.96
C PRO I 2 36.15 54.39 17.86
N VAL I 3 35.30 53.47 18.30
CA VAL I 3 35.62 52.04 18.20
C VAL I 3 34.55 51.37 17.34
N SER I 4 33.34 51.93 17.36
CA SER I 4 32.16 51.42 16.65
C SER I 4 31.89 49.94 16.95
N LEU I 5 31.89 49.62 18.25
CA LEU I 5 31.67 48.23 18.67
C LEU I 5 30.23 47.81 18.43
N SER I 6 29.28 48.73 18.57
CA SER I 6 27.89 48.45 18.26
C SER I 6 27.55 48.91 16.84
N TYR I 7 26.36 48.50 16.39
CA TYR I 7 25.80 48.83 15.07
C TYR I 7 26.71 48.39 13.93
N ARG I 8 26.93 47.08 13.87
CA ARG I 8 27.83 46.46 12.89
C ARG I 8 27.01 45.85 11.76
N CYS I 9 27.44 46.07 10.53
CA CYS I 9 26.71 45.55 9.39
C CYS I 9 27.10 44.10 9.14
N PRO I 10 26.25 43.33 8.44
CA PRO I 10 26.69 42.02 7.91
C PRO I 10 27.36 42.16 6.56
N CYS I 11 27.56 43.39 6.09
CA CYS I 11 28.11 43.65 4.76
C CYS I 11 29.63 43.44 4.74
N ARG I 12 30.02 42.17 4.72
CA ARG I 12 31.41 41.78 4.71
C ARG I 12 31.84 41.00 3.48
N PHE I 13 30.90 40.61 2.61
CA PHE I 13 31.21 39.81 1.43
C PHE I 13 30.68 40.55 0.20
N PHE I 14 31.52 41.42 -0.36
CA PHE I 14 31.18 42.14 -1.59
C PHE I 14 31.82 41.44 -2.80
N GLU I 15 31.36 40.22 -3.05
CA GLU I 15 31.90 39.40 -4.13
C GLU I 15 31.09 39.62 -5.39
N SER I 16 31.76 40.03 -6.46
CA SER I 16 31.10 40.25 -7.74
C SER I 16 30.79 38.95 -8.47
N HIS I 17 31.47 37.86 -8.13
CA HIS I 17 31.26 36.57 -8.79
C HIS I 17 30.00 35.93 -8.21
N VAL I 18 28.86 36.20 -8.84
CA VAL I 18 27.58 35.66 -8.43
C VAL I 18 26.97 34.92 -9.61
N ALA I 19 26.57 33.67 -9.39
CA ALA I 19 25.95 32.85 -10.42
C ALA I 19 24.44 32.87 -10.21
N ARG I 20 23.71 33.34 -11.23
CA ARG I 20 22.26 33.44 -11.12
C ARG I 20 21.58 32.08 -11.22
N ALA I 21 22.21 31.13 -11.91
CA ALA I 21 21.61 29.80 -12.05
C ALA I 21 21.68 29.03 -10.73
N ASN I 22 22.79 29.15 -10.00
CA ASN I 22 22.96 28.47 -8.73
C ASN I 22 22.42 29.26 -7.54
N VAL I 23 21.85 30.44 -7.78
CA VAL I 23 21.36 31.28 -6.70
C VAL I 23 19.99 30.79 -6.25
N LYS I 24 19.83 30.59 -4.94
CA LYS I 24 18.55 30.27 -4.34
C LYS I 24 17.82 31.57 -4.01
N HIS I 25 16.77 31.49 -3.19
CA HIS I 25 16.03 32.68 -2.77
C HIS I 25 16.89 33.58 -1.89
N LEU I 26 17.34 34.70 -2.45
CA LEU I 26 18.20 35.64 -1.74
C LEU I 26 17.40 36.41 -0.69
N LYS I 27 18.00 36.57 0.49
CA LYS I 27 17.36 37.21 1.62
C LYS I 27 17.87 38.65 1.72
N ILE I 28 16.94 39.60 1.69
CA ILE I 28 17.25 41.01 1.89
C ILE I 28 16.96 41.32 3.35
N LEU I 29 18.02 41.52 4.14
CA LEU I 29 17.87 41.76 5.57
C LEU I 29 17.33 43.16 5.82
N ASN I 30 16.45 43.27 6.83
CA ASN I 30 15.83 44.55 7.18
C ASN I 30 16.72 45.29 8.17
N THR I 31 17.86 45.77 7.65
CA THR I 31 18.80 46.54 8.44
C THR I 31 18.43 48.01 8.39
N PRO I 32 18.14 48.65 9.52
CA PRO I 32 17.73 50.07 9.48
C PRO I 32 18.94 50.99 9.30
N ASN I 33 18.81 51.91 8.34
CA ASN I 33 19.83 52.92 8.00
C ASN I 33 21.17 52.28 7.63
N CYS I 34 21.12 51.18 6.88
CA CYS I 34 22.33 50.51 6.40
C CYS I 34 22.24 50.23 4.92
N ALA I 35 23.25 49.54 4.38
CA ALA I 35 23.22 49.12 2.99
C ALA I 35 22.36 47.87 2.83
N LEU I 36 22.10 47.51 1.57
CA LEU I 36 21.27 46.35 1.28
C LEU I 36 22.04 45.06 1.54
N GLN I 37 21.84 44.46 2.71
CA GLN I 37 22.49 43.20 3.07
C GLN I 37 21.75 42.08 2.37
N ILE I 38 22.18 41.79 1.14
CA ILE I 38 21.54 40.77 0.31
C ILE I 38 22.37 39.51 0.44
N VAL I 39 21.92 38.59 1.30
CA VAL I 39 22.58 37.31 1.49
C VAL I 39 21.93 36.35 0.49
N ALA I 40 22.65 36.03 -0.58
CA ALA I 40 22.15 35.14 -1.62
C ALA I 40 22.61 33.73 -1.30
N ARG I 41 21.66 32.87 -0.92
CA ARG I 41 21.97 31.47 -0.68
C ARG I 41 22.29 30.77 -1.99
N LEU I 42 23.32 29.92 -1.96
CA LEU I 42 23.76 29.21 -3.15
C LEU I 42 23.22 27.78 -3.12
N LYS I 43 22.52 27.40 -4.19
CA LYS I 43 21.97 26.05 -4.28
C LYS I 43 23.03 25.00 -4.57
N ASN I 44 24.20 25.41 -5.07
CA ASN I 44 25.26 24.44 -5.36
C ASN I 44 25.95 23.96 -4.09
N ASN I 45 26.15 24.84 -3.12
CA ASN I 45 26.88 24.51 -1.91
C ASN I 45 26.03 24.50 -0.65
N ASN I 46 24.73 24.85 -0.75
CA ASN I 46 23.78 24.91 0.37
C ASN I 46 24.27 25.81 1.49
N ARG I 47 24.83 26.97 1.12
CA ARG I 47 25.37 27.91 2.09
C ARG I 47 24.88 29.32 1.77
N GLN I 48 24.72 30.13 2.82
CA GLN I 48 24.28 31.51 2.66
C GLN I 48 25.50 32.43 2.67
N VAL I 49 25.69 33.16 1.58
CA VAL I 49 26.82 34.08 1.42
C VAL I 49 26.28 35.43 0.99
N CYS I 50 26.78 36.49 1.61
CA CYS I 50 26.36 37.84 1.24
C CYS I 50 26.95 38.25 -0.11
N ILE I 51 26.25 39.14 -0.80
CA ILE I 51 26.70 39.66 -2.09
C ILE I 51 26.59 41.17 -2.08
N ASP I 52 27.37 41.80 -2.94
CA ASP I 52 27.35 43.25 -3.04
C ASP I 52 26.07 43.72 -3.74
N PRO I 53 25.59 44.92 -3.40
CA PRO I 53 24.40 45.45 -4.09
C PRO I 53 24.74 46.19 -5.39
N LYS I 54 25.55 45.58 -6.24
CA LYS I 54 25.92 46.17 -7.51
C LYS I 54 26.02 45.17 -8.65
N LEU I 55 25.71 43.89 -8.42
CA LEU I 55 25.80 42.89 -9.47
C LEU I 55 24.65 43.05 -10.46
N LYS I 56 24.91 42.67 -11.70
CA LYS I 56 23.89 42.76 -12.74
C LYS I 56 22.78 41.73 -12.53
N TRP I 57 23.15 40.53 -12.10
CA TRP I 57 22.15 39.48 -11.86
C TRP I 57 21.28 39.81 -10.66
N ILE I 58 21.87 40.37 -9.60
CA ILE I 58 21.10 40.74 -8.42
C ILE I 58 20.16 41.91 -8.72
N GLN I 59 20.64 42.87 -9.53
CA GLN I 59 19.78 43.99 -9.93
C GLN I 59 18.66 43.53 -10.85
N GLU I 60 18.95 42.56 -11.73
CA GLU I 60 17.90 42.02 -12.61
C GLU I 60 16.88 41.22 -11.82
N TYR I 61 17.32 40.51 -10.78
CA TYR I 61 16.38 39.77 -9.93
C TYR I 61 15.55 40.71 -9.07
N LEU I 62 16.14 41.82 -8.62
CA LEU I 62 15.39 42.79 -7.81
C LEU I 62 14.41 43.57 -8.67
N GLU I 63 14.78 43.86 -9.93
CA GLU I 63 13.91 44.62 -10.81
C GLU I 63 12.80 43.77 -11.42
N LYS I 64 12.89 42.44 -11.34
CA LYS I 64 11.86 41.56 -11.89
C LYS I 64 10.78 41.33 -10.85
N ALA I 65 10.01 42.39 -10.60
CA ALA I 65 8.92 42.34 -9.63
C ALA I 65 7.82 43.34 -10.01
N LYS J 1 20.73 -13.87 -17.10
CA LYS J 1 20.13 -12.61 -16.68
C LYS J 1 20.80 -11.46 -17.42
N PRO J 2 20.19 -11.01 -18.53
CA PRO J 2 20.83 -9.97 -19.37
C PRO J 2 21.01 -8.63 -18.68
N VAL J 3 20.25 -8.35 -17.63
CA VAL J 3 20.43 -7.12 -16.86
C VAL J 3 21.28 -7.44 -15.64
N SER J 4 21.81 -6.39 -15.00
CA SER J 4 22.66 -6.55 -13.84
C SER J 4 22.31 -5.45 -12.84
N LEU J 5 21.90 -5.85 -11.64
CA LEU J 5 21.47 -4.91 -10.63
C LEU J 5 22.02 -5.18 -9.23
N SER J 6 22.74 -6.28 -9.03
CA SER J 6 23.17 -6.68 -7.70
C SER J 6 24.59 -6.25 -7.36
N TYR J 7 25.44 -6.03 -8.36
CA TYR J 7 26.85 -5.71 -8.13
C TYR J 7 27.16 -4.24 -8.39
N ARG J 8 26.15 -3.37 -8.35
CA ARG J 8 26.26 -1.99 -8.79
C ARG J 8 27.26 -1.19 -7.94
N CYS J 9 28.05 -0.36 -8.62
CA CYS J 9 29.23 0.26 -8.07
C CYS J 9 29.04 1.76 -7.84
N PRO J 10 29.77 2.35 -6.89
CA PRO J 10 29.74 3.81 -6.73
C PRO J 10 30.65 4.51 -7.72
N CYS J 11 30.29 4.49 -9.00
CA CYS J 11 31.13 5.03 -10.06
C CYS J 11 30.35 6.05 -10.88
N ARG J 12 29.68 6.98 -10.20
CA ARG J 12 28.81 7.94 -10.84
C ARG J 12 29.38 9.35 -10.68
N PHE J 13 29.56 10.05 -11.80
CA PHE J 13 29.92 11.47 -11.88
C PHE J 13 31.24 11.77 -11.17
N PHE J 14 32.31 11.19 -11.70
CA PHE J 14 33.66 11.36 -11.14
C PHE J 14 34.14 12.77 -11.42
N GLU J 15 34.03 13.62 -10.40
CA GLU J 15 34.43 15.02 -10.51
C GLU J 15 35.93 15.18 -10.29
N SER J 16 36.51 16.21 -10.89
CA SER J 16 37.93 16.50 -10.78
C SER J 16 38.21 17.85 -10.11
N HIS J 17 37.19 18.46 -9.50
CA HIS J 17 37.34 19.75 -8.82
C HIS J 17 37.05 19.55 -7.34
N VAL J 18 38.10 19.20 -6.59
CA VAL J 18 38.00 19.00 -5.15
C VAL J 18 39.18 19.70 -4.47
N ALA J 19 38.89 20.44 -3.40
CA ALA J 19 39.92 21.14 -2.66
C ALA J 19 40.61 20.20 -1.69
N ARG J 20 41.94 20.25 -1.67
CA ARG J 20 42.71 19.37 -0.77
C ARG J 20 42.57 19.80 0.68
N ALA J 21 42.44 21.10 0.94
CA ALA J 21 42.27 21.58 2.31
C ALA J 21 40.87 21.25 2.83
N ASN J 22 39.87 21.29 1.96
CA ASN J 22 38.50 20.97 2.36
C ASN J 22 38.27 19.48 2.54
N VAL J 23 39.15 18.64 2.00
CA VAL J 23 39.00 17.19 2.13
C VAL J 23 39.50 16.79 3.52
N LYS J 24 38.58 16.31 4.36
CA LYS J 24 38.92 15.89 5.72
C LYS J 24 39.26 14.41 5.78
N HIS J 25 38.39 13.56 5.23
CA HIS J 25 38.59 12.12 5.22
C HIS J 25 38.15 11.59 3.86
N LEU J 26 39.10 11.05 3.10
CA LEU J 26 38.82 10.53 1.76
C LEU J 26 38.71 9.02 1.84
N LYS J 27 37.52 8.52 2.19
CA LYS J 27 37.28 7.09 2.37
C LYS J 27 37.24 6.42 1.00
N ILE J 28 38.19 5.52 0.75
CA ILE J 28 38.23 4.76 -0.48
C ILE J 28 37.43 3.48 -0.26
N LEU J 29 36.35 3.31 -1.02
CA LEU J 29 35.46 2.17 -0.82
C LEU J 29 36.10 0.89 -1.32
N ASN J 30 36.07 -0.14 -0.49
CA ASN J 30 36.65 -1.45 -0.81
C ASN J 30 35.52 -2.35 -1.31
N THR J 31 35.41 -2.48 -2.63
CA THR J 31 34.40 -3.33 -3.24
C THR J 31 35.03 -4.21 -4.30
N PRO J 32 34.50 -5.41 -4.52
CA PRO J 32 35.06 -6.31 -5.54
C PRO J 32 34.38 -6.12 -6.90
N ASN J 33 35.21 -6.23 -7.94
CA ASN J 33 34.82 -6.03 -9.35
C ASN J 33 34.19 -4.65 -9.57
N CYS J 34 34.76 -3.63 -8.93
CA CYS J 34 34.29 -2.26 -9.07
C CYS J 34 35.50 -1.35 -9.25
N ALA J 35 35.21 -0.11 -9.65
CA ALA J 35 36.26 0.88 -9.80
C ALA J 35 36.72 1.39 -8.43
N LEU J 36 37.87 2.07 -8.43
CA LEU J 36 38.46 2.59 -7.19
C LEU J 36 37.71 3.86 -6.77
N GLN J 37 36.56 3.66 -6.14
CA GLN J 37 35.74 4.76 -5.66
C GLN J 37 36.34 5.34 -4.39
N ILE J 38 36.44 6.67 -4.34
CA ILE J 38 37.02 7.37 -3.19
C ILE J 38 36.09 8.56 -2.91
N VAL J 39 35.25 8.42 -1.89
CA VAL J 39 34.34 9.49 -1.48
C VAL J 39 35.00 10.25 -0.33
N ALA J 40 35.18 11.55 -0.51
CA ALA J 40 35.79 12.41 0.50
C ALA J 40 34.70 13.21 1.19
N ARG J 41 34.77 13.25 2.52
CA ARG J 41 33.85 14.07 3.31
C ARG J 41 34.38 15.50 3.35
N LEU J 42 33.60 16.44 2.85
CA LEU J 42 34.03 17.83 2.79
C LEU J 42 33.98 18.46 4.18
N LYS J 43 34.70 19.58 4.32
CA LYS J 43 34.73 20.32 5.55
C LYS J 43 33.81 21.54 5.56
N ASN J 44 33.60 22.16 4.38
CA ASN J 44 32.75 23.34 4.31
C ASN J 44 31.28 22.96 4.42
N ASN J 45 30.85 21.90 3.74
CA ASN J 45 29.46 21.50 3.69
C ASN J 45 29.15 20.25 4.50
N ASN J 46 30.18 19.52 4.97
CA ASN J 46 30.07 18.29 5.74
C ASN J 46 29.26 17.22 5.02
N ARG J 47 29.46 17.12 3.70
CA ARG J 47 28.77 16.14 2.88
C ARG J 47 29.79 15.39 2.03
N GLN J 48 29.58 14.08 1.89
CA GLN J 48 30.50 13.25 1.13
C GLN J 48 30.30 13.43 -0.37
N VAL J 49 31.39 13.64 -1.09
CA VAL J 49 31.37 13.76 -2.54
C VAL J 49 32.53 12.94 -3.10
N CYS J 50 32.29 12.30 -4.23
CA CYS J 50 33.31 11.42 -4.80
C CYS J 50 34.44 12.23 -5.44
N ILE J 51 35.59 11.59 -5.60
CA ILE J 51 36.75 12.18 -6.24
C ILE J 51 37.26 11.24 -7.31
N ASP J 52 37.79 11.80 -8.40
CA ASP J 52 38.28 10.99 -9.49
C ASP J 52 39.59 10.28 -9.09
N PRO J 53 39.89 9.13 -9.69
CA PRO J 53 41.15 8.44 -9.37
C PRO J 53 42.38 9.08 -9.97
N LYS J 54 42.23 10.02 -10.91
CA LYS J 54 43.35 10.69 -11.54
C LYS J 54 43.60 12.09 -10.96
N LEU J 55 42.99 12.40 -9.82
CA LEU J 55 43.20 13.70 -9.19
C LEU J 55 44.59 13.80 -8.59
N LYS J 56 45.18 14.99 -8.67
CA LYS J 56 46.53 15.19 -8.14
C LYS J 56 46.54 15.18 -6.61
N TRP J 57 45.49 15.73 -5.99
CA TRP J 57 45.42 15.76 -4.54
C TRP J 57 45.22 14.36 -3.96
N ILE J 58 44.38 13.55 -4.61
CA ILE J 58 44.15 12.19 -4.15
C ILE J 58 45.39 11.33 -4.36
N GLN J 59 46.11 11.55 -5.46
CA GLN J 59 47.36 10.82 -5.70
C GLN J 59 48.44 11.23 -4.71
N GLU J 60 48.48 12.52 -4.33
CA GLU J 60 49.45 12.97 -3.34
C GLU J 60 49.09 12.46 -1.95
N TYR J 61 47.80 12.33 -1.64
CA TYR J 61 47.38 11.76 -0.37
C TYR J 61 47.67 10.26 -0.31
N LEU J 62 47.51 9.55 -1.43
CA LEU J 62 47.81 8.12 -1.45
C LEU J 62 49.32 7.88 -1.42
N GLU J 63 50.10 8.78 -2.02
CA GLU J 63 51.55 8.64 -2.05
C GLU J 63 52.23 9.24 -0.83
N LYS J 64 51.46 9.83 0.10
CA LYS J 64 52.04 10.42 1.30
C LYS J 64 52.46 9.35 2.29
N ALA J 65 52.51 5.80 -0.28
CA ALA J 65 52.86 5.11 0.95
C ALA J 65 53.92 4.04 0.69
N LYS K 1 -1.91 -25.34 17.31
CA LYS K 1 -1.00 -24.60 16.45
C LYS K 1 0.35 -25.29 16.36
N PRO K 2 0.62 -25.90 15.20
CA PRO K 2 1.99 -26.42 14.95
C PRO K 2 3.05 -25.34 14.92
N VAL K 3 2.70 -24.12 14.51
CA VAL K 3 3.62 -23.01 14.48
C VAL K 3 3.48 -22.22 15.77
N SER K 4 4.51 -21.44 16.09
CA SER K 4 4.48 -20.58 17.27
C SER K 4 5.24 -19.30 16.95
N LEU K 5 4.58 -18.16 17.12
CA LEU K 5 5.21 -16.88 16.79
C LEU K 5 5.06 -15.85 17.89
N SER K 6 3.98 -15.95 18.68
CA SER K 6 3.71 -14.92 19.68
C SER K 6 4.57 -15.09 20.93
N TYR K 7 4.83 -16.32 21.35
CA TYR K 7 5.54 -16.57 22.61
C TYR K 7 7.04 -16.31 22.46
N ARG K 8 8.91 -16.46 19.88
CA ARG K 8 10.35 -16.68 19.69
C ARG K 8 11.19 -16.22 20.88
N CYS K 9 12.46 -16.60 20.83
CA CYS K 9 13.47 -16.11 21.75
C CYS K 9 13.85 -14.65 21.57
N PRO K 10 14.42 -14.05 22.62
CA PRO K 10 15.40 -12.97 22.42
C PRO K 10 16.82 -13.52 22.28
N CYS K 11 16.99 -14.84 22.44
CA CYS K 11 18.28 -15.52 22.38
C CYS K 11 18.79 -15.42 20.95
N ARG K 12 19.92 -14.74 20.73
CA ARG K 12 20.39 -14.53 19.36
C ARG K 12 21.90 -14.33 19.42
N PHE K 13 22.66 -15.38 19.05
CA PHE K 13 24.10 -15.32 18.79
C PHE K 13 24.88 -14.87 20.04
N PHE K 14 24.86 -15.75 21.04
CA PHE K 14 25.49 -15.49 22.35
C PHE K 14 26.99 -15.32 22.18
N GLU K 15 27.44 -14.07 22.30
CA GLU K 15 28.84 -13.72 22.10
C GLU K 15 29.67 -14.10 23.31
N SER K 16 30.91 -14.53 23.06
CA SER K 16 31.86 -14.84 24.11
C SER K 16 32.92 -13.76 24.29
N HIS K 17 32.87 -12.69 23.51
CA HIS K 17 33.84 -11.60 23.58
C HIS K 17 33.12 -10.35 24.07
N VAL K 18 33.05 -10.20 25.40
CA VAL K 18 32.43 -9.05 26.04
C VAL K 18 33.40 -8.50 27.07
N ALA K 19 33.61 -7.19 27.07
CA ALA K 19 34.51 -6.54 28.00
C ALA K 19 33.77 -6.22 29.30
N ARG K 20 34.36 -6.58 30.43
CA ARG K 20 33.75 -6.30 31.73
C ARG K 20 33.77 -4.82 32.06
N ALA K 21 34.81 -4.10 31.62
CA ALA K 21 34.86 -2.66 31.86
C ALA K 21 33.87 -1.91 30.99
N ASN K 22 33.64 -2.39 29.76
CA ASN K 22 32.68 -1.75 28.87
C ASN K 22 31.24 -2.11 29.20
N VAL K 23 31.02 -3.15 30.00
CA VAL K 23 29.68 -3.56 30.39
C VAL K 23 29.21 -2.65 31.52
N LYS K 24 28.32 -1.71 31.20
CA LYS K 24 27.83 -0.76 32.20
C LYS K 24 26.54 -1.25 32.84
N HIS K 25 25.63 -1.82 32.06
CA HIS K 25 24.33 -2.28 32.53
C HIS K 25 24.00 -3.59 31.81
N LEU K 26 24.13 -4.71 32.52
CA LEU K 26 23.85 -6.03 31.94
C LEU K 26 22.44 -6.46 32.33
N LYS K 27 21.44 -6.00 31.59
CA LYS K 27 20.04 -6.27 31.88
C LYS K 27 19.72 -7.72 31.55
N ILE K 28 19.25 -8.46 32.55
CA ILE K 28 18.83 -9.85 32.38
C ILE K 28 17.34 -9.84 32.10
N LEU K 29 16.95 -10.30 30.91
CA LEU K 29 15.55 -10.29 30.51
C LEU K 29 14.81 -11.43 31.19
N ASN K 30 13.77 -11.08 31.95
CA ASN K 30 12.96 -12.08 32.66
C ASN K 30 11.82 -12.51 31.75
N THR K 31 11.97 -13.69 31.14
CA THR K 31 10.97 -14.23 30.24
C THR K 31 10.66 -15.68 30.61
N PRO K 32 9.45 -16.15 30.36
CA PRO K 32 9.09 -17.53 30.68
C PRO K 32 9.31 -18.46 29.50
N ASN K 33 9.70 -19.70 29.84
CA ASN K 33 9.97 -20.79 28.90
C ASN K 33 11.02 -20.42 27.87
N CYS K 34 12.03 -19.65 28.28
CA CYS K 34 13.13 -19.25 27.41
C CYS K 34 14.43 -19.33 28.18
N ALA K 35 15.54 -19.19 27.45
CA ALA K 35 16.86 -19.20 28.07
C ALA K 35 17.12 -17.88 28.80
N LEU K 36 18.15 -17.89 29.63
CA LEU K 36 18.51 -16.70 30.41
C LEU K 36 19.22 -15.68 29.53
N GLN K 37 18.45 -14.77 28.93
CA GLN K 37 19.02 -13.76 28.06
C GLN K 37 19.59 -12.61 28.89
N ILE K 38 20.81 -12.21 28.58
CA ILE K 38 21.51 -11.15 29.30
C ILE K 38 22.03 -10.17 28.25
N VAL K 39 21.30 -9.07 28.04
CA VAL K 39 21.69 -8.05 27.10
C VAL K 39 22.41 -6.95 27.86
N ALA K 40 23.67 -6.71 27.52
CA ALA K 40 24.49 -5.71 28.19
C ALA K 40 24.59 -4.48 27.28
N ARG K 41 24.34 -3.31 27.85
CA ARG K 41 24.53 -2.06 27.14
C ARG K 41 26.00 -1.66 27.22
N LEU K 42 26.63 -1.51 26.05
CA LEU K 42 28.05 -1.17 26.00
C LEU K 42 28.28 0.28 26.41
N LYS K 43 29.53 0.57 26.76
CA LYS K 43 29.92 1.93 27.11
C LYS K 43 30.54 2.70 25.96
N ASN K 44 31.31 2.02 25.11
CA ASN K 44 31.95 2.70 23.98
C ASN K 44 30.94 3.02 22.88
N ASN K 45 30.03 2.09 22.59
CA ASN K 45 29.09 2.23 21.49
C ASN K 45 27.67 2.57 21.93
N ASN K 46 27.36 2.43 23.23
CA ASN K 46 26.04 2.72 23.81
C ASN K 46 24.92 1.92 23.14
N ARG K 47 25.20 0.65 22.82
CA ARG K 47 24.24 -0.23 22.18
C ARG K 47 24.20 -1.56 22.93
N GLN K 48 23.00 -2.09 23.09
CA GLN K 48 22.83 -3.35 23.80
C GLN K 48 23.20 -4.53 22.92
N VAL K 49 24.02 -5.43 23.44
CA VAL K 49 24.44 -6.64 22.74
C VAL K 49 24.31 -7.82 23.68
N CYS K 50 24.13 -9.02 23.12
CA CYS K 50 23.93 -10.21 23.93
C CYS K 50 25.22 -10.63 24.63
N ILE K 51 25.07 -11.32 25.75
CA ILE K 51 26.19 -11.94 26.46
C ILE K 51 25.82 -13.40 26.73
N ASP K 52 26.80 -14.28 26.56
CA ASP K 52 26.57 -15.70 26.76
C ASP K 52 26.40 -16.01 28.24
N PRO K 53 25.63 -17.06 28.57
CA PRO K 53 25.44 -17.42 29.99
C PRO K 53 26.64 -18.09 30.62
N LYS K 54 27.62 -18.52 29.83
CA LYS K 54 28.83 -19.15 30.35
C LYS K 54 30.01 -18.19 30.39
N LEU K 55 29.77 -16.89 30.23
CA LEU K 55 30.84 -15.90 30.27
C LEU K 55 31.37 -15.74 31.68
N LYS K 56 32.68 -15.53 31.79
CA LYS K 56 33.31 -15.41 33.10
C LYS K 56 32.95 -14.09 33.78
N TRP K 57 32.84 -13.00 33.00
CA TRP K 57 32.49 -11.70 33.57
C TRP K 57 31.04 -11.68 34.05
N ILE K 58 30.13 -12.31 33.29
CA ILE K 58 28.73 -12.38 33.69
C ILE K 58 28.56 -13.27 34.92
N GLN K 59 29.34 -14.36 34.99
CA GLN K 59 29.29 -15.22 36.17
C GLN K 59 29.87 -14.53 37.39
N GLU K 60 30.91 -13.71 37.21
CA GLU K 60 31.47 -12.96 38.32
C GLU K 60 30.53 -11.85 38.79
N TYR K 61 29.80 -11.24 37.85
CA TYR K 61 28.81 -10.24 38.22
C TYR K 61 27.60 -10.87 38.93
N LEU K 62 27.19 -12.06 38.50
CA LEU K 62 26.06 -12.73 39.15
C LEU K 62 26.47 -13.31 40.50
N GLU K 63 27.75 -13.66 40.65
CA GLU K 63 28.25 -14.23 41.91
C GLU K 63 28.59 -13.17 42.94
N LYS K 64 28.48 -11.89 42.61
CA LYS K 64 28.76 -10.82 43.56
C LYS K 64 27.66 -10.71 44.61
N ALA K 65 26.47 -11.18 44.27
CA ALA K 65 25.35 -11.17 45.21
C ALA K 65 25.44 -12.33 46.19
N LYS L 1 -3.62 20.23 -21.98
CA LYS L 1 -3.96 20.07 -20.57
C LYS L 1 -4.76 21.26 -20.07
N PRO L 2 -6.09 21.15 -20.07
CA PRO L 2 -6.92 22.26 -19.53
C PRO L 2 -6.67 22.54 -18.05
N VAL L 3 -6.32 21.53 -17.26
CA VAL L 3 -5.78 21.76 -15.93
C VAL L 3 -4.30 22.09 -16.05
N SER L 4 -3.80 22.94 -15.16
CA SER L 4 -2.40 23.36 -15.24
C SER L 4 -1.82 23.36 -13.83
N LEU L 5 -1.30 22.21 -13.40
CA LEU L 5 -0.64 22.08 -12.10
C LEU L 5 0.66 21.34 -12.32
N SER L 6 1.70 22.08 -12.72
CA SER L 6 3.06 21.56 -12.71
C SER L 6 4.10 22.62 -12.36
N TYR L 7 3.69 23.85 -12.06
CA TYR L 7 4.61 24.96 -11.96
C TYR L 7 4.28 25.94 -10.83
N ARG L 8 3.39 25.58 -9.92
CA ARG L 8 2.78 26.55 -9.00
C ARG L 8 3.80 27.05 -7.98
N CYS L 9 3.66 28.32 -7.62
CA CYS L 9 4.55 29.00 -6.68
C CYS L 9 4.12 28.74 -5.25
N PRO L 10 5.02 28.97 -4.28
CA PRO L 10 4.57 29.13 -2.90
C PRO L 10 3.94 30.50 -2.68
N CYS L 11 2.72 30.68 -3.21
CA CYS L 11 2.12 32.00 -3.31
C CYS L 11 0.71 31.93 -2.73
N ARG L 12 0.61 32.07 -1.40
CA ARG L 12 -0.68 31.92 -0.73
C ARG L 12 -0.68 32.78 0.52
N PHE L 13 -1.61 33.75 0.58
CA PHE L 13 -1.97 34.51 1.78
C PHE L 13 -0.77 35.29 2.35
N PHE L 14 -0.31 36.25 1.55
CA PHE L 14 0.75 37.16 1.97
C PHE L 14 0.21 38.07 3.06
N GLU L 15 0.61 37.84 4.30
CA GLU L 15 0.10 38.60 5.43
C GLU L 15 0.77 39.96 5.53
N SER L 16 -0.03 41.00 5.75
CA SER L 16 0.51 42.35 5.87
C SER L 16 1.14 42.59 7.23
N HIS L 17 0.60 42.00 8.29
CA HIS L 17 1.10 42.23 9.65
C HIS L 17 2.36 41.40 9.86
N VAL L 18 3.50 41.99 9.51
CA VAL L 18 4.81 41.36 9.68
C VAL L 18 5.71 42.32 10.43
N ALA L 19 6.35 41.82 11.49
CA ALA L 19 7.25 42.63 12.29
C ALA L 19 8.57 42.82 11.56
N ARG L 20 9.06 44.07 11.52
CA ARG L 20 10.32 44.36 10.84
C ARG L 20 11.50 43.85 11.64
N ALA L 21 11.42 43.87 12.98
CA ALA L 21 12.52 43.39 13.81
C ALA L 21 12.60 41.86 13.81
N ASN L 22 11.46 41.19 13.66
CA ASN L 22 11.44 39.72 13.64
C ASN L 22 11.86 39.14 12.30
N VAL L 23 11.96 39.97 11.26
CA VAL L 23 12.35 39.49 9.93
C VAL L 23 13.87 39.33 9.93
N LYS L 24 14.34 38.08 9.87
CA LYS L 24 15.76 37.79 9.86
C LYS L 24 16.29 37.56 8.44
N HIS L 25 15.54 36.80 7.64
CA HIS L 25 15.94 36.47 6.27
C HIS L 25 14.71 36.56 5.38
N LEU L 26 14.53 37.70 4.72
CA LEU L 26 13.41 37.91 3.81
C LEU L 26 13.78 37.36 2.44
N LYS L 27 13.63 36.05 2.27
CA LYS L 27 14.08 35.34 1.07
C LYS L 27 13.15 35.65 -0.09
N ILE L 28 13.66 36.34 -1.09
CA ILE L 28 12.90 36.69 -2.29
C ILE L 28 13.12 35.58 -3.31
N LEU L 29 12.12 34.71 -3.46
CA LEU L 29 12.22 33.60 -4.41
C LEU L 29 11.98 34.11 -5.84
N ASN L 30 12.84 33.67 -6.76
CA ASN L 30 12.74 34.06 -8.16
C ASN L 30 11.90 33.01 -8.89
N THR L 31 10.64 33.35 -9.15
CA THR L 31 9.71 32.47 -9.84
C THR L 31 9.28 33.12 -11.14
N PRO L 32 9.55 32.51 -12.30
CA PRO L 32 9.14 33.11 -13.57
C PRO L 32 7.63 32.97 -13.77
N ASN L 33 7.05 34.01 -14.40
CA ASN L 33 5.62 34.13 -14.69
C ASN L 33 4.76 34.00 -13.43
N CYS L 34 5.25 34.57 -12.34
CA CYS L 34 4.58 34.47 -11.05
C CYS L 34 4.80 35.77 -10.29
N ALA L 35 4.09 35.91 -9.16
CA ALA L 35 4.26 37.07 -8.32
C ALA L 35 5.57 36.99 -7.55
N LEU L 36 6.05 38.16 -7.12
CA LEU L 36 7.31 38.25 -6.38
C LEU L 36 7.11 37.72 -4.97
N GLN L 37 7.77 36.61 -4.65
CA GLN L 37 7.65 36.01 -3.33
C GLN L 37 8.43 36.82 -2.30
N ILE L 38 7.78 37.08 -1.16
CA ILE L 38 8.38 37.88 -0.10
C ILE L 38 8.40 37.06 1.19
N VAL L 39 8.61 35.76 1.06
CA VAL L 39 8.59 34.85 2.21
C VAL L 39 9.80 35.13 3.10
N ALA L 40 9.53 35.43 4.37
CA ALA L 40 10.56 35.83 5.31
C ALA L 40 10.60 34.86 6.49
N ARG L 41 11.81 34.49 6.90
CA ARG L 41 11.99 33.63 8.07
C ARG L 41 11.84 34.46 9.34
N LEU L 42 11.00 33.99 10.25
CA LEU L 42 10.76 34.70 11.50
C LEU L 42 11.90 34.45 12.49
N LYS L 43 11.91 35.25 13.55
CA LYS L 43 12.91 35.11 14.61
C LYS L 43 12.35 34.53 15.90
N ASN L 44 11.08 34.78 16.21
CA ASN L 44 10.50 34.25 17.44
C ASN L 44 10.22 32.76 17.34
N ASN L 45 9.72 32.30 16.18
CA ASN L 45 9.39 30.89 15.99
C ASN L 45 10.27 30.20 14.98
N ASN L 46 11.15 30.94 14.29
CA ASN L 46 12.09 30.42 13.26
C ASN L 46 11.36 29.68 12.14
N ARG L 47 10.22 30.21 11.73
CA ARG L 47 9.41 29.64 10.67
C ARG L 47 9.23 30.67 9.56
N GLN L 48 9.31 30.21 8.32
CA GLN L 48 9.15 31.11 7.17
C GLN L 48 7.68 31.50 7.02
N VAL L 49 7.45 32.81 6.86
CA VAL L 49 6.10 33.35 6.69
C VAL L 49 6.12 34.31 5.51
N CYS L 50 5.13 34.19 4.63
CA CYS L 50 5.05 35.07 3.47
C CYS L 50 4.61 36.46 3.87
N ILE L 51 5.23 37.47 3.26
CA ILE L 51 4.90 38.86 3.52
C ILE L 51 4.31 39.47 2.26
N ASP L 52 3.62 40.59 2.43
CA ASP L 52 3.00 41.26 1.30
C ASP L 52 4.06 41.99 0.48
N PRO L 53 3.88 42.06 -0.85
CA PRO L 53 4.83 42.84 -1.66
C PRO L 53 4.64 44.34 -1.54
N LYS L 54 3.49 44.80 -1.03
CA LYS L 54 3.22 46.22 -0.84
C LYS L 54 3.43 46.66 0.60
N LEU L 55 4.05 45.82 1.42
CA LEU L 55 4.31 46.17 2.81
C LEU L 55 5.38 47.25 2.93
N LYS L 56 5.22 48.12 3.93
CA LYS L 56 6.15 49.23 4.11
C LYS L 56 7.50 48.75 4.63
N TRP L 57 7.51 47.73 5.48
CA TRP L 57 8.78 47.23 6.03
C TRP L 57 9.62 46.55 4.96
N ILE L 58 8.98 45.75 4.10
CA ILE L 58 9.70 45.07 3.03
C ILE L 58 10.20 46.07 2.00
N GLN L 59 9.40 47.11 1.72
CA GLN L 59 9.83 48.16 0.80
C GLN L 59 10.99 48.96 1.37
N GLU L 60 10.96 49.25 2.67
CA GLU L 60 12.06 49.96 3.31
C GLU L 60 13.32 49.10 3.38
N TYR L 61 13.17 47.79 3.50
CA TYR L 61 14.32 46.90 3.47
C TYR L 61 14.91 46.81 2.06
N LEU L 62 14.05 46.78 1.04
CA LEU L 62 14.52 46.67 -0.34
C LEU L 62 14.98 48.00 -0.92
N GLU L 63 14.66 49.12 -0.28
CA GLU L 63 15.06 50.43 -0.78
C GLU L 63 16.48 50.82 -0.38
N LYS L 64 17.20 49.95 0.34
CA LYS L 64 18.58 50.25 0.74
C LYS L 64 19.55 50.02 -0.41
N ALA L 65 19.09 49.35 -1.47
CA ALA L 65 19.92 49.09 -2.64
C ALA L 65 19.97 50.31 -3.55
#